data_4EYC
# 
_entry.id   4EYC 
# 
_audit_conform.dict_name       mmcif_pdbx.dic 
_audit_conform.dict_version    5.398 
_audit_conform.dict_location   http://mmcif.pdb.org/dictionaries/ascii/mmcif_pdbx.dic 
# 
loop_
_database_2.database_id 
_database_2.database_code 
_database_2.pdbx_database_accession 
_database_2.pdbx_DOI 
PDB   4EYC         pdb_00004eyc 10.2210/pdb4eyc/pdb 
RCSB  RCSB072222   ?            ?                   
WWPDB D_1000072222 ?            ?                   
# 
loop_
_pdbx_audit_revision_history.ordinal 
_pdbx_audit_revision_history.data_content_type 
_pdbx_audit_revision_history.major_revision 
_pdbx_audit_revision_history.minor_revision 
_pdbx_audit_revision_history.revision_date 
1 'Structure model' 1 0 2013-02-27 
2 'Structure model' 1 1 2013-03-20 
3 'Structure model' 1 2 2023-09-13 
4 'Structure model' 1 3 2024-11-06 
# 
_pdbx_audit_revision_details.ordinal             1 
_pdbx_audit_revision_details.revision_ordinal    1 
_pdbx_audit_revision_details.data_content_type   'Structure model' 
_pdbx_audit_revision_details.provider            repository 
_pdbx_audit_revision_details.type                'Initial release' 
_pdbx_audit_revision_details.description         ? 
_pdbx_audit_revision_details.details             ? 
# 
loop_
_pdbx_audit_revision_group.ordinal 
_pdbx_audit_revision_group.revision_ordinal 
_pdbx_audit_revision_group.data_content_type 
_pdbx_audit_revision_group.group 
1 2 'Structure model' 'Database references'    
2 3 'Structure model' 'Data collection'        
3 3 'Structure model' 'Database references'    
4 3 'Structure model' 'Refinement description' 
5 4 'Structure model' 'Structure summary'      
# 
loop_
_pdbx_audit_revision_category.ordinal 
_pdbx_audit_revision_category.revision_ordinal 
_pdbx_audit_revision_category.data_content_type 
_pdbx_audit_revision_category.category 
1 3 'Structure model' chem_comp_atom                
2 3 'Structure model' chem_comp_bond                
3 3 'Structure model' database_2                    
4 3 'Structure model' pdbx_initial_refinement_model 
5 3 'Structure model' struct_ref_seq_dif            
6 4 'Structure model' pdbx_entry_details            
7 4 'Structure model' pdbx_modification_feature     
# 
loop_
_pdbx_audit_revision_item.ordinal 
_pdbx_audit_revision_item.revision_ordinal 
_pdbx_audit_revision_item.data_content_type 
_pdbx_audit_revision_item.item 
1 3 'Structure model' '_database_2.pdbx_DOI'                
2 3 'Structure model' '_database_2.pdbx_database_accession' 
3 3 'Structure model' '_struct_ref_seq_dif.details'         
# 
_pdbx_database_status.entry_id                        4EYC 
_pdbx_database_status.deposit_site                    RCSB 
_pdbx_database_status.process_site                    RCSB 
_pdbx_database_status.recvd_initial_deposition_date   2012-05-01 
_pdbx_database_status.status_code                     REL 
_pdbx_database_status.status_code_sf                  REL 
_pdbx_database_status.status_code_mr                  ? 
_pdbx_database_status.SG_entry                        ? 
_pdbx_database_status.status_code_cs                  ? 
_pdbx_database_status.methods_development_category    ? 
_pdbx_database_status.pdb_format_compatible           Y 
_pdbx_database_status.status_code_nmr_data            ? 
# 
loop_
_pdbx_database_related.db_name 
_pdbx_database_related.db_id 
_pdbx_database_related.details 
_pdbx_database_related.content_type 
PDB 1PFP 'Cathelin-like motif of protregrin-3'                        unspecified 
PDB 1LXE 'crystal structure of the cathelicidin motif of protregrins' unspecified 
# 
loop_
_audit_author.name 
_audit_author.pdbx_ordinal 
'Pazgier, M.'   1 
'Pozharski, E.' 2 
'Toth, E.'      3 
'Lu, W.'        4 
# 
_citation.id                        primary 
_citation.title                     'Structural and Functional Analysis of the Pro-Domain of Human Cathelicidin, LL-37.' 
_citation.journal_abbrev            Biochemistry 
_citation.journal_volume            52 
_citation.page_first                1547 
_citation.page_last                 1558 
_citation.year                      2013 
_citation.journal_id_ASTM           BICHAW 
_citation.country                   US 
_citation.journal_id_ISSN           0006-2960 
_citation.journal_id_CSD            0033 
_citation.book_publisher            ? 
_citation.pdbx_database_id_PubMed   23406372 
_citation.pdbx_database_id_DOI      10.1021/bi301008r 
# 
loop_
_citation_author.citation_id 
_citation_author.name 
_citation_author.ordinal 
_citation_author.identifier_ORCID 
primary 'Pazgier, M.'          1  ? 
primary 'Ericksen, B.'         2  ? 
primary 'Ling, M.'             3  ? 
primary 'Toth, E.'             4  ? 
primary 'Shi, J.'              5  ? 
primary 'Li, X.'               6  ? 
primary 'Galliher-Beckley, A.' 7  ? 
primary 'Lan, L.'              8  ? 
primary 'Zou, G.'              9  ? 
primary 'Zhan, C.'             10 ? 
primary 'Yuan, W.'             11 ? 
primary 'Pozharski, E.'        12 ? 
primary 'Lu, W.'               13 ? 
# 
loop_
_entity.id 
_entity.type 
_entity.src_method 
_entity.pdbx_description 
_entity.formula_weight 
_entity.pdbx_number_of_molecules 
_entity.pdbx_ec 
_entity.pdbx_mutation 
_entity.pdbx_fragment 
_entity.details 
1 polymer man 'Cathelicidin antimicrobial peptide' 11970.497 2   ? ? 'pro-domain of human cathelicidin LL-37, UNP residues 31-133' 
? 
2 water   nat water                                18.015    133 ? ? ?                                                             
? 
# 
_entity_name_com.entity_id   1 
_entity_name_com.name        
;18 kDa cationic antimicrobial protein, CAP-18, hCAP-18, Antibacterial protein FALL-39, FALL-39 peptide antibiotic, Antibacterial protein LL-37
;
# 
_entity_poly.entity_id                      1 
_entity_poly.type                           'polypeptide(L)' 
_entity_poly.nstd_linkage                   no 
_entity_poly.nstd_monomer                   no 
_entity_poly.pdbx_seq_one_letter_code       
;GSHMQVLSYKEAVLRAIDGINQRSSDANLYRLLDLDPRPTMDGDPDTPKPVSFTVKETVCPRTTQQSPEDCDFKKDGLVK
RCMGTVTLNQARGSFDISCDKDNKRFA
;
_entity_poly.pdbx_seq_one_letter_code_can   
;GSHMQVLSYKEAVLRAIDGINQRSSDANLYRLLDLDPRPTMDGDPDTPKPVSFTVKETVCPRTTQQSPEDCDFKKDGLVK
RCMGTVTLNQARGSFDISCDKDNKRFA
;
_entity_poly.pdbx_strand_id                 A,B 
_entity_poly.pdbx_target_identifier         ? 
# 
_pdbx_entity_nonpoly.entity_id   2 
_pdbx_entity_nonpoly.name        water 
_pdbx_entity_nonpoly.comp_id     HOH 
# 
loop_
_entity_poly_seq.entity_id 
_entity_poly_seq.num 
_entity_poly_seq.mon_id 
_entity_poly_seq.hetero 
1 1   GLY n 
1 2   SER n 
1 3   HIS n 
1 4   MET n 
1 5   GLN n 
1 6   VAL n 
1 7   LEU n 
1 8   SER n 
1 9   TYR n 
1 10  LYS n 
1 11  GLU n 
1 12  ALA n 
1 13  VAL n 
1 14  LEU n 
1 15  ARG n 
1 16  ALA n 
1 17  ILE n 
1 18  ASP n 
1 19  GLY n 
1 20  ILE n 
1 21  ASN n 
1 22  GLN n 
1 23  ARG n 
1 24  SER n 
1 25  SER n 
1 26  ASP n 
1 27  ALA n 
1 28  ASN n 
1 29  LEU n 
1 30  TYR n 
1 31  ARG n 
1 32  LEU n 
1 33  LEU n 
1 34  ASP n 
1 35  LEU n 
1 36  ASP n 
1 37  PRO n 
1 38  ARG n 
1 39  PRO n 
1 40  THR n 
1 41  MET n 
1 42  ASP n 
1 43  GLY n 
1 44  ASP n 
1 45  PRO n 
1 46  ASP n 
1 47  THR n 
1 48  PRO n 
1 49  LYS n 
1 50  PRO n 
1 51  VAL n 
1 52  SER n 
1 53  PHE n 
1 54  THR n 
1 55  VAL n 
1 56  LYS n 
1 57  GLU n 
1 58  THR n 
1 59  VAL n 
1 60  CYS n 
1 61  PRO n 
1 62  ARG n 
1 63  THR n 
1 64  THR n 
1 65  GLN n 
1 66  GLN n 
1 67  SER n 
1 68  PRO n 
1 69  GLU n 
1 70  ASP n 
1 71  CYS n 
1 72  ASP n 
1 73  PHE n 
1 74  LYS n 
1 75  LYS n 
1 76  ASP n 
1 77  GLY n 
1 78  LEU n 
1 79  VAL n 
1 80  LYS n 
1 81  ARG n 
1 82  CYS n 
1 83  MET n 
1 84  GLY n 
1 85  THR n 
1 86  VAL n 
1 87  THR n 
1 88  LEU n 
1 89  ASN n 
1 90  GLN n 
1 91  ALA n 
1 92  ARG n 
1 93  GLY n 
1 94  SER n 
1 95  PHE n 
1 96  ASP n 
1 97  ILE n 
1 98  SER n 
1 99  CYS n 
1 100 ASP n 
1 101 LYS n 
1 102 ASP n 
1 103 ASN n 
1 104 LYS n 
1 105 ARG n 
1 106 PHE n 
1 107 ALA n 
# 
_entity_src_gen.entity_id                          1 
_entity_src_gen.pdbx_src_id                        1 
_entity_src_gen.pdbx_alt_source_flag               sample 
_entity_src_gen.pdbx_seq_type                      ? 
_entity_src_gen.pdbx_beg_seq_num                   ? 
_entity_src_gen.pdbx_end_seq_num                   ? 
_entity_src_gen.gene_src_common_name               human 
_entity_src_gen.gene_src_genus                     ? 
_entity_src_gen.pdbx_gene_src_gene                 'CAMP, CAP18, FALL39, HSD26' 
_entity_src_gen.gene_src_species                   ? 
_entity_src_gen.gene_src_strain                    ? 
_entity_src_gen.gene_src_tissue                    ? 
_entity_src_gen.gene_src_tissue_fraction           ? 
_entity_src_gen.gene_src_details                   ? 
_entity_src_gen.pdbx_gene_src_fragment             ? 
_entity_src_gen.pdbx_gene_src_scientific_name      'Homo sapiens' 
_entity_src_gen.pdbx_gene_src_ncbi_taxonomy_id     9606 
_entity_src_gen.pdbx_gene_src_variant              ? 
_entity_src_gen.pdbx_gene_src_cell_line            ? 
_entity_src_gen.pdbx_gene_src_atcc                 ? 
_entity_src_gen.pdbx_gene_src_organ                ? 
_entity_src_gen.pdbx_gene_src_organelle            ? 
_entity_src_gen.pdbx_gene_src_cell                 ? 
_entity_src_gen.pdbx_gene_src_cellular_location    ? 
_entity_src_gen.host_org_common_name               ? 
_entity_src_gen.pdbx_host_org_scientific_name      'Escherichia coli' 
_entity_src_gen.pdbx_host_org_ncbi_taxonomy_id     469008 
_entity_src_gen.host_org_genus                     ? 
_entity_src_gen.pdbx_host_org_gene                 ? 
_entity_src_gen.pdbx_host_org_organ                ? 
_entity_src_gen.host_org_species                   ? 
_entity_src_gen.pdbx_host_org_tissue               ? 
_entity_src_gen.pdbx_host_org_tissue_fraction      ? 
_entity_src_gen.pdbx_host_org_strain               'BL21(DE3)' 
_entity_src_gen.pdbx_host_org_variant              ? 
_entity_src_gen.pdbx_host_org_cell_line            ? 
_entity_src_gen.pdbx_host_org_atcc                 ? 
_entity_src_gen.pdbx_host_org_culture_collection   ? 
_entity_src_gen.pdbx_host_org_cell                 ? 
_entity_src_gen.pdbx_host_org_organelle            ? 
_entity_src_gen.pdbx_host_org_cellular_location    ? 
_entity_src_gen.pdbx_host_org_vector_type          plasmid 
_entity_src_gen.pdbx_host_org_vector               ? 
_entity_src_gen.host_org_details                   ? 
_entity_src_gen.expression_system_id               ? 
_entity_src_gen.plasmid_name                       pET15b 
_entity_src_gen.plasmid_details                    ? 
_entity_src_gen.pdbx_description                   ? 
# 
loop_
_chem_comp.id 
_chem_comp.type 
_chem_comp.mon_nstd_flag 
_chem_comp.name 
_chem_comp.pdbx_synonyms 
_chem_comp.formula 
_chem_comp.formula_weight 
ALA 'L-peptide linking' y ALANINE         ? 'C3 H7 N O2'     89.093  
ARG 'L-peptide linking' y ARGININE        ? 'C6 H15 N4 O2 1' 175.209 
ASN 'L-peptide linking' y ASPARAGINE      ? 'C4 H8 N2 O3'    132.118 
ASP 'L-peptide linking' y 'ASPARTIC ACID' ? 'C4 H7 N O4'     133.103 
CYS 'L-peptide linking' y CYSTEINE        ? 'C3 H7 N O2 S'   121.158 
GLN 'L-peptide linking' y GLUTAMINE       ? 'C5 H10 N2 O3'   146.144 
GLU 'L-peptide linking' y 'GLUTAMIC ACID' ? 'C5 H9 N O4'     147.129 
GLY 'peptide linking'   y GLYCINE         ? 'C2 H5 N O2'     75.067  
HIS 'L-peptide linking' y HISTIDINE       ? 'C6 H10 N3 O2 1' 156.162 
HOH non-polymer         . WATER           ? 'H2 O'           18.015  
ILE 'L-peptide linking' y ISOLEUCINE      ? 'C6 H13 N O2'    131.173 
LEU 'L-peptide linking' y LEUCINE         ? 'C6 H13 N O2'    131.173 
LYS 'L-peptide linking' y LYSINE          ? 'C6 H15 N2 O2 1' 147.195 
MET 'L-peptide linking' y METHIONINE      ? 'C5 H11 N O2 S'  149.211 
PHE 'L-peptide linking' y PHENYLALANINE   ? 'C9 H11 N O2'    165.189 
PRO 'L-peptide linking' y PROLINE         ? 'C5 H9 N O2'     115.130 
SER 'L-peptide linking' y SERINE          ? 'C3 H7 N O3'     105.093 
THR 'L-peptide linking' y THREONINE       ? 'C4 H9 N O3'     119.119 
TYR 'L-peptide linking' y TYROSINE        ? 'C9 H11 N O3'    181.189 
VAL 'L-peptide linking' y VALINE          ? 'C5 H11 N O2'    117.146 
# 
loop_
_pdbx_poly_seq_scheme.asym_id 
_pdbx_poly_seq_scheme.entity_id 
_pdbx_poly_seq_scheme.seq_id 
_pdbx_poly_seq_scheme.mon_id 
_pdbx_poly_seq_scheme.ndb_seq_num 
_pdbx_poly_seq_scheme.pdb_seq_num 
_pdbx_poly_seq_scheme.auth_seq_num 
_pdbx_poly_seq_scheme.pdb_mon_id 
_pdbx_poly_seq_scheme.auth_mon_id 
_pdbx_poly_seq_scheme.pdb_strand_id 
_pdbx_poly_seq_scheme.pdb_ins_code 
_pdbx_poly_seq_scheme.hetero 
A 1 1   GLY 1   -3  -3  GLY GLY A . n 
A 1 2   SER 2   -2  -2  SER SER A . n 
A 1 3   HIS 3   -1  -1  HIS HIS A . n 
A 1 4   MET 4   0   0   MET MET A . n 
A 1 5   GLN 5   31  31  GLN GLN A . n 
A 1 6   VAL 6   32  32  VAL VAL A . n 
A 1 7   LEU 7   33  33  LEU LEU A . n 
A 1 8   SER 8   34  34  SER SER A . n 
A 1 9   TYR 9   35  35  TYR TYR A . n 
A 1 10  LYS 10  36  36  LYS LYS A . n 
A 1 11  GLU 11  37  37  GLU GLU A . n 
A 1 12  ALA 12  38  38  ALA ALA A . n 
A 1 13  VAL 13  39  39  VAL VAL A . n 
A 1 14  LEU 14  40  40  LEU LEU A . n 
A 1 15  ARG 15  41  41  ARG ARG A . n 
A 1 16  ALA 16  42  42  ALA ALA A . n 
A 1 17  ILE 17  43  43  ILE ILE A . n 
A 1 18  ASP 18  44  44  ASP ASP A . n 
A 1 19  GLY 19  45  45  GLY GLY A . n 
A 1 20  ILE 20  46  46  ILE ILE A . n 
A 1 21  ASN 21  47  47  ASN ASN A . n 
A 1 22  GLN 22  48  48  GLN GLN A . n 
A 1 23  ARG 23  49  49  ARG ARG A . n 
A 1 24  SER 24  50  50  SER SER A . n 
A 1 25  SER 25  51  51  SER SER A . n 
A 1 26  ASP 26  52  52  ASP ASP A . n 
A 1 27  ALA 27  53  53  ALA ALA A . n 
A 1 28  ASN 28  54  54  ASN ASN A . n 
A 1 29  LEU 29  55  55  LEU LEU A . n 
A 1 30  TYR 30  56  56  TYR TYR A . n 
A 1 31  ARG 31  57  57  ARG ARG A . n 
A 1 32  LEU 32  58  58  LEU LEU A . n 
A 1 33  LEU 33  59  59  LEU LEU A . n 
A 1 34  ASP 34  60  60  ASP ASP A . n 
A 1 35  LEU 35  61  61  LEU LEU A . n 
A 1 36  ASP 36  62  62  ASP ASP A . n 
A 1 37  PRO 37  63  63  PRO PRO A . n 
A 1 38  ARG 38  64  64  ARG ARG A . n 
A 1 39  PRO 39  65  ?   ?   ?   A . n 
A 1 40  THR 40  66  66  THR THR A . n 
A 1 41  MET 41  67  67  MET MET A . n 
A 1 42  ASP 42  68  68  ASP ASP A . n 
A 1 43  GLY 43  69  69  GLY GLY A . n 
A 1 44  ASP 44  70  70  ASP ASP A . n 
A 1 45  PRO 45  71  71  PRO PRO A . n 
A 1 46  ASP 46  72  72  ASP ASP A . n 
A 1 47  THR 47  73  73  THR THR A . n 
A 1 48  PRO 48  74  74  PRO PRO A . n 
A 1 49  LYS 49  75  75  LYS LYS A . n 
A 1 50  PRO 50  76  76  PRO PRO A . n 
A 1 51  VAL 51  77  77  VAL VAL A . n 
A 1 52  SER 52  78  78  SER SER A . n 
A 1 53  PHE 53  79  79  PHE PHE A . n 
A 1 54  THR 54  80  80  THR THR A . n 
A 1 55  VAL 55  81  81  VAL VAL A . n 
A 1 56  LYS 56  82  82  LYS LYS A . n 
A 1 57  GLU 57  83  83  GLU GLU A . n 
A 1 58  THR 58  84  84  THR THR A . n 
A 1 59  VAL 59  85  85  VAL VAL A . n 
A 1 60  CYS 60  86  86  CYS CYS A . n 
A 1 61  PRO 61  87  87  PRO PRO A . n 
A 1 62  ARG 62  88  88  ARG ARG A . n 
A 1 63  THR 63  89  89  THR THR A . n 
A 1 64  THR 64  90  90  THR THR A . n 
A 1 65  GLN 65  91  91  GLN GLN A . n 
A 1 66  GLN 66  92  92  GLN GLN A . n 
A 1 67  SER 67  93  93  SER SER A . n 
A 1 68  PRO 68  94  94  PRO PRO A . n 
A 1 69  GLU 69  95  95  GLU GLU A . n 
A 1 70  ASP 70  96  96  ASP ASP A . n 
A 1 71  CYS 71  97  97  CYS CYS A . n 
A 1 72  ASP 72  98  98  ASP ASP A . n 
A 1 73  PHE 73  99  99  PHE PHE A . n 
A 1 74  LYS 74  100 100 LYS LYS A . n 
A 1 75  LYS 75  101 101 LYS LYS A . n 
A 1 76  ASP 76  102 102 ASP ASP A . n 
A 1 77  GLY 77  103 103 GLY GLY A . n 
A 1 78  LEU 78  104 104 LEU LEU A . n 
A 1 79  VAL 79  105 105 VAL VAL A . n 
A 1 80  LYS 80  106 106 LYS LYS A . n 
A 1 81  ARG 81  107 107 ARG ARG A . n 
A 1 82  CYS 82  108 108 CYS CYS A . n 
A 1 83  MET 83  109 109 MET MET A . n 
A 1 84  GLY 84  110 110 GLY GLY A . n 
A 1 85  THR 85  111 111 THR THR A . n 
A 1 86  VAL 86  112 112 VAL VAL A . n 
A 1 87  THR 87  113 113 THR THR A . n 
A 1 88  LEU 88  114 114 LEU LEU A . n 
A 1 89  ASN 89  115 115 ASN ASN A . n 
A 1 90  GLN 90  116 116 GLN GLN A . n 
A 1 91  ALA 91  117 117 ALA ALA A . n 
A 1 92  ARG 92  118 118 ARG ARG A . n 
A 1 93  GLY 93  119 119 GLY GLY A . n 
A 1 94  SER 94  120 120 SER SER A . n 
A 1 95  PHE 95  121 121 PHE PHE A . n 
A 1 96  ASP 96  122 122 ASP ASP A . n 
A 1 97  ILE 97  123 123 ILE ILE A . n 
A 1 98  SER 98  124 124 SER SER A . n 
A 1 99  CYS 99  125 125 CYS CYS A . n 
A 1 100 ASP 100 126 126 ASP ASP A . n 
A 1 101 LYS 101 127 127 LYS LYS A . n 
A 1 102 ASP 102 128 128 ASP ASP A . n 
A 1 103 ASN 103 129 129 ASN ASN A . n 
A 1 104 LYS 104 130 130 LYS LYS A . n 
A 1 105 ARG 105 131 ?   ?   ?   A . n 
A 1 106 PHE 106 132 ?   ?   ?   A . n 
A 1 107 ALA 107 133 ?   ?   ?   A . n 
B 1 1   GLY 1   27  ?   ?   ?   B . n 
B 1 2   SER 2   28  ?   ?   ?   B . n 
B 1 3   HIS 3   29  ?   ?   ?   B . n 
B 1 4   MET 4   30  ?   ?   ?   B . n 
B 1 5   GLN 5   31  ?   ?   ?   B . n 
B 1 6   VAL 6   32  32  VAL VAL B . n 
B 1 7   LEU 7   33  33  LEU LEU B . n 
B 1 8   SER 8   34  34  SER SER B . n 
B 1 9   TYR 9   35  35  TYR TYR B . n 
B 1 10  LYS 10  36  36  LYS LYS B . n 
B 1 11  GLU 11  37  37  GLU GLU B . n 
B 1 12  ALA 12  38  38  ALA ALA B . n 
B 1 13  VAL 13  39  39  VAL VAL B . n 
B 1 14  LEU 14  40  40  LEU LEU B . n 
B 1 15  ARG 15  41  41  ARG ARG B . n 
B 1 16  ALA 16  42  42  ALA ALA B . n 
B 1 17  ILE 17  43  43  ILE ILE B . n 
B 1 18  ASP 18  44  44  ASP ASP B . n 
B 1 19  GLY 19  45  45  GLY GLY B . n 
B 1 20  ILE 20  46  46  ILE ILE B . n 
B 1 21  ASN 21  47  47  ASN ASN B . n 
B 1 22  GLN 22  48  48  GLN GLN B . n 
B 1 23  ARG 23  49  49  ARG ARG B . n 
B 1 24  SER 24  50  50  SER SER B . n 
B 1 25  SER 25  51  51  SER SER B . n 
B 1 26  ASP 26  52  52  ASP ASP B . n 
B 1 27  ALA 27  53  53  ALA ALA B . n 
B 1 28  ASN 28  54  54  ASN ASN B . n 
B 1 29  LEU 29  55  55  LEU LEU B . n 
B 1 30  TYR 30  56  56  TYR TYR B . n 
B 1 31  ARG 31  57  57  ARG ARG B . n 
B 1 32  LEU 32  58  58  LEU LEU B . n 
B 1 33  LEU 33  59  59  LEU LEU B . n 
B 1 34  ASP 34  60  60  ASP ASP B . n 
B 1 35  LEU 35  61  61  LEU LEU B . n 
B 1 36  ASP 36  62  62  ASP ASP B . n 
B 1 37  PRO 37  63  63  PRO PRO B . n 
B 1 38  ARG 38  64  64  ARG ARG B . n 
B 1 39  PRO 39  65  ?   ?   ?   B . n 
B 1 40  THR 40  66  66  THR THR B . n 
B 1 41  MET 41  67  67  MET MET B . n 
B 1 42  ASP 42  68  68  ASP ASP B . n 
B 1 43  GLY 43  69  69  GLY GLY B . n 
B 1 44  ASP 44  70  70  ASP ASP B . n 
B 1 45  PRO 45  71  71  PRO PRO B . n 
B 1 46  ASP 46  72  72  ASP ASP B . n 
B 1 47  THR 47  73  73  THR THR B . n 
B 1 48  PRO 48  74  74  PRO PRO B . n 
B 1 49  LYS 49  75  75  LYS LYS B . n 
B 1 50  PRO 50  76  76  PRO PRO B . n 
B 1 51  VAL 51  77  77  VAL VAL B . n 
B 1 52  SER 52  78  78  SER SER B . n 
B 1 53  PHE 53  79  79  PHE PHE B . n 
B 1 54  THR 54  80  80  THR THR B . n 
B 1 55  VAL 55  81  81  VAL VAL B . n 
B 1 56  LYS 56  82  82  LYS LYS B . n 
B 1 57  GLU 57  83  83  GLU GLU B . n 
B 1 58  THR 58  84  84  THR THR B . n 
B 1 59  VAL 59  85  85  VAL VAL B . n 
B 1 60  CYS 60  86  86  CYS CYS B . n 
B 1 61  PRO 61  87  87  PRO PRO B . n 
B 1 62  ARG 62  88  88  ARG ARG B . n 
B 1 63  THR 63  89  89  THR THR B . n 
B 1 64  THR 64  90  90  THR THR B . n 
B 1 65  GLN 65  91  91  GLN GLN B . n 
B 1 66  GLN 66  92  92  GLN GLN B . n 
B 1 67  SER 67  93  93  SER SER B . n 
B 1 68  PRO 68  94  94  PRO PRO B . n 
B 1 69  GLU 69  95  95  GLU GLU B . n 
B 1 70  ASP 70  96  96  ASP ASP B . n 
B 1 71  CYS 71  97  97  CYS CYS B . n 
B 1 72  ASP 72  98  98  ASP ASP B . n 
B 1 73  PHE 73  99  99  PHE PHE B . n 
B 1 74  LYS 74  100 100 LYS LYS B . n 
B 1 75  LYS 75  101 101 LYS LYS B . n 
B 1 76  ASP 76  102 102 ASP ASP B . n 
B 1 77  GLY 77  103 103 GLY GLY B . n 
B 1 78  LEU 78  104 104 LEU LEU B . n 
B 1 79  VAL 79  105 105 VAL VAL B . n 
B 1 80  LYS 80  106 106 LYS LYS B . n 
B 1 81  ARG 81  107 107 ARG ARG B . n 
B 1 82  CYS 82  108 108 CYS CYS B . n 
B 1 83  MET 83  109 109 MET MET B . n 
B 1 84  GLY 84  110 110 GLY GLY B . n 
B 1 85  THR 85  111 111 THR THR B . n 
B 1 86  VAL 86  112 112 VAL VAL B . n 
B 1 87  THR 87  113 113 THR THR B . n 
B 1 88  LEU 88  114 114 LEU LEU B . n 
B 1 89  ASN 89  115 115 ASN ASN B . n 
B 1 90  GLN 90  116 116 GLN GLN B . n 
B 1 91  ALA 91  117 117 ALA ALA B . n 
B 1 92  ARG 92  118 118 ARG ARG B . n 
B 1 93  GLY 93  119 119 GLY GLY B . n 
B 1 94  SER 94  120 120 SER SER B . n 
B 1 95  PHE 95  121 121 PHE PHE B . n 
B 1 96  ASP 96  122 122 ASP ASP B . n 
B 1 97  ILE 97  123 123 ILE ILE B . n 
B 1 98  SER 98  124 124 SER SER B . n 
B 1 99  CYS 99  125 125 CYS CYS B . n 
B 1 100 ASP 100 126 126 ASP ASP B . n 
B 1 101 LYS 101 127 127 LYS LYS B . n 
B 1 102 ASP 102 128 128 ASP ASP B . n 
B 1 103 ASN 103 129 129 ASN ASN B . n 
B 1 104 LYS 104 130 130 LYS LYS B . n 
B 1 105 ARG 105 131 131 ARG ARG B . n 
B 1 106 PHE 106 132 ?   ?   ?   B . n 
B 1 107 ALA 107 133 ?   ?   ?   B . n 
# 
loop_
_pdbx_nonpoly_scheme.asym_id 
_pdbx_nonpoly_scheme.entity_id 
_pdbx_nonpoly_scheme.mon_id 
_pdbx_nonpoly_scheme.ndb_seq_num 
_pdbx_nonpoly_scheme.pdb_seq_num 
_pdbx_nonpoly_scheme.auth_seq_num 
_pdbx_nonpoly_scheme.pdb_mon_id 
_pdbx_nonpoly_scheme.auth_mon_id 
_pdbx_nonpoly_scheme.pdb_strand_id 
_pdbx_nonpoly_scheme.pdb_ins_code 
C 2 HOH 1  201 1   HOH HOH A . 
C 2 HOH 2  202 6   HOH HOH A . 
C 2 HOH 3  203 9   HOH HOH A . 
C 2 HOH 4  204 15  HOH HOH A . 
C 2 HOH 5  205 17  HOH HOH A . 
C 2 HOH 6  206 18  HOH HOH A . 
C 2 HOH 7  207 19  HOH HOH A . 
C 2 HOH 8  208 21  HOH HOH A . 
C 2 HOH 9  209 22  HOH HOH A . 
C 2 HOH 10 210 23  HOH HOH A . 
C 2 HOH 11 211 25  HOH HOH A . 
C 2 HOH 12 212 26  HOH HOH A . 
C 2 HOH 13 213 30  HOH HOH A . 
C 2 HOH 14 214 31  HOH HOH A . 
C 2 HOH 15 215 34  HOH HOH A . 
C 2 HOH 16 216 38  HOH HOH A . 
C 2 HOH 17 217 43  HOH HOH A . 
C 2 HOH 18 218 45  HOH HOH A . 
C 2 HOH 19 219 48  HOH HOH A . 
C 2 HOH 20 220 49  HOH HOH A . 
C 2 HOH 21 221 50  HOH HOH A . 
C 2 HOH 22 222 52  HOH HOH A . 
C 2 HOH 23 223 55  HOH HOH A . 
C 2 HOH 24 224 57  HOH HOH A . 
C 2 HOH 25 225 58  HOH HOH A . 
C 2 HOH 26 226 60  HOH HOH A . 
C 2 HOH 27 227 63  HOH HOH A . 
C 2 HOH 28 228 67  HOH HOH A . 
C 2 HOH 29 229 68  HOH HOH A . 
C 2 HOH 30 230 69  HOH HOH A . 
C 2 HOH 31 231 72  HOH HOH A . 
C 2 HOH 32 232 75  HOH HOH A . 
C 2 HOH 33 233 79  HOH HOH A . 
C 2 HOH 34 234 80  HOH HOH A . 
C 2 HOH 35 235 82  HOH HOH A . 
C 2 HOH 36 236 86  HOH HOH A . 
C 2 HOH 37 237 88  HOH HOH A . 
C 2 HOH 38 238 90  HOH HOH A . 
C 2 HOH 39 239 91  HOH HOH A . 
C 2 HOH 40 240 96  HOH HOH A . 
C 2 HOH 41 241 98  HOH HOH A . 
C 2 HOH 42 242 99  HOH HOH A . 
C 2 HOH 43 243 100 HOH HOH A . 
C 2 HOH 44 244 101 HOH HOH A . 
C 2 HOH 45 245 103 HOH HOH A . 
C 2 HOH 46 246 104 HOH HOH A . 
C 2 HOH 47 247 106 HOH HOH A . 
C 2 HOH 48 248 107 HOH HOH A . 
C 2 HOH 49 249 109 HOH HOH A . 
C 2 HOH 50 250 111 HOH HOH A . 
C 2 HOH 51 251 113 HOH HOH A . 
C 2 HOH 52 252 114 HOH HOH A . 
C 2 HOH 53 253 116 HOH HOH A . 
C 2 HOH 54 254 118 HOH HOH A . 
C 2 HOH 55 255 119 HOH HOH A . 
C 2 HOH 56 256 122 HOH HOH A . 
C 2 HOH 57 257 124 HOH HOH A . 
C 2 HOH 58 258 125 HOH HOH A . 
C 2 HOH 59 259 126 HOH HOH A . 
C 2 HOH 60 260 129 HOH HOH A . 
C 2 HOH 61 261 131 HOH HOH A . 
C 2 HOH 62 262 133 HOH HOH A . 
D 2 HOH 1  201 2   HOH HOH B . 
D 2 HOH 2  202 3   HOH HOH B . 
D 2 HOH 3  203 4   HOH HOH B . 
D 2 HOH 4  204 5   HOH HOH B . 
D 2 HOH 5  205 7   HOH HOH B . 
D 2 HOH 6  206 8   HOH HOH B . 
D 2 HOH 7  207 10  HOH HOH B . 
D 2 HOH 8  208 11  HOH HOH B . 
D 2 HOH 9  209 12  HOH HOH B . 
D 2 HOH 10 210 13  HOH HOH B . 
D 2 HOH 11 211 14  HOH HOH B . 
D 2 HOH 12 212 16  HOH HOH B . 
D 2 HOH 13 213 20  HOH HOH B . 
D 2 HOH 14 214 24  HOH HOH B . 
D 2 HOH 15 215 27  HOH HOH B . 
D 2 HOH 16 216 28  HOH HOH B . 
D 2 HOH 17 217 29  HOH HOH B . 
D 2 HOH 18 218 32  HOH HOH B . 
D 2 HOH 19 219 33  HOH HOH B . 
D 2 HOH 20 220 35  HOH HOH B . 
D 2 HOH 21 221 36  HOH HOH B . 
D 2 HOH 22 222 37  HOH HOH B . 
D 2 HOH 23 223 39  HOH HOH B . 
D 2 HOH 24 224 40  HOH HOH B . 
D 2 HOH 25 225 41  HOH HOH B . 
D 2 HOH 26 226 42  HOH HOH B . 
D 2 HOH 27 227 44  HOH HOH B . 
D 2 HOH 28 228 46  HOH HOH B . 
D 2 HOH 29 229 47  HOH HOH B . 
D 2 HOH 30 230 51  HOH HOH B . 
D 2 HOH 31 231 53  HOH HOH B . 
D 2 HOH 32 232 54  HOH HOH B . 
D 2 HOH 33 233 56  HOH HOH B . 
D 2 HOH 34 234 59  HOH HOH B . 
D 2 HOH 35 235 61  HOH HOH B . 
D 2 HOH 36 236 62  HOH HOH B . 
D 2 HOH 37 237 64  HOH HOH B . 
D 2 HOH 38 238 65  HOH HOH B . 
D 2 HOH 39 239 66  HOH HOH B . 
D 2 HOH 40 240 70  HOH HOH B . 
D 2 HOH 41 241 71  HOH HOH B . 
D 2 HOH 42 242 73  HOH HOH B . 
D 2 HOH 43 243 74  HOH HOH B . 
D 2 HOH 44 244 76  HOH HOH B . 
D 2 HOH 45 245 77  HOH HOH B . 
D 2 HOH 46 246 78  HOH HOH B . 
D 2 HOH 47 247 81  HOH HOH B . 
D 2 HOH 48 248 83  HOH HOH B . 
D 2 HOH 49 249 84  HOH HOH B . 
D 2 HOH 50 250 85  HOH HOH B . 
D 2 HOH 51 251 87  HOH HOH B . 
D 2 HOH 52 252 89  HOH HOH B . 
D 2 HOH 53 253 92  HOH HOH B . 
D 2 HOH 54 254 93  HOH HOH B . 
D 2 HOH 55 255 94  HOH HOH B . 
D 2 HOH 56 256 95  HOH HOH B . 
D 2 HOH 57 257 97  HOH HOH B . 
D 2 HOH 58 258 102 HOH HOH B . 
D 2 HOH 59 259 105 HOH HOH B . 
D 2 HOH 60 260 108 HOH HOH B . 
D 2 HOH 61 261 110 HOH HOH B . 
D 2 HOH 62 262 112 HOH HOH B . 
D 2 HOH 63 263 115 HOH HOH B . 
D 2 HOH 64 264 117 HOH HOH B . 
D 2 HOH 65 265 120 HOH HOH B . 
D 2 HOH 66 266 121 HOH HOH B . 
D 2 HOH 67 267 123 HOH HOH B . 
D 2 HOH 68 268 127 HOH HOH B . 
D 2 HOH 69 269 128 HOH HOH B . 
D 2 HOH 70 270 130 HOH HOH B . 
D 2 HOH 71 271 132 HOH HOH B . 
# 
loop_
_software.pdbx_ordinal 
_software.name 
_software.version 
_software.date 
_software.type 
_software.contact_author 
_software.contact_author_email 
_software.classification 
_software.location 
_software.language 
_software.citation_id 
1 REFMAC      5.6.0117 ?                program 'Garib N. Murshudov' garib@ysbl.york.ac.uk    refinement        
http://www.ccp4.ac.uk/dist/html/refmac5.html Fortran_77 ? 
2 PDB_EXTRACT 3.11     'April 22, 2011' package PDB                  deposit@deposit.rcsb.org 'data extraction' 
http://sw-tools.pdb.org/apps/PDB_EXTRACT/    C++        ? 
3 HKL-2000    .        ?                ?       ?                    ?                        'data collection' ? ?          ? 
4 DENZO       .        ?                ?       ?                    ?                        'data reduction'  ? ?          ? 
5 SCALEPACK   .        ?                ?       ?                    ?                        'data scaling'    ? ?          ? 
6 PHASER      .        ?                ?       ?                    ?                        phasing           ? ?          ? 
# 
_cell.length_a           91.146 
_cell.length_b           57.987 
_cell.length_c           39.546 
_cell.angle_alpha        90.000 
_cell.angle_beta         90.000 
_cell.angle_gamma        90.000 
_cell.entry_id           4EYC 
_cell.pdbx_unique_axis   ? 
_cell.Z_PDB              8 
_cell.length_a_esd       ? 
_cell.length_b_esd       ? 
_cell.length_c_esd       ? 
_cell.angle_alpha_esd    ? 
_cell.angle_beta_esd     ? 
_cell.angle_gamma_esd    ? 
# 
_symmetry.space_group_name_H-M             'P 21 21 2' 
_symmetry.entry_id                         4EYC 
_symmetry.pdbx_full_space_group_name_H-M   ? 
_symmetry.Int_Tables_number                18 
_symmetry.cell_setting                     ? 
_symmetry.space_group_name_Hall            ? 
# 
_exptl.crystals_number   1 
_exptl.entry_id          4EYC 
_exptl.method            'X-RAY DIFFRACTION' 
# 
_exptl_crystal.id                    1 
_exptl_crystal.density_Matthews      2.18 
_exptl_crystal.density_meas          ? 
_exptl_crystal.density_percent_sol   43.64 
_exptl_crystal.description           ? 
_exptl_crystal.F_000                 ? 
_exptl_crystal.preparation           ? 
# 
_exptl_crystal_grow.crystal_id      1 
_exptl_crystal_grow.method          'VAPOR DIFFUSION, HANGING DROP' 
_exptl_crystal_grow.pH              7.5 
_exptl_crystal_grow.temp            298 
_exptl_crystal_grow.temp_details    ? 
_exptl_crystal_grow.pdbx_details    
'0.1 m SODIUM HEPES, 0.2 m SODIUM CITRATE, 20% ISOPROPANOL, pH 7.5, VAPOR DIFFUSION, HANGING DROP, temperature 298K' 
_exptl_crystal_grow.pdbx_pH_range   ? 
# 
_diffrn.id                     1 
_diffrn.ambient_temp           100 
_diffrn.ambient_temp_details   ? 
_diffrn.crystal_id             1 
# 
_diffrn_detector.diffrn_id              1 
_diffrn_detector.detector               CCD 
_diffrn_detector.type                   'ADSC QUANTUM 315r' 
_diffrn_detector.pdbx_collection_date   2008-10-15 
_diffrn_detector.details                ? 
# 
_diffrn_radiation.diffrn_id                        1 
_diffrn_radiation.wavelength_id                    1 
_diffrn_radiation.pdbx_diffrn_protocol             'SINGLE WAVELENGTH' 
_diffrn_radiation.monochromator                    ? 
_diffrn_radiation.pdbx_monochromatic_or_laue_m_l   M 
_diffrn_radiation.pdbx_scattering_type             x-ray 
# 
_diffrn_radiation_wavelength.id           1 
_diffrn_radiation_wavelength.wavelength   0.98 
_diffrn_radiation_wavelength.wt           1.0 
# 
_diffrn_source.diffrn_id                   1 
_diffrn_source.source                      SYNCHROTRON 
_diffrn_source.type                        'SSRL BEAMLINE BL9-1' 
_diffrn_source.pdbx_wavelength             ? 
_diffrn_source.pdbx_wavelength_list        0.98 
_diffrn_source.pdbx_synchrotron_site       SSRL 
_diffrn_source.pdbx_synchrotron_beamline   BL9-1 
# 
_reflns.entry_id                     4EYC 
_reflns.observed_criterion_sigma_F   2 
_reflns.observed_criterion_sigma_I   2 
_reflns.d_resolution_high            1.90 
_reflns.d_resolution_low             50 
_reflns.number_all                   16840 
_reflns.number_obs                   16740 
_reflns.percent_possible_obs         99.4 
_reflns.pdbx_Rmerge_I_obs            ? 
_reflns.pdbx_Rsym_value              ? 
_reflns.pdbx_netI_over_sigmaI        ? 
_reflns.B_iso_Wilson_estimate        ? 
_reflns.pdbx_redundancy              ? 
_reflns.R_free_details               ? 
_reflns.limit_h_max                  ? 
_reflns.limit_h_min                  ? 
_reflns.limit_k_max                  ? 
_reflns.limit_k_min                  ? 
_reflns.limit_l_max                  ? 
_reflns.limit_l_min                  ? 
_reflns.observed_criterion_F_max     ? 
_reflns.observed_criterion_F_min     ? 
_reflns.pdbx_chi_squared             ? 
_reflns.pdbx_scaling_rejects         ? 
_reflns.pdbx_ordinal                 1 
_reflns.pdbx_diffrn_id               1 
# 
_reflns_shell.d_res_high             1.93 
_reflns_shell.d_res_low              2.0 
_reflns_shell.percent_possible_obs   ? 
_reflns_shell.percent_possible_all   98.7 
_reflns_shell.Rmerge_I_obs           0.372 
_reflns_shell.meanI_over_sigI_obs    6.1 
_reflns_shell.pdbx_Rsym_value        0.301 
_reflns_shell.pdbx_redundancy        6.8 
_reflns_shell.number_unique_all      ? 
_reflns_shell.number_measured_all    ? 
_reflns_shell.number_measured_obs    ? 
_reflns_shell.number_unique_obs      ? 
_reflns_shell.pdbx_chi_squared       ? 
_reflns_shell.pdbx_ordinal           1 
_reflns_shell.pdbx_diffrn_id         1 
# 
_refine.entry_id                                 4EYC 
_refine.ls_d_res_high                            1.9000 
_refine.ls_d_res_low                             50 
_refine.pdbx_ls_sigma_F                          0.000 
_refine.pdbx_data_cutoff_high_absF               ? 
_refine.pdbx_data_cutoff_low_absF                ? 
_refine.ls_percent_reflns_obs                    95.2000 
_refine.ls_number_reflns_obs                     16266 
_refine.ls_number_reflns_all                     ? 
_refine.pdbx_ls_cross_valid_method               THROUGHOUT 
_refine.pdbx_R_Free_selection_details            RANDOM 
_refine.details                                  
'HYDROGENS HAVE BEEN USED IF PRESENT IN THE INPUT U VALUES      : REFINED INDIVIDUALLY' 
_refine.ls_R_factor_all                          ? 
_refine.ls_R_factor_obs                          0.1938 
_refine.ls_R_factor_R_work                       0.1912 
_refine.ls_wR_factor_R_work                      ? 
_refine.ls_R_factor_R_free                       0.2424 
_refine.ls_wR_factor_R_free                      ? 
_refine.ls_percent_reflns_R_free                 5.0000 
_refine.ls_number_reflns_R_free                  815 
_refine.ls_R_factor_R_free_error                 ? 
_refine.B_iso_mean                               39.0598 
_refine.solvent_model_param_bsol                 ? 
_refine.solvent_model_param_ksol                 ? 
_refine.pdbx_isotropic_thermal_model             ? 
_refine.aniso_B[1][1]                            -0.7700 
_refine.aniso_B[2][2]                            2.0900 
_refine.aniso_B[3][3]                            -1.3200 
_refine.aniso_B[1][2]                            0.0000 
_refine.aniso_B[1][3]                            0.0000 
_refine.aniso_B[2][3]                            0.0000 
_refine.correlation_coeff_Fo_to_Fc               0.9620 
_refine.correlation_coeff_Fo_to_Fc_free          0.9470 
_refine.overall_SU_R_Cruickshank_DPI             ? 
_refine.overall_SU_R_free                        ? 
_refine.pdbx_overall_ESU_R                       0.1720 
_refine.pdbx_overall_ESU_R_Free                  0.1610 
_refine.overall_SU_ML                            0.1210 
_refine.overall_SU_B                             4.1810 
_refine.solvent_model_details                    MASK 
_refine.pdbx_solvent_vdw_probe_radii             1.2000 
_refine.pdbx_solvent_ion_probe_radii             0.8000 
_refine.pdbx_solvent_shrinkage_radii             0.8000 
_refine.ls_number_parameters                     ? 
_refine.ls_number_restraints                     ? 
_refine.pdbx_starting_model                      'PDB ENTRY 1PFP' 
_refine.pdbx_method_to_determine_struct          'MOLECULAR REPLACEMENT' 
_refine.pdbx_stereochemistry_target_values       'MAXIMUM LIKELIHOOD' 
_refine.pdbx_stereochem_target_val_spec_case     ? 
_refine.overall_FOM_work_R_set                   ? 
_refine.B_iso_max                                83.700 
_refine.B_iso_min                                22.120 
_refine.pdbx_overall_phase_error                 ? 
_refine.occupancy_max                            1.000 
_refine.occupancy_min                            0.500 
_refine.pdbx_ls_sigma_I                          ? 
_refine.ls_redundancy_reflns_obs                 ? 
_refine.ls_R_factor_R_free_error_details         ? 
_refine.pdbx_data_cutoff_high_rms_absF           ? 
_refine.overall_FOM_free_R_set                   ? 
_refine.pdbx_diffrn_id                           1 
_refine.pdbx_refine_id                           'X-RAY DIFFRACTION' 
_refine.pdbx_TLS_residual_ADP_flag               ? 
_refine.pdbx_overall_SU_R_free_Cruickshank_DPI   ? 
_refine.pdbx_overall_SU_R_Blow_DPI               ? 
_refine.pdbx_overall_SU_R_free_Blow_DPI          ? 
# 
_refine_hist.pdbx_refine_id                   'X-RAY DIFFRACTION' 
_refine_hist.cycle_id                         LAST 
_refine_hist.pdbx_number_atoms_protein        1572 
_refine_hist.pdbx_number_atoms_nucleic_acid   0 
_refine_hist.pdbx_number_atoms_ligand         0 
_refine_hist.number_atoms_solvent             133 
_refine_hist.number_atoms_total               1705 
_refine_hist.d_res_high                       1.9000 
_refine_hist.d_res_low                        50 
# 
loop_
_refine_ls_restr.type 
_refine_ls_restr.number 
_refine_ls_restr.dev_ideal 
_refine_ls_restr.dev_ideal_target 
_refine_ls_restr.weight 
_refine_ls_restr.pdbx_restraint_function 
_refine_ls_restr.pdbx_refine_id 
r_bond_refined_d       1655 0.019  0.020  ? ? 'X-RAY DIFFRACTION' 
r_angle_refined_deg    2234 2.067  1.991  ? ? 'X-RAY DIFFRACTION' 
r_dihedral_angle_1_deg 208  8.212  5.000  ? ? 'X-RAY DIFFRACTION' 
r_dihedral_angle_2_deg 77   32.208 24.545 ? ? 'X-RAY DIFFRACTION' 
r_dihedral_angle_3_deg 307  15.592 15.000 ? ? 'X-RAY DIFFRACTION' 
r_dihedral_angle_4_deg 15   14.586 15.000 ? ? 'X-RAY DIFFRACTION' 
r_chiral_restr         251  0.127  0.200  ? ? 'X-RAY DIFFRACTION' 
r_gen_planes_refined   1246 0.010  0.021  ? ? 'X-RAY DIFFRACTION' 
# 
_refine_ls_shell.d_res_high                       1.9030 
_refine_ls_shell.d_res_low                        1.9520 
_refine_ls_shell.pdbx_total_number_of_bins_used   20 
_refine_ls_shell.percent_reflns_obs               69.6100 
_refine_ls_shell.number_reflns_R_work             767 
_refine_ls_shell.R_factor_all                     ? 
_refine_ls_shell.R_factor_R_work                  0.2280 
_refine_ls_shell.R_factor_R_free                  0.2460 
_refine_ls_shell.percent_reflns_R_free            ? 
_refine_ls_shell.number_reflns_R_free             37 
_refine_ls_shell.R_factor_R_free_error            ? 
_refine_ls_shell.number_reflns_all                804 
_refine_ls_shell.number_reflns_obs                ? 
_refine_ls_shell.redundancy_reflns_obs            ? 
_refine_ls_shell.pdbx_refine_id                   'X-RAY DIFFRACTION' 
# 
_struct.entry_id                  4EYC 
_struct.title                     'Crystal structure of the cathelin-like domain of human cathelicidin LL-37 (hCLD)' 
_struct.pdbx_model_details        ? 
_struct.pdbx_CASP_flag            ? 
_struct.pdbx_model_type_details   ? 
# 
_struct_keywords.entry_id        4EYC 
_struct_keywords.pdbx_keywords   'UNKNOWN FUNCTION' 
_struct_keywords.text            
'cathelin-like domain, pro-domain of human cathelicidin LL-37, cystatin-like fold, antimicrobial peptide, UNKNOWN FUNCTION' 
# 
loop_
_struct_asym.id 
_struct_asym.pdbx_blank_PDB_chainid_flag 
_struct_asym.pdbx_modified 
_struct_asym.entity_id 
_struct_asym.details 
A N N 1 ? 
B N N 1 ? 
C N N 2 ? 
D N N 2 ? 
# 
_struct_ref.id                         1 
_struct_ref.db_name                    UNP 
_struct_ref.db_code                    CAMP_HUMAN 
_struct_ref.pdbx_db_accession          P49913 
_struct_ref.entity_id                  1 
_struct_ref.pdbx_seq_one_letter_code   
;QVLSYKEAVLRAIDGINQRSSDANLYRLLDLDPRPTMDGDPDTPKPVSFTVKETVCPRTTQQSPEDCDFKKDGLVKRCMG
TVTLNQARGSFDISCDKDNKRFA
;
_struct_ref.pdbx_align_begin           31 
_struct_ref.pdbx_db_isoform            ? 
# 
loop_
_struct_ref_seq.align_id 
_struct_ref_seq.ref_id 
_struct_ref_seq.pdbx_PDB_id_code 
_struct_ref_seq.pdbx_strand_id 
_struct_ref_seq.seq_align_beg 
_struct_ref_seq.pdbx_seq_align_beg_ins_code 
_struct_ref_seq.seq_align_end 
_struct_ref_seq.pdbx_seq_align_end_ins_code 
_struct_ref_seq.pdbx_db_accession 
_struct_ref_seq.db_align_beg 
_struct_ref_seq.pdbx_db_align_beg_ins_code 
_struct_ref_seq.db_align_end 
_struct_ref_seq.pdbx_db_align_end_ins_code 
_struct_ref_seq.pdbx_auth_seq_align_beg 
_struct_ref_seq.pdbx_auth_seq_align_end 
1 1 4EYC A 5 ? 107 ? P49913 31 ? 133 ? 31 133 
2 1 4EYC B 5 ? 107 ? P49913 31 ? 133 ? 31 133 
# 
loop_
_struct_ref_seq_dif.align_id 
_struct_ref_seq_dif.pdbx_pdb_id_code 
_struct_ref_seq_dif.mon_id 
_struct_ref_seq_dif.pdbx_pdb_strand_id 
_struct_ref_seq_dif.seq_num 
_struct_ref_seq_dif.pdbx_pdb_ins_code 
_struct_ref_seq_dif.pdbx_seq_db_name 
_struct_ref_seq_dif.pdbx_seq_db_accession_code 
_struct_ref_seq_dif.db_mon_id 
_struct_ref_seq_dif.pdbx_seq_db_seq_num 
_struct_ref_seq_dif.details 
_struct_ref_seq_dif.pdbx_auth_seq_num 
_struct_ref_seq_dif.pdbx_ordinal 
1 4EYC GLY A 1 ? UNP P49913 ? ? 'expression tag' -3 1 
1 4EYC SER A 2 ? UNP P49913 ? ? 'expression tag' -2 2 
1 4EYC HIS A 3 ? UNP P49913 ? ? 'expression tag' -1 3 
1 4EYC MET A 4 ? UNP P49913 ? ? 'expression tag' 0  4 
2 4EYC GLY B 1 ? UNP P49913 ? ? 'expression tag' 27 5 
2 4EYC SER B 2 ? UNP P49913 ? ? 'expression tag' 28 6 
2 4EYC HIS B 3 ? UNP P49913 ? ? 'expression tag' 29 7 
2 4EYC MET B 4 ? UNP P49913 ? ? 'expression tag' 30 8 
# 
loop_
_pdbx_struct_assembly.id 
_pdbx_struct_assembly.details 
_pdbx_struct_assembly.method_details 
_pdbx_struct_assembly.oligomeric_details 
_pdbx_struct_assembly.oligomeric_count 
1 author_and_software_defined_assembly PISA monomeric 1 
2 author_and_software_defined_assembly PISA monomeric 1 
# 
loop_
_pdbx_struct_assembly_gen.assembly_id 
_pdbx_struct_assembly_gen.oper_expression 
_pdbx_struct_assembly_gen.asym_id_list 
1 1 A,C 
2 1 B,D 
# 
_pdbx_struct_oper_list.id                   1 
_pdbx_struct_oper_list.type                 'identity operation' 
_pdbx_struct_oper_list.name                 1_555 
_pdbx_struct_oper_list.symmetry_operation   x,y,z 
_pdbx_struct_oper_list.matrix[1][1]         1.0000000000 
_pdbx_struct_oper_list.matrix[1][2]         0.0000000000 
_pdbx_struct_oper_list.matrix[1][3]         0.0000000000 
_pdbx_struct_oper_list.vector[1]            0.0000000000 
_pdbx_struct_oper_list.matrix[2][1]         0.0000000000 
_pdbx_struct_oper_list.matrix[2][2]         1.0000000000 
_pdbx_struct_oper_list.matrix[2][3]         0.0000000000 
_pdbx_struct_oper_list.vector[2]            0.0000000000 
_pdbx_struct_oper_list.matrix[3][1]         0.0000000000 
_pdbx_struct_oper_list.matrix[3][2]         0.0000000000 
_pdbx_struct_oper_list.matrix[3][3]         1.0000000000 
_pdbx_struct_oper_list.vector[3]            0.0000000000 
# 
_struct_biol.id        1 
_struct_biol.details   ? 
# 
loop_
_struct_conf.conf_type_id 
_struct_conf.id 
_struct_conf.pdbx_PDB_helix_id 
_struct_conf.beg_label_comp_id 
_struct_conf.beg_label_asym_id 
_struct_conf.beg_label_seq_id 
_struct_conf.pdbx_beg_PDB_ins_code 
_struct_conf.end_label_comp_id 
_struct_conf.end_label_asym_id 
_struct_conf.end_label_seq_id 
_struct_conf.pdbx_end_PDB_ins_code 
_struct_conf.beg_auth_comp_id 
_struct_conf.beg_auth_asym_id 
_struct_conf.beg_auth_seq_id 
_struct_conf.end_auth_comp_id 
_struct_conf.end_auth_asym_id 
_struct_conf.end_auth_seq_id 
_struct_conf.pdbx_PDB_helix_class 
_struct_conf.details 
_struct_conf.pdbx_PDB_helix_length 
HELX_P HELX_P1 1 SER A 8  ? SER A 24 ? SER A 34 SER A 50 1 ? 17 
HELX_P HELX_P2 2 SER A 67 ? CYS A 71 ? SER A 93 CYS A 97 5 ? 5  
HELX_P HELX_P3 3 SER B 8  ? SER B 24 ? SER B 34 SER B 50 1 ? 17 
HELX_P HELX_P4 4 SER B 67 ? CYS B 71 ? SER B 93 CYS B 97 5 ? 5  
# 
_struct_conf_type.id          HELX_P 
_struct_conf_type.criteria    ? 
_struct_conf_type.reference   ? 
# 
loop_
_struct_conn.id 
_struct_conn.conn_type_id 
_struct_conn.pdbx_leaving_atom_flag 
_struct_conn.pdbx_PDB_id 
_struct_conn.ptnr1_label_asym_id 
_struct_conn.ptnr1_label_comp_id 
_struct_conn.ptnr1_label_seq_id 
_struct_conn.ptnr1_label_atom_id 
_struct_conn.pdbx_ptnr1_label_alt_id 
_struct_conn.pdbx_ptnr1_PDB_ins_code 
_struct_conn.pdbx_ptnr1_standard_comp_id 
_struct_conn.ptnr1_symmetry 
_struct_conn.ptnr2_label_asym_id 
_struct_conn.ptnr2_label_comp_id 
_struct_conn.ptnr2_label_seq_id 
_struct_conn.ptnr2_label_atom_id 
_struct_conn.pdbx_ptnr2_label_alt_id 
_struct_conn.pdbx_ptnr2_PDB_ins_code 
_struct_conn.ptnr1_auth_asym_id 
_struct_conn.ptnr1_auth_comp_id 
_struct_conn.ptnr1_auth_seq_id 
_struct_conn.ptnr2_auth_asym_id 
_struct_conn.ptnr2_auth_comp_id 
_struct_conn.ptnr2_auth_seq_id 
_struct_conn.ptnr2_symmetry 
_struct_conn.pdbx_ptnr3_label_atom_id 
_struct_conn.pdbx_ptnr3_label_seq_id 
_struct_conn.pdbx_ptnr3_label_comp_id 
_struct_conn.pdbx_ptnr3_label_asym_id 
_struct_conn.pdbx_ptnr3_label_alt_id 
_struct_conn.pdbx_ptnr3_PDB_ins_code 
_struct_conn.details 
_struct_conn.pdbx_dist_value 
_struct_conn.pdbx_value_order 
_struct_conn.pdbx_role 
disulf1 disulf ? ? A CYS 60 SG ? ? ? 1_555 A CYS 71 SG ? ? A CYS 86  A CYS 97  1_555 ? ? ? ? ? ? ? 2.045 ? ? 
disulf2 disulf ? ? A CYS 82 SG ? ? ? 1_555 A CYS 99 SG ? ? A CYS 108 A CYS 125 1_555 ? ? ? ? ? ? ? 2.207 ? ? 
disulf3 disulf ? ? B CYS 60 SG ? ? ? 1_555 B CYS 71 SG ? ? B CYS 86  B CYS 97  1_555 ? ? ? ? ? ? ? 2.111 ? ? 
disulf4 disulf ? ? B CYS 82 SG ? ? ? 1_555 B CYS 99 SG ? ? B CYS 108 B CYS 125 1_555 ? ? ? ? ? ? ? 2.155 ? ? 
# 
_struct_conn_type.id          disulf 
_struct_conn_type.criteria    ? 
_struct_conn_type.reference   ? 
# 
loop_
_pdbx_modification_feature.ordinal 
_pdbx_modification_feature.label_comp_id 
_pdbx_modification_feature.label_asym_id 
_pdbx_modification_feature.label_seq_id 
_pdbx_modification_feature.label_alt_id 
_pdbx_modification_feature.modified_residue_label_comp_id 
_pdbx_modification_feature.modified_residue_label_asym_id 
_pdbx_modification_feature.modified_residue_label_seq_id 
_pdbx_modification_feature.modified_residue_label_alt_id 
_pdbx_modification_feature.auth_comp_id 
_pdbx_modification_feature.auth_asym_id 
_pdbx_modification_feature.auth_seq_id 
_pdbx_modification_feature.PDB_ins_code 
_pdbx_modification_feature.symmetry 
_pdbx_modification_feature.modified_residue_auth_comp_id 
_pdbx_modification_feature.modified_residue_auth_asym_id 
_pdbx_modification_feature.modified_residue_auth_seq_id 
_pdbx_modification_feature.modified_residue_PDB_ins_code 
_pdbx_modification_feature.modified_residue_symmetry 
_pdbx_modification_feature.comp_id_linking_atom 
_pdbx_modification_feature.modified_residue_id_linking_atom 
_pdbx_modification_feature.modified_residue_id 
_pdbx_modification_feature.ref_pcm_id 
_pdbx_modification_feature.ref_comp_id 
_pdbx_modification_feature.type 
_pdbx_modification_feature.category 
1 CYS A 60 ? CYS A 71 ? CYS A 86  ? 1_555 CYS A 97  ? 1_555 SG SG . . . None 'Disulfide bridge' 
2 CYS A 82 ? CYS A 99 ? CYS A 108 ? 1_555 CYS A 125 ? 1_555 SG SG . . . None 'Disulfide bridge' 
3 CYS B 60 ? CYS B 71 ? CYS B 86  ? 1_555 CYS B 97  ? 1_555 SG SG . . . None 'Disulfide bridge' 
4 CYS B 82 ? CYS B 99 ? CYS B 108 ? 1_555 CYS B 125 ? 1_555 SG SG . . . None 'Disulfide bridge' 
# 
loop_
_struct_sheet.id 
_struct_sheet.type 
_struct_sheet.number_strands 
_struct_sheet.details 
A ? 4 ? 
B ? 4 ? 
# 
loop_
_struct_sheet_order.sheet_id 
_struct_sheet_order.range_id_1 
_struct_sheet_order.range_id_2 
_struct_sheet_order.offset 
_struct_sheet_order.sense 
A 1 2 ? anti-parallel 
A 2 3 ? anti-parallel 
A 3 4 ? anti-parallel 
B 1 2 ? anti-parallel 
B 2 3 ? anti-parallel 
B 3 4 ? anti-parallel 
# 
loop_
_struct_sheet_range.sheet_id 
_struct_sheet_range.id 
_struct_sheet_range.beg_label_comp_id 
_struct_sheet_range.beg_label_asym_id 
_struct_sheet_range.beg_label_seq_id 
_struct_sheet_range.pdbx_beg_PDB_ins_code 
_struct_sheet_range.end_label_comp_id 
_struct_sheet_range.end_label_asym_id 
_struct_sheet_range.end_label_seq_id 
_struct_sheet_range.pdbx_end_PDB_ins_code 
_struct_sheet_range.beg_auth_comp_id 
_struct_sheet_range.beg_auth_asym_id 
_struct_sheet_range.beg_auth_seq_id 
_struct_sheet_range.end_auth_comp_id 
_struct_sheet_range.end_auth_asym_id 
_struct_sheet_range.end_auth_seq_id 
A 1 ASN A 28 ? LEU A 35  ? ASN A 54  LEU A 61  
A 2 LYS A 49 ? PRO A 61  ? LYS A 75  PRO A 87  
A 3 VAL A 79 ? VAL A 86  ? VAL A 105 VAL A 112 
A 4 ASP A 96 ? ASP A 100 ? ASP A 122 ASP A 126 
B 1 ASN B 28 ? LEU B 35  ? ASN B 54  LEU B 61  
B 2 LYS B 49 ? PRO B 61  ? LYS B 75  PRO B 87  
B 3 VAL B 79 ? VAL B 86  ? VAL B 105 VAL B 112 
B 4 ASP B 96 ? ASP B 100 ? ASP B 122 ASP B 126 
# 
loop_
_pdbx_struct_sheet_hbond.sheet_id 
_pdbx_struct_sheet_hbond.range_id_1 
_pdbx_struct_sheet_hbond.range_id_2 
_pdbx_struct_sheet_hbond.range_1_label_atom_id 
_pdbx_struct_sheet_hbond.range_1_label_comp_id 
_pdbx_struct_sheet_hbond.range_1_label_asym_id 
_pdbx_struct_sheet_hbond.range_1_label_seq_id 
_pdbx_struct_sheet_hbond.range_1_PDB_ins_code 
_pdbx_struct_sheet_hbond.range_1_auth_atom_id 
_pdbx_struct_sheet_hbond.range_1_auth_comp_id 
_pdbx_struct_sheet_hbond.range_1_auth_asym_id 
_pdbx_struct_sheet_hbond.range_1_auth_seq_id 
_pdbx_struct_sheet_hbond.range_2_label_atom_id 
_pdbx_struct_sheet_hbond.range_2_label_comp_id 
_pdbx_struct_sheet_hbond.range_2_label_asym_id 
_pdbx_struct_sheet_hbond.range_2_label_seq_id 
_pdbx_struct_sheet_hbond.range_2_PDB_ins_code 
_pdbx_struct_sheet_hbond.range_2_auth_atom_id 
_pdbx_struct_sheet_hbond.range_2_auth_comp_id 
_pdbx_struct_sheet_hbond.range_2_auth_asym_id 
_pdbx_struct_sheet_hbond.range_2_auth_seq_id 
A 1 2 N LEU A 29 ? N LEU A 55  O CYS A 60 ? O CYS A 86  
A 2 3 N PHE A 53 ? N PHE A 79  O CYS A 82 ? O CYS A 108 
A 3 4 N THR A 85 ? N THR A 111 O ASP A 96 ? O ASP A 122 
B 1 2 N LEU B 29 ? N LEU B 55  O CYS B 60 ? O CYS B 86  
B 2 3 N PHE B 53 ? N PHE B 79  O CYS B 82 ? O CYS B 108 
B 3 4 N MET B 83 ? N MET B 109 O SER B 98 ? O SER B 124 
# 
_pdbx_entry_details.entry_id                   4EYC 
_pdbx_entry_details.compound_details           ? 
_pdbx_entry_details.source_details             ? 
_pdbx_entry_details.nonpolymer_details         ? 
_pdbx_entry_details.sequence_details           ? 
_pdbx_entry_details.has_ligand_of_interest     ? 
_pdbx_entry_details.has_protein_modification   Y 
# 
loop_
_pdbx_validate_close_contact.id 
_pdbx_validate_close_contact.PDB_model_num 
_pdbx_validate_close_contact.auth_atom_id_1 
_pdbx_validate_close_contact.auth_asym_id_1 
_pdbx_validate_close_contact.auth_comp_id_1 
_pdbx_validate_close_contact.auth_seq_id_1 
_pdbx_validate_close_contact.PDB_ins_code_1 
_pdbx_validate_close_contact.label_alt_id_1 
_pdbx_validate_close_contact.auth_atom_id_2 
_pdbx_validate_close_contact.auth_asym_id_2 
_pdbx_validate_close_contact.auth_comp_id_2 
_pdbx_validate_close_contact.auth_seq_id_2 
_pdbx_validate_close_contact.PDB_ins_code_2 
_pdbx_validate_close_contact.label_alt_id_2 
_pdbx_validate_close_contact.dist 
1 1 OE1 A GLU 83  ? ? O A GLY 103 ? B 1.89 
2 1 O   A ARG 64  ? ? N A THR 66  ? ? 2.11 
3 1 O   B ARG 64  ? ? N B THR 66  ? ? 2.13 
4 1 OD1 A ASP 102 ? A O A HOH 249 ? ? 2.18 
# 
loop_
_pdbx_validate_torsion.id 
_pdbx_validate_torsion.PDB_model_num 
_pdbx_validate_torsion.auth_comp_id 
_pdbx_validate_torsion.auth_asym_id 
_pdbx_validate_torsion.auth_seq_id 
_pdbx_validate_torsion.PDB_ins_code 
_pdbx_validate_torsion.label_alt_id 
_pdbx_validate_torsion.phi 
_pdbx_validate_torsion.psi 
1 1 LEU A 59  ? ? -105.00 -69.47 
2 1 THR A 90  ? ? -49.32  151.85 
3 1 ASP A 102 ? B -95.14  42.69  
4 1 LEU A 104 ? B 107.88  116.96 
5 1 LEU B 59  ? ? -108.61 -78.40 
6 1 SER B 120 ? B -103.75 -74.62 
# 
_pdbx_validate_peptide_omega.id               1 
_pdbx_validate_peptide_omega.PDB_model_num    1 
_pdbx_validate_peptide_omega.auth_comp_id_1   THR 
_pdbx_validate_peptide_omega.auth_asym_id_1   B 
_pdbx_validate_peptide_omega.auth_seq_id_1    66 
_pdbx_validate_peptide_omega.PDB_ins_code_1   ? 
_pdbx_validate_peptide_omega.label_alt_id_1   ? 
_pdbx_validate_peptide_omega.auth_comp_id_2   MET 
_pdbx_validate_peptide_omega.auth_asym_id_2   B 
_pdbx_validate_peptide_omega.auth_seq_id_2    67 
_pdbx_validate_peptide_omega.PDB_ins_code_2   ? 
_pdbx_validate_peptide_omega.label_alt_id_2   ? 
_pdbx_validate_peptide_omega.omega            -139.09 
# 
loop_
_pdbx_unobs_or_zero_occ_residues.id 
_pdbx_unobs_or_zero_occ_residues.PDB_model_num 
_pdbx_unobs_or_zero_occ_residues.polymer_flag 
_pdbx_unobs_or_zero_occ_residues.occupancy_flag 
_pdbx_unobs_or_zero_occ_residues.auth_asym_id 
_pdbx_unobs_or_zero_occ_residues.auth_comp_id 
_pdbx_unobs_or_zero_occ_residues.auth_seq_id 
_pdbx_unobs_or_zero_occ_residues.PDB_ins_code 
_pdbx_unobs_or_zero_occ_residues.label_asym_id 
_pdbx_unobs_or_zero_occ_residues.label_comp_id 
_pdbx_unobs_or_zero_occ_residues.label_seq_id 
1  1 Y 1 A PRO 65  ? A PRO 39  
2  1 Y 1 A ARG 131 ? A ARG 105 
3  1 Y 1 A PHE 132 ? A PHE 106 
4  1 Y 1 A ALA 133 ? A ALA 107 
5  1 Y 1 B GLY 27  ? B GLY 1   
6  1 Y 1 B SER 28  ? B SER 2   
7  1 Y 1 B HIS 29  ? B HIS 3   
8  1 Y 1 B MET 30  ? B MET 4   
9  1 Y 1 B GLN 31  ? B GLN 5   
10 1 Y 1 B PRO 65  ? B PRO 39  
11 1 Y 1 B PHE 132 ? B PHE 106 
12 1 Y 1 B ALA 133 ? B ALA 107 
# 
loop_
_chem_comp_atom.comp_id 
_chem_comp_atom.atom_id 
_chem_comp_atom.type_symbol 
_chem_comp_atom.pdbx_aromatic_flag 
_chem_comp_atom.pdbx_stereo_config 
_chem_comp_atom.pdbx_ordinal 
ALA N    N N N 1   
ALA CA   C N S 2   
ALA C    C N N 3   
ALA O    O N N 4   
ALA CB   C N N 5   
ALA OXT  O N N 6   
ALA H    H N N 7   
ALA H2   H N N 8   
ALA HA   H N N 9   
ALA HB1  H N N 10  
ALA HB2  H N N 11  
ALA HB3  H N N 12  
ALA HXT  H N N 13  
ARG N    N N N 14  
ARG CA   C N S 15  
ARG C    C N N 16  
ARG O    O N N 17  
ARG CB   C N N 18  
ARG CG   C N N 19  
ARG CD   C N N 20  
ARG NE   N N N 21  
ARG CZ   C N N 22  
ARG NH1  N N N 23  
ARG NH2  N N N 24  
ARG OXT  O N N 25  
ARG H    H N N 26  
ARG H2   H N N 27  
ARG HA   H N N 28  
ARG HB2  H N N 29  
ARG HB3  H N N 30  
ARG HG2  H N N 31  
ARG HG3  H N N 32  
ARG HD2  H N N 33  
ARG HD3  H N N 34  
ARG HE   H N N 35  
ARG HH11 H N N 36  
ARG HH12 H N N 37  
ARG HH21 H N N 38  
ARG HH22 H N N 39  
ARG HXT  H N N 40  
ASN N    N N N 41  
ASN CA   C N S 42  
ASN C    C N N 43  
ASN O    O N N 44  
ASN CB   C N N 45  
ASN CG   C N N 46  
ASN OD1  O N N 47  
ASN ND2  N N N 48  
ASN OXT  O N N 49  
ASN H    H N N 50  
ASN H2   H N N 51  
ASN HA   H N N 52  
ASN HB2  H N N 53  
ASN HB3  H N N 54  
ASN HD21 H N N 55  
ASN HD22 H N N 56  
ASN HXT  H N N 57  
ASP N    N N N 58  
ASP CA   C N S 59  
ASP C    C N N 60  
ASP O    O N N 61  
ASP CB   C N N 62  
ASP CG   C N N 63  
ASP OD1  O N N 64  
ASP OD2  O N N 65  
ASP OXT  O N N 66  
ASP H    H N N 67  
ASP H2   H N N 68  
ASP HA   H N N 69  
ASP HB2  H N N 70  
ASP HB3  H N N 71  
ASP HD2  H N N 72  
ASP HXT  H N N 73  
CYS N    N N N 74  
CYS CA   C N R 75  
CYS C    C N N 76  
CYS O    O N N 77  
CYS CB   C N N 78  
CYS SG   S N N 79  
CYS OXT  O N N 80  
CYS H    H N N 81  
CYS H2   H N N 82  
CYS HA   H N N 83  
CYS HB2  H N N 84  
CYS HB3  H N N 85  
CYS HG   H N N 86  
CYS HXT  H N N 87  
GLN N    N N N 88  
GLN CA   C N S 89  
GLN C    C N N 90  
GLN O    O N N 91  
GLN CB   C N N 92  
GLN CG   C N N 93  
GLN CD   C N N 94  
GLN OE1  O N N 95  
GLN NE2  N N N 96  
GLN OXT  O N N 97  
GLN H    H N N 98  
GLN H2   H N N 99  
GLN HA   H N N 100 
GLN HB2  H N N 101 
GLN HB3  H N N 102 
GLN HG2  H N N 103 
GLN HG3  H N N 104 
GLN HE21 H N N 105 
GLN HE22 H N N 106 
GLN HXT  H N N 107 
GLU N    N N N 108 
GLU CA   C N S 109 
GLU C    C N N 110 
GLU O    O N N 111 
GLU CB   C N N 112 
GLU CG   C N N 113 
GLU CD   C N N 114 
GLU OE1  O N N 115 
GLU OE2  O N N 116 
GLU OXT  O N N 117 
GLU H    H N N 118 
GLU H2   H N N 119 
GLU HA   H N N 120 
GLU HB2  H N N 121 
GLU HB3  H N N 122 
GLU HG2  H N N 123 
GLU HG3  H N N 124 
GLU HE2  H N N 125 
GLU HXT  H N N 126 
GLY N    N N N 127 
GLY CA   C N N 128 
GLY C    C N N 129 
GLY O    O N N 130 
GLY OXT  O N N 131 
GLY H    H N N 132 
GLY H2   H N N 133 
GLY HA2  H N N 134 
GLY HA3  H N N 135 
GLY HXT  H N N 136 
HIS N    N N N 137 
HIS CA   C N S 138 
HIS C    C N N 139 
HIS O    O N N 140 
HIS CB   C N N 141 
HIS CG   C Y N 142 
HIS ND1  N Y N 143 
HIS CD2  C Y N 144 
HIS CE1  C Y N 145 
HIS NE2  N Y N 146 
HIS OXT  O N N 147 
HIS H    H N N 148 
HIS H2   H N N 149 
HIS HA   H N N 150 
HIS HB2  H N N 151 
HIS HB3  H N N 152 
HIS HD1  H N N 153 
HIS HD2  H N N 154 
HIS HE1  H N N 155 
HIS HE2  H N N 156 
HIS HXT  H N N 157 
HOH O    O N N 158 
HOH H1   H N N 159 
HOH H2   H N N 160 
ILE N    N N N 161 
ILE CA   C N S 162 
ILE C    C N N 163 
ILE O    O N N 164 
ILE CB   C N S 165 
ILE CG1  C N N 166 
ILE CG2  C N N 167 
ILE CD1  C N N 168 
ILE OXT  O N N 169 
ILE H    H N N 170 
ILE H2   H N N 171 
ILE HA   H N N 172 
ILE HB   H N N 173 
ILE HG12 H N N 174 
ILE HG13 H N N 175 
ILE HG21 H N N 176 
ILE HG22 H N N 177 
ILE HG23 H N N 178 
ILE HD11 H N N 179 
ILE HD12 H N N 180 
ILE HD13 H N N 181 
ILE HXT  H N N 182 
LEU N    N N N 183 
LEU CA   C N S 184 
LEU C    C N N 185 
LEU O    O N N 186 
LEU CB   C N N 187 
LEU CG   C N N 188 
LEU CD1  C N N 189 
LEU CD2  C N N 190 
LEU OXT  O N N 191 
LEU H    H N N 192 
LEU H2   H N N 193 
LEU HA   H N N 194 
LEU HB2  H N N 195 
LEU HB3  H N N 196 
LEU HG   H N N 197 
LEU HD11 H N N 198 
LEU HD12 H N N 199 
LEU HD13 H N N 200 
LEU HD21 H N N 201 
LEU HD22 H N N 202 
LEU HD23 H N N 203 
LEU HXT  H N N 204 
LYS N    N N N 205 
LYS CA   C N S 206 
LYS C    C N N 207 
LYS O    O N N 208 
LYS CB   C N N 209 
LYS CG   C N N 210 
LYS CD   C N N 211 
LYS CE   C N N 212 
LYS NZ   N N N 213 
LYS OXT  O N N 214 
LYS H    H N N 215 
LYS H2   H N N 216 
LYS HA   H N N 217 
LYS HB2  H N N 218 
LYS HB3  H N N 219 
LYS HG2  H N N 220 
LYS HG3  H N N 221 
LYS HD2  H N N 222 
LYS HD3  H N N 223 
LYS HE2  H N N 224 
LYS HE3  H N N 225 
LYS HZ1  H N N 226 
LYS HZ2  H N N 227 
LYS HZ3  H N N 228 
LYS HXT  H N N 229 
MET N    N N N 230 
MET CA   C N S 231 
MET C    C N N 232 
MET O    O N N 233 
MET CB   C N N 234 
MET CG   C N N 235 
MET SD   S N N 236 
MET CE   C N N 237 
MET OXT  O N N 238 
MET H    H N N 239 
MET H2   H N N 240 
MET HA   H N N 241 
MET HB2  H N N 242 
MET HB3  H N N 243 
MET HG2  H N N 244 
MET HG3  H N N 245 
MET HE1  H N N 246 
MET HE2  H N N 247 
MET HE3  H N N 248 
MET HXT  H N N 249 
PHE N    N N N 250 
PHE CA   C N S 251 
PHE C    C N N 252 
PHE O    O N N 253 
PHE CB   C N N 254 
PHE CG   C Y N 255 
PHE CD1  C Y N 256 
PHE CD2  C Y N 257 
PHE CE1  C Y N 258 
PHE CE2  C Y N 259 
PHE CZ   C Y N 260 
PHE OXT  O N N 261 
PHE H    H N N 262 
PHE H2   H N N 263 
PHE HA   H N N 264 
PHE HB2  H N N 265 
PHE HB3  H N N 266 
PHE HD1  H N N 267 
PHE HD2  H N N 268 
PHE HE1  H N N 269 
PHE HE2  H N N 270 
PHE HZ   H N N 271 
PHE HXT  H N N 272 
PRO N    N N N 273 
PRO CA   C N S 274 
PRO C    C N N 275 
PRO O    O N N 276 
PRO CB   C N N 277 
PRO CG   C N N 278 
PRO CD   C N N 279 
PRO OXT  O N N 280 
PRO H    H N N 281 
PRO HA   H N N 282 
PRO HB2  H N N 283 
PRO HB3  H N N 284 
PRO HG2  H N N 285 
PRO HG3  H N N 286 
PRO HD2  H N N 287 
PRO HD3  H N N 288 
PRO HXT  H N N 289 
SER N    N N N 290 
SER CA   C N S 291 
SER C    C N N 292 
SER O    O N N 293 
SER CB   C N N 294 
SER OG   O N N 295 
SER OXT  O N N 296 
SER H    H N N 297 
SER H2   H N N 298 
SER HA   H N N 299 
SER HB2  H N N 300 
SER HB3  H N N 301 
SER HG   H N N 302 
SER HXT  H N N 303 
THR N    N N N 304 
THR CA   C N S 305 
THR C    C N N 306 
THR O    O N N 307 
THR CB   C N R 308 
THR OG1  O N N 309 
THR CG2  C N N 310 
THR OXT  O N N 311 
THR H    H N N 312 
THR H2   H N N 313 
THR HA   H N N 314 
THR HB   H N N 315 
THR HG1  H N N 316 
THR HG21 H N N 317 
THR HG22 H N N 318 
THR HG23 H N N 319 
THR HXT  H N N 320 
TYR N    N N N 321 
TYR CA   C N S 322 
TYR C    C N N 323 
TYR O    O N N 324 
TYR CB   C N N 325 
TYR CG   C Y N 326 
TYR CD1  C Y N 327 
TYR CD2  C Y N 328 
TYR CE1  C Y N 329 
TYR CE2  C Y N 330 
TYR CZ   C Y N 331 
TYR OH   O N N 332 
TYR OXT  O N N 333 
TYR H    H N N 334 
TYR H2   H N N 335 
TYR HA   H N N 336 
TYR HB2  H N N 337 
TYR HB3  H N N 338 
TYR HD1  H N N 339 
TYR HD2  H N N 340 
TYR HE1  H N N 341 
TYR HE2  H N N 342 
TYR HH   H N N 343 
TYR HXT  H N N 344 
VAL N    N N N 345 
VAL CA   C N S 346 
VAL C    C N N 347 
VAL O    O N N 348 
VAL CB   C N N 349 
VAL CG1  C N N 350 
VAL CG2  C N N 351 
VAL OXT  O N N 352 
VAL H    H N N 353 
VAL H2   H N N 354 
VAL HA   H N N 355 
VAL HB   H N N 356 
VAL HG11 H N N 357 
VAL HG12 H N N 358 
VAL HG13 H N N 359 
VAL HG21 H N N 360 
VAL HG22 H N N 361 
VAL HG23 H N N 362 
VAL HXT  H N N 363 
# 
loop_
_chem_comp_bond.comp_id 
_chem_comp_bond.atom_id_1 
_chem_comp_bond.atom_id_2 
_chem_comp_bond.value_order 
_chem_comp_bond.pdbx_aromatic_flag 
_chem_comp_bond.pdbx_stereo_config 
_chem_comp_bond.pdbx_ordinal 
ALA N   CA   sing N N 1   
ALA N   H    sing N N 2   
ALA N   H2   sing N N 3   
ALA CA  C    sing N N 4   
ALA CA  CB   sing N N 5   
ALA CA  HA   sing N N 6   
ALA C   O    doub N N 7   
ALA C   OXT  sing N N 8   
ALA CB  HB1  sing N N 9   
ALA CB  HB2  sing N N 10  
ALA CB  HB3  sing N N 11  
ALA OXT HXT  sing N N 12  
ARG N   CA   sing N N 13  
ARG N   H    sing N N 14  
ARG N   H2   sing N N 15  
ARG CA  C    sing N N 16  
ARG CA  CB   sing N N 17  
ARG CA  HA   sing N N 18  
ARG C   O    doub N N 19  
ARG C   OXT  sing N N 20  
ARG CB  CG   sing N N 21  
ARG CB  HB2  sing N N 22  
ARG CB  HB3  sing N N 23  
ARG CG  CD   sing N N 24  
ARG CG  HG2  sing N N 25  
ARG CG  HG3  sing N N 26  
ARG CD  NE   sing N N 27  
ARG CD  HD2  sing N N 28  
ARG CD  HD3  sing N N 29  
ARG NE  CZ   sing N N 30  
ARG NE  HE   sing N N 31  
ARG CZ  NH1  sing N N 32  
ARG CZ  NH2  doub N N 33  
ARG NH1 HH11 sing N N 34  
ARG NH1 HH12 sing N N 35  
ARG NH2 HH21 sing N N 36  
ARG NH2 HH22 sing N N 37  
ARG OXT HXT  sing N N 38  
ASN N   CA   sing N N 39  
ASN N   H    sing N N 40  
ASN N   H2   sing N N 41  
ASN CA  C    sing N N 42  
ASN CA  CB   sing N N 43  
ASN CA  HA   sing N N 44  
ASN C   O    doub N N 45  
ASN C   OXT  sing N N 46  
ASN CB  CG   sing N N 47  
ASN CB  HB2  sing N N 48  
ASN CB  HB3  sing N N 49  
ASN CG  OD1  doub N N 50  
ASN CG  ND2  sing N N 51  
ASN ND2 HD21 sing N N 52  
ASN ND2 HD22 sing N N 53  
ASN OXT HXT  sing N N 54  
ASP N   CA   sing N N 55  
ASP N   H    sing N N 56  
ASP N   H2   sing N N 57  
ASP CA  C    sing N N 58  
ASP CA  CB   sing N N 59  
ASP CA  HA   sing N N 60  
ASP C   O    doub N N 61  
ASP C   OXT  sing N N 62  
ASP CB  CG   sing N N 63  
ASP CB  HB2  sing N N 64  
ASP CB  HB3  sing N N 65  
ASP CG  OD1  doub N N 66  
ASP CG  OD2  sing N N 67  
ASP OD2 HD2  sing N N 68  
ASP OXT HXT  sing N N 69  
CYS N   CA   sing N N 70  
CYS N   H    sing N N 71  
CYS N   H2   sing N N 72  
CYS CA  C    sing N N 73  
CYS CA  CB   sing N N 74  
CYS CA  HA   sing N N 75  
CYS C   O    doub N N 76  
CYS C   OXT  sing N N 77  
CYS CB  SG   sing N N 78  
CYS CB  HB2  sing N N 79  
CYS CB  HB3  sing N N 80  
CYS SG  HG   sing N N 81  
CYS OXT HXT  sing N N 82  
GLN N   CA   sing N N 83  
GLN N   H    sing N N 84  
GLN N   H2   sing N N 85  
GLN CA  C    sing N N 86  
GLN CA  CB   sing N N 87  
GLN CA  HA   sing N N 88  
GLN C   O    doub N N 89  
GLN C   OXT  sing N N 90  
GLN CB  CG   sing N N 91  
GLN CB  HB2  sing N N 92  
GLN CB  HB3  sing N N 93  
GLN CG  CD   sing N N 94  
GLN CG  HG2  sing N N 95  
GLN CG  HG3  sing N N 96  
GLN CD  OE1  doub N N 97  
GLN CD  NE2  sing N N 98  
GLN NE2 HE21 sing N N 99  
GLN NE2 HE22 sing N N 100 
GLN OXT HXT  sing N N 101 
GLU N   CA   sing N N 102 
GLU N   H    sing N N 103 
GLU N   H2   sing N N 104 
GLU CA  C    sing N N 105 
GLU CA  CB   sing N N 106 
GLU CA  HA   sing N N 107 
GLU C   O    doub N N 108 
GLU C   OXT  sing N N 109 
GLU CB  CG   sing N N 110 
GLU CB  HB2  sing N N 111 
GLU CB  HB3  sing N N 112 
GLU CG  CD   sing N N 113 
GLU CG  HG2  sing N N 114 
GLU CG  HG3  sing N N 115 
GLU CD  OE1  doub N N 116 
GLU CD  OE2  sing N N 117 
GLU OE2 HE2  sing N N 118 
GLU OXT HXT  sing N N 119 
GLY N   CA   sing N N 120 
GLY N   H    sing N N 121 
GLY N   H2   sing N N 122 
GLY CA  C    sing N N 123 
GLY CA  HA2  sing N N 124 
GLY CA  HA3  sing N N 125 
GLY C   O    doub N N 126 
GLY C   OXT  sing N N 127 
GLY OXT HXT  sing N N 128 
HIS N   CA   sing N N 129 
HIS N   H    sing N N 130 
HIS N   H2   sing N N 131 
HIS CA  C    sing N N 132 
HIS CA  CB   sing N N 133 
HIS CA  HA   sing N N 134 
HIS C   O    doub N N 135 
HIS C   OXT  sing N N 136 
HIS CB  CG   sing N N 137 
HIS CB  HB2  sing N N 138 
HIS CB  HB3  sing N N 139 
HIS CG  ND1  sing Y N 140 
HIS CG  CD2  doub Y N 141 
HIS ND1 CE1  doub Y N 142 
HIS ND1 HD1  sing N N 143 
HIS CD2 NE2  sing Y N 144 
HIS CD2 HD2  sing N N 145 
HIS CE1 NE2  sing Y N 146 
HIS CE1 HE1  sing N N 147 
HIS NE2 HE2  sing N N 148 
HIS OXT HXT  sing N N 149 
HOH O   H1   sing N N 150 
HOH O   H2   sing N N 151 
ILE N   CA   sing N N 152 
ILE N   H    sing N N 153 
ILE N   H2   sing N N 154 
ILE CA  C    sing N N 155 
ILE CA  CB   sing N N 156 
ILE CA  HA   sing N N 157 
ILE C   O    doub N N 158 
ILE C   OXT  sing N N 159 
ILE CB  CG1  sing N N 160 
ILE CB  CG2  sing N N 161 
ILE CB  HB   sing N N 162 
ILE CG1 CD1  sing N N 163 
ILE CG1 HG12 sing N N 164 
ILE CG1 HG13 sing N N 165 
ILE CG2 HG21 sing N N 166 
ILE CG2 HG22 sing N N 167 
ILE CG2 HG23 sing N N 168 
ILE CD1 HD11 sing N N 169 
ILE CD1 HD12 sing N N 170 
ILE CD1 HD13 sing N N 171 
ILE OXT HXT  sing N N 172 
LEU N   CA   sing N N 173 
LEU N   H    sing N N 174 
LEU N   H2   sing N N 175 
LEU CA  C    sing N N 176 
LEU CA  CB   sing N N 177 
LEU CA  HA   sing N N 178 
LEU C   O    doub N N 179 
LEU C   OXT  sing N N 180 
LEU CB  CG   sing N N 181 
LEU CB  HB2  sing N N 182 
LEU CB  HB3  sing N N 183 
LEU CG  CD1  sing N N 184 
LEU CG  CD2  sing N N 185 
LEU CG  HG   sing N N 186 
LEU CD1 HD11 sing N N 187 
LEU CD1 HD12 sing N N 188 
LEU CD1 HD13 sing N N 189 
LEU CD2 HD21 sing N N 190 
LEU CD2 HD22 sing N N 191 
LEU CD2 HD23 sing N N 192 
LEU OXT HXT  sing N N 193 
LYS N   CA   sing N N 194 
LYS N   H    sing N N 195 
LYS N   H2   sing N N 196 
LYS CA  C    sing N N 197 
LYS CA  CB   sing N N 198 
LYS CA  HA   sing N N 199 
LYS C   O    doub N N 200 
LYS C   OXT  sing N N 201 
LYS CB  CG   sing N N 202 
LYS CB  HB2  sing N N 203 
LYS CB  HB3  sing N N 204 
LYS CG  CD   sing N N 205 
LYS CG  HG2  sing N N 206 
LYS CG  HG3  sing N N 207 
LYS CD  CE   sing N N 208 
LYS CD  HD2  sing N N 209 
LYS CD  HD3  sing N N 210 
LYS CE  NZ   sing N N 211 
LYS CE  HE2  sing N N 212 
LYS CE  HE3  sing N N 213 
LYS NZ  HZ1  sing N N 214 
LYS NZ  HZ2  sing N N 215 
LYS NZ  HZ3  sing N N 216 
LYS OXT HXT  sing N N 217 
MET N   CA   sing N N 218 
MET N   H    sing N N 219 
MET N   H2   sing N N 220 
MET CA  C    sing N N 221 
MET CA  CB   sing N N 222 
MET CA  HA   sing N N 223 
MET C   O    doub N N 224 
MET C   OXT  sing N N 225 
MET CB  CG   sing N N 226 
MET CB  HB2  sing N N 227 
MET CB  HB3  sing N N 228 
MET CG  SD   sing N N 229 
MET CG  HG2  sing N N 230 
MET CG  HG3  sing N N 231 
MET SD  CE   sing N N 232 
MET CE  HE1  sing N N 233 
MET CE  HE2  sing N N 234 
MET CE  HE3  sing N N 235 
MET OXT HXT  sing N N 236 
PHE N   CA   sing N N 237 
PHE N   H    sing N N 238 
PHE N   H2   sing N N 239 
PHE CA  C    sing N N 240 
PHE CA  CB   sing N N 241 
PHE CA  HA   sing N N 242 
PHE C   O    doub N N 243 
PHE C   OXT  sing N N 244 
PHE CB  CG   sing N N 245 
PHE CB  HB2  sing N N 246 
PHE CB  HB3  sing N N 247 
PHE CG  CD1  doub Y N 248 
PHE CG  CD2  sing Y N 249 
PHE CD1 CE1  sing Y N 250 
PHE CD1 HD1  sing N N 251 
PHE CD2 CE2  doub Y N 252 
PHE CD2 HD2  sing N N 253 
PHE CE1 CZ   doub Y N 254 
PHE CE1 HE1  sing N N 255 
PHE CE2 CZ   sing Y N 256 
PHE CE2 HE2  sing N N 257 
PHE CZ  HZ   sing N N 258 
PHE OXT HXT  sing N N 259 
PRO N   CA   sing N N 260 
PRO N   CD   sing N N 261 
PRO N   H    sing N N 262 
PRO CA  C    sing N N 263 
PRO CA  CB   sing N N 264 
PRO CA  HA   sing N N 265 
PRO C   O    doub N N 266 
PRO C   OXT  sing N N 267 
PRO CB  CG   sing N N 268 
PRO CB  HB2  sing N N 269 
PRO CB  HB3  sing N N 270 
PRO CG  CD   sing N N 271 
PRO CG  HG2  sing N N 272 
PRO CG  HG3  sing N N 273 
PRO CD  HD2  sing N N 274 
PRO CD  HD3  sing N N 275 
PRO OXT HXT  sing N N 276 
SER N   CA   sing N N 277 
SER N   H    sing N N 278 
SER N   H2   sing N N 279 
SER CA  C    sing N N 280 
SER CA  CB   sing N N 281 
SER CA  HA   sing N N 282 
SER C   O    doub N N 283 
SER C   OXT  sing N N 284 
SER CB  OG   sing N N 285 
SER CB  HB2  sing N N 286 
SER CB  HB3  sing N N 287 
SER OG  HG   sing N N 288 
SER OXT HXT  sing N N 289 
THR N   CA   sing N N 290 
THR N   H    sing N N 291 
THR N   H2   sing N N 292 
THR CA  C    sing N N 293 
THR CA  CB   sing N N 294 
THR CA  HA   sing N N 295 
THR C   O    doub N N 296 
THR C   OXT  sing N N 297 
THR CB  OG1  sing N N 298 
THR CB  CG2  sing N N 299 
THR CB  HB   sing N N 300 
THR OG1 HG1  sing N N 301 
THR CG2 HG21 sing N N 302 
THR CG2 HG22 sing N N 303 
THR CG2 HG23 sing N N 304 
THR OXT HXT  sing N N 305 
TYR N   CA   sing N N 306 
TYR N   H    sing N N 307 
TYR N   H2   sing N N 308 
TYR CA  C    sing N N 309 
TYR CA  CB   sing N N 310 
TYR CA  HA   sing N N 311 
TYR C   O    doub N N 312 
TYR C   OXT  sing N N 313 
TYR CB  CG   sing N N 314 
TYR CB  HB2  sing N N 315 
TYR CB  HB3  sing N N 316 
TYR CG  CD1  doub Y N 317 
TYR CG  CD2  sing Y N 318 
TYR CD1 CE1  sing Y N 319 
TYR CD1 HD1  sing N N 320 
TYR CD2 CE2  doub Y N 321 
TYR CD2 HD2  sing N N 322 
TYR CE1 CZ   doub Y N 323 
TYR CE1 HE1  sing N N 324 
TYR CE2 CZ   sing Y N 325 
TYR CE2 HE2  sing N N 326 
TYR CZ  OH   sing N N 327 
TYR OH  HH   sing N N 328 
TYR OXT HXT  sing N N 329 
VAL N   CA   sing N N 330 
VAL N   H    sing N N 331 
VAL N   H2   sing N N 332 
VAL CA  C    sing N N 333 
VAL CA  CB   sing N N 334 
VAL CA  HA   sing N N 335 
VAL C   O    doub N N 336 
VAL C   OXT  sing N N 337 
VAL CB  CG1  sing N N 338 
VAL CB  CG2  sing N N 339 
VAL CB  HB   sing N N 340 
VAL CG1 HG11 sing N N 341 
VAL CG1 HG12 sing N N 342 
VAL CG1 HG13 sing N N 343 
VAL CG2 HG21 sing N N 344 
VAL CG2 HG22 sing N N 345 
VAL CG2 HG23 sing N N 346 
VAL OXT HXT  sing N N 347 
# 
_pdbx_initial_refinement_model.id               1 
_pdbx_initial_refinement_model.entity_id_list   ? 
_pdbx_initial_refinement_model.type             'experimental model' 
_pdbx_initial_refinement_model.source_name      PDB 
_pdbx_initial_refinement_model.accession_code   1PFP 
_pdbx_initial_refinement_model.details          'PDB ENTRY 1PFP' 
# 
_atom_sites.entry_id                    4EYC 
_atom_sites.fract_transf_matrix[1][1]   0.00148226 
_atom_sites.fract_transf_matrix[1][2]   0.00641941 
_atom_sites.fract_transf_matrix[1][3]   0.00877251 
_atom_sites.fract_transf_matrix[2][1]   0.01665886 
_atom_sites.fract_transf_matrix[2][2]   -0.00443686 
_atom_sites.fract_transf_matrix[2][3]   0.00043195 
_atom_sites.fract_transf_matrix[3][1]   0.00557282 
_atom_sites.fract_transf_matrix[3][2]   0.01944690 
_atom_sites.fract_transf_matrix[3][3]   -0.01517215 
_atom_sites.fract_transf_vector[1]      0.265385 
_atom_sites.fract_transf_vector[2]      0.267845 
_atom_sites.fract_transf_vector[3]      0.346550 
# 
loop_
_atom_type.symbol 
C 
N 
O 
S 
# 
loop_
_atom_site.group_PDB 
_atom_site.id 
_atom_site.type_symbol 
_atom_site.label_atom_id 
_atom_site.label_alt_id 
_atom_site.label_comp_id 
_atom_site.label_asym_id 
_atom_site.label_entity_id 
_atom_site.label_seq_id 
_atom_site.pdbx_PDB_ins_code 
_atom_site.Cartn_x 
_atom_site.Cartn_y 
_atom_site.Cartn_z 
_atom_site.occupancy 
_atom_site.B_iso_or_equiv 
_atom_site.pdbx_formal_charge 
_atom_site.auth_seq_id 
_atom_site.auth_comp_id 
_atom_site.auth_asym_id 
_atom_site.auth_atom_id 
_atom_site.pdbx_PDB_model_num 
ATOM   1    N N   . GLY A 1 1   ? -20.848 15.175  14.722  1.00 53.51 ? -3  GLY A N   1 
ATOM   2    C CA  . GLY A 1 1   ? -20.364 16.468  15.183  1.00 54.01 ? -3  GLY A CA  1 
ATOM   3    C C   . GLY A 1 1   ? -19.346 17.102  14.252  1.00 51.67 ? -3  GLY A C   1 
ATOM   4    O O   . GLY A 1 1   ? -19.691 17.683  13.222  1.00 48.32 ? -3  GLY A O   1 
ATOM   5    N N   . SER A 1 2   ? -18.081 17.020  14.622  1.00 48.51 ? -2  SER A N   1 
ATOM   6    C CA  . SER A 1 2   ? -17.117 17.911  13.994  1.00 48.68 ? -2  SER A CA  1 
ATOM   7    C C   . SER A 1 2   ? -17.088 17.938  12.466  1.00 45.95 ? -2  SER A C   1 
ATOM   8    O O   . SER A 1 2   ? -17.223 16.917  11.803  1.00 47.73 ? -2  SER A O   1 
ATOM   9    C CB  . SER A 1 2   ? -15.713 17.625  14.490  1.00 44.99 ? -2  SER A CB  1 
ATOM   10   O OG  . SER A 1 2   ? -14.940 18.735  14.092  1.00 52.27 ? -2  SER A OG  1 
ATOM   11   N N   . HIS A 1 3   ? -16.887 19.100  11.892  1.00 46.70 ? -1  HIS A N   1 
ATOM   12   C CA  . HIS A 1 3   ? -16.750 19.153  10.468  1.00 46.65 ? -1  HIS A CA  1 
ATOM   13   C C   . HIS A 1 3   ? -15.337 19.433  10.098  1.00 46.74 ? -1  HIS A C   1 
ATOM   14   O O   . HIS A 1 3   ? -14.983 19.365  8.972   1.00 47.34 ? -1  HIS A O   1 
ATOM   15   C CB  . HIS A 1 3   ? -17.674 20.172  9.860   1.00 46.05 ? -1  HIS A CB  1 
ATOM   16   C CG  . HIS A 1 3   ? -17.197 21.569  9.994   1.00 50.22 ? -1  HIS A CG  1 
ATOM   17   N ND1 . HIS A 1 3   ? -17.484 22.344  11.086  1.00 52.05 ? -1  HIS A ND1 1 
ATOM   18   C CD2 . HIS A 1 3   ? -16.460 22.335  9.168   1.00 50.39 ? -1  HIS A CD2 1 
ATOM   19   C CE1 . HIS A 1 3   ? -16.936 23.530  10.927  1.00 56.81 ? -1  HIS A CE1 1 
ATOM   20   N NE2 . HIS A 1 3   ? -16.301 23.544  9.774   1.00 49.16 ? -1  HIS A NE2 1 
ATOM   21   N N   . MET A 1 4   ? -14.522 19.720  11.086  1.00 46.11 ? 0   MET A N   1 
ATOM   22   C CA  . MET A 1 4   ? -13.115 19.969  10.883  1.00 43.10 ? 0   MET A CA  1 
ATOM   23   C C   . MET A 1 4   ? -12.335 19.529  12.116  1.00 47.98 ? 0   MET A C   1 
ATOM   24   O O   . MET A 1 4   ? -12.299 20.229  13.080  1.00 44.19 ? 0   MET A O   1 
ATOM   25   C CB  . MET A 1 4   ? -12.902 21.446  10.562  1.00 41.21 ? 0   MET A CB  1 
ATOM   26   C CG  . MET A 1 4   ? -11.470 21.892  10.443  1.00 50.80 ? 0   MET A CG  1 
ATOM   27   S SD  . MET A 1 4   ? -10.623 21.366  8.954   1.00 63.36 ? 0   MET A SD  1 
ATOM   28   C CE  . MET A 1 4   ? -11.746 21.982  7.734   1.00 48.99 ? 0   MET A CE  1 
ATOM   29   N N   . GLN A 1 5   ? -11.747 18.341  12.084  1.00 39.78 ? 31  GLN A N   1 
ATOM   30   C CA  . GLN A 1 5   ? -10.875 17.878  13.153  1.00 37.85 ? 31  GLN A CA  1 
ATOM   31   C C   . GLN A 1 5   ? -9.530  17.577  12.581  1.00 38.68 ? 31  GLN A C   1 
ATOM   32   O O   . GLN A 1 5   ? -9.369  16.571  11.967  1.00 40.17 ? 31  GLN A O   1 
ATOM   33   C CB  . GLN A 1 5   ? -11.418 16.616  13.805  1.00 43.78 ? 31  GLN A CB  1 
ATOM   34   C CG  . GLN A 1 5   ? -10.639 16.181  15.006  1.00 55.21 ? 31  GLN A CG  1 
ATOM   35   C CD  . GLN A 1 5   ? -10.865 14.738  15.371  1.00 68.92 ? 31  GLN A CD  1 
ATOM   36   O OE1 . GLN A 1 5   ? -11.983 14.260  15.372  1.00 78.83 ? 31  GLN A OE1 1 
ATOM   37   N NE2 . GLN A 1 5   ? -9.798  14.038  15.687  1.00 75.66 ? 31  GLN A NE2 1 
ATOM   38   N N   . VAL A 1 6   ? -8.575  18.458  12.782  1.00 35.16 ? 32  VAL A N   1 
ATOM   39   C CA  . VAL A 1 6   ? -7.323  18.365  12.106  1.00 39.08 ? 32  VAL A CA  1 
ATOM   40   C C   . VAL A 1 6   ? -6.244  17.743  12.974  1.00 39.98 ? 32  VAL A C   1 
ATOM   41   O O   . VAL A 1 6   ? -6.016  18.174  14.083  1.00 37.78 ? 32  VAL A O   1 
ATOM   42   C CB  . VAL A 1 6   ? -6.876  19.732  11.621  1.00 43.15 ? 32  VAL A CB  1 
ATOM   43   C CG1 . VAL A 1 6   ? -5.643  19.622  10.833  1.00 49.55 ? 32  VAL A CG1 1 
ATOM   44   C CG2 . VAL A 1 6   ? -7.937  20.375  10.796  1.00 45.66 ? 32  VAL A CG2 1 
ATOM   45   N N   . LEU A 1 7   ? -5.602  16.719  12.444  1.00 36.57 ? 33  LEU A N   1 
ATOM   46   C CA  . LEU A 1 7   ? -4.464  16.063  13.105  1.00 29.65 ? 33  LEU A CA  1 
ATOM   47   C C   . LEU A 1 7   ? -3.178  16.562  12.429  1.00 28.52 ? 33  LEU A C   1 
ATOM   48   O O   . LEU A 1 7   ? -3.212  17.003  11.247  1.00 28.34 ? 33  LEU A O   1 
ATOM   49   C CB  . LEU A 1 7   ? -4.597  14.541  12.983  1.00 31.03 ? 33  LEU A CB  1 
ATOM   50   C CG  . LEU A 1 7   ? -5.763  13.842  13.684  1.00 34.36 ? 33  LEU A CG  1 
ATOM   51   C CD1 . LEU A 1 7   ? -5.479  12.355  13.748  1.00 34.66 ? 33  LEU A CD1 1 
ATOM   52   C CD2 . LEU A 1 7   ? -5.978  14.373  15.077  1.00 38.37 ? 33  LEU A CD2 1 
ATOM   53   N N   . SER A 1 8   ? -2.083  16.525  13.179  1.00 25.04 ? 34  SER A N   1 
ATOM   54   C CA  . SER A 1 8   ? -0.771  16.647  12.576  1.00 28.93 ? 34  SER A CA  1 
ATOM   55   C C   . SER A 1 8   ? -0.523  15.432  11.651  1.00 29.76 ? 34  SER A C   1 
ATOM   56   O O   . SER A 1 8   ? -1.232  14.399  11.701  1.00 29.15 ? 34  SER A O   1 
ATOM   57   C CB  . SER A 1 8   ? 0.285   16.725  13.665  1.00 30.42 ? 34  SER A CB  1 
ATOM   58   O OG  . SER A 1 8   ? 0.420   15.441  14.260  1.00 33.96 ? 34  SER A OG  1 
ATOM   59   N N   . TYR A 1 9   ? 0.443   15.557  10.782  1.00 29.14 ? 35  TYR A N   1 
ATOM   60   C CA  . TYR A 1 9   ? 0.661   14.484  9.876   1.00 29.11 ? 35  TYR A CA  1 
ATOM   61   C C   . TYR A 1 9   ? 1.018   13.218  10.632  1.00 29.20 ? 35  TYR A C   1 
ATOM   62   O O   . TYR A 1 9   ? 0.506   12.120  10.322  1.00 28.89 ? 35  TYR A O   1 
ATOM   63   C CB  . TYR A 1 9   ? 1.770   14.928  8.929   1.00 27.16 ? 35  TYR A CB  1 
ATOM   64   C CG  . TYR A 1 9   ? 2.282   13.911  7.942   1.00 23.94 ? 35  TYR A CG  1 
ATOM   65   C CD1 . TYR A 1 9   ? 1.772   13.894  6.630   1.00 31.75 ? 35  TYR A CD1 1 
ATOM   66   C CD2 . TYR A 1 9   ? 3.370   13.134  8.242   1.00 27.78 ? 35  TYR A CD2 1 
ATOM   67   C CE1 . TYR A 1 9   ? 2.260   13.010  5.658   1.00 29.95 ? 35  TYR A CE1 1 
ATOM   68   C CE2 . TYR A 1 9   ? 3.877   12.241  7.293   1.00 31.21 ? 35  TYR A CE2 1 
ATOM   69   C CZ  . TYR A 1 9   ? 3.323   12.204  6.004   1.00 31.11 ? 35  TYR A CZ  1 
ATOM   70   O OH  . TYR A 1 9   ? 3.786   11.328  5.077   1.00 28.17 ? 35  TYR A OH  1 
ATOM   71   N N   . LYS A 1 10  ? 1.872   13.343  11.642  1.00 29.15 ? 36  LYS A N   1 
ATOM   72   C CA  . LYS A 1 10  ? 2.242   12.096  12.418  1.00 30.32 ? 36  LYS A CA  1 
ATOM   73   C C   . LYS A 1 10  ? 1.036   11.464  13.128  1.00 28.47 ? 36  LYS A C   1 
ATOM   74   O O   . LYS A 1 10  ? 0.845   10.223  13.138  1.00 28.01 ? 36  LYS A O   1 
ATOM   75   C CB  . LYS A 1 10  ? 3.368   12.405  13.423  1.00 34.44 ? 36  LYS A CB  1 
ATOM   76   C CG  . LYS A 1 10  ? 3.660   11.269  14.425  1.00 44.59 ? 36  LYS A CG  1 
ATOM   77   C CD  . LYS A 1 10  ? 4.626   10.265  13.812  1.00 45.61 ? 36  LYS A CD  1 
ATOM   78   C CE  . LYS A 1 10  ? 5.297   9.403   14.878  1.00 50.49 ? 36  LYS A CE  1 
ATOM   79   N NZ  . LYS A 1 10  ? 6.642   9.870   15.316  1.00 53.00 ? 36  LYS A NZ  1 
ATOM   80   N N   . GLU A 1 11  ? 0.184   12.319  13.661  1.00 26.37 ? 37  GLU A N   1 
ATOM   81   C CA  . GLU A 1 11  ? -1.010  11.818  14.303  1.00 29.79 ? 37  GLU A CA  1 
ATOM   82   C C   . GLU A 1 11  ? -1.913  11.170  13.305  1.00 28.53 ? 37  GLU A C   1 
ATOM   83   O O   . GLU A 1 11  ? -2.566  10.136  13.601  1.00 30.21 ? 37  GLU A O   1 
ATOM   84   C CB  . GLU A 1 11  ? -1.774  12.901  15.022  1.00 28.38 ? 37  GLU A CB  1 
ATOM   85   C CG  . GLU A 1 11  ? -1.107  13.349  16.289  1.00 41.26 ? 37  GLU A CG  1 
ATOM   86   C CD  . GLU A 1 11  ? -1.637  14.730  16.760  1.00 52.85 ? 37  GLU A CD  1 
ATOM   87   O OE1 . GLU A 1 11  ? -2.396  15.465  16.018  1.00 43.66 ? 37  GLU A OE1 1 
ATOM   88   O OE2 . GLU A 1 11  ? -1.253  15.087  17.901  1.00 51.66 ? 37  GLU A OE2 1 
ATOM   89   N N   . ALA A 1 12  ? -2.009  11.776  12.131  1.00 25.04 ? 38  ALA A N   1 
ATOM   90   C CA  . ALA A 1 12  ? -2.874  11.178  11.108  1.00 25.90 ? 38  ALA A CA  1 
ATOM   91   C C   . ALA A 1 12  ? -2.353  9.795   10.748  1.00 26.44 ? 38  ALA A C   1 
ATOM   92   O O   . ALA A 1 12  ? -3.127  8.838   10.534  1.00 27.00 ? 38  ALA A O   1 
ATOM   93   C CB  . ALA A 1 12  ? -2.977  12.080  9.858   1.00 25.11 ? 38  ALA A CB  1 
ATOM   94   N N   . VAL A 1 13  ? -1.060  9.652   10.671  1.00 24.99 ? 39  VAL A N   1 
ATOM   95   C CA  . VAL A 1 13  ? -0.490  8.312   10.404  1.00 26.57 ? 39  VAL A CA  1 
ATOM   96   C C   . VAL A 1 13  ? -0.777  7.309   11.553  1.00 27.78 ? 39  VAL A C   1 
ATOM   97   O O   . VAL A 1 13  ? -1.173  6.195   11.289  1.00 28.65 ? 39  VAL A O   1 
ATOM   98   C CB  . VAL A 1 13  ? 1.038   8.405   10.217  1.00 27.66 ? 39  VAL A CB  1 
ATOM   99   C CG1 . VAL A 1 13  ? 1.628   6.999   10.080  1.00 26.44 ? 39  VAL A CG1 1 
ATOM   100  C CG2 . VAL A 1 13  ? 1.321   9.133   8.884   1.00 26.67 ? 39  VAL A CG2 1 
ATOM   101  N N   . LEU A 1 14  ? -0.553  7.692   12.802  1.00 25.49 ? 40  LEU A N   1 
ATOM   102  C CA  . LEU A 1 14  ? -0.876  6.785   13.906  1.00 26.54 ? 40  LEU A CA  1 
ATOM   103  C C   . LEU A 1 14  ? -2.361  6.359   13.943  1.00 26.96 ? 40  LEU A C   1 
ATOM   104  O O   . LEU A 1 14  ? -2.707  5.202   14.183  1.00 27.89 ? 40  LEU A O   1 
ATOM   105  C CB  . LEU A 1 14  ? -0.464  7.428   15.230  1.00 28.76 ? 40  LEU A CB  1 
ATOM   106  C CG  . LEU A 1 14  ? 1.037   7.617   15.299  1.00 33.82 ? 40  LEU A CG  1 
ATOM   107  C CD1 . LEU A 1 14  ? 1.285   8.580   16.460  1.00 32.58 ? 40  LEU A CD1 1 
ATOM   108  C CD2 . LEU A 1 14  ? 1.741   6.261   15.463  1.00 35.27 ? 40  LEU A CD2 1 
ATOM   109  N N   . ARG A 1 15  ? -3.203  7.323   13.631  1.00 26.13 ? 41  ARG A N   1 
ATOM   110  C CA  . ARG A 1 15  ? -4.603  7.067   13.509  1.00 30.00 ? 41  ARG A CA  1 
ATOM   111  C C   . ARG A 1 15  ? -4.897  6.151   12.375  1.00 28.86 ? 41  ARG A C   1 
ATOM   112  O O   . ARG A 1 15  ? -5.751  5.241   12.495  1.00 26.38 ? 41  ARG A O   1 
ATOM   113  C CB  . ARG A 1 15  ? -5.336  8.368   13.299  1.00 32.69 ? 41  ARG A CB  1 
ATOM   114  C CG  . ARG A 1 15  ? -6.577  8.503   14.162  1.00 49.49 ? 41  ARG A CG  1 
ATOM   115  C CD  . ARG A 1 15  ? -7.671  7.440   13.966  1.00 61.38 ? 41  ARG A CD  1 
ATOM   116  N NE  . ARG A 1 15  ? -7.677  6.378   15.011  1.00 75.39 ? 41  ARG A NE  1 
ATOM   117  C CZ  . ARG A 1 15  ? -8.583  6.215   15.993  1.00 70.67 ? 41  ARG A CZ  1 
ATOM   118  N NH1 . ARG A 1 15  ? -9.622  7.032   16.125  1.00 80.63 ? 41  ARG A NH1 1 
ATOM   119  N NH2 . ARG A 1 15  ? -8.453  5.221   16.857  1.00 58.55 ? 41  ARG A NH2 1 
ATOM   120  N N   . ALA A 1 16  ? -4.269  6.347   11.228  1.00 27.88 ? 42  ALA A N   1 
ATOM   121  C CA  . ALA A 1 16  ? -4.488  5.391   10.155  1.00 24.99 ? 42  ALA A CA  1 
ATOM   122  C C   . ALA A 1 16  ? -4.036  4.003   10.537  1.00 25.71 ? 42  ALA A C   1 
ATOM   123  O O   . ALA A 1 16  ? -4.628  2.982   10.141  1.00 25.15 ? 42  ALA A O   1 
ATOM   124  C CB  . ALA A 1 16  ? -3.756  5.830   8.894   1.00 23.63 ? 42  ALA A CB  1 
ATOM   125  N N   . ILE A 1 17  ? -2.925  3.920   11.236  1.00 24.90 ? 43  ILE A N   1 
ATOM   126  C CA  . ILE A 1 17  ? -2.527  2.536   11.628  1.00 26.48 ? 43  ILE A CA  1 
ATOM   127  C C   . ILE A 1 17  ? -3.579  1.911   12.539  1.00 27.74 ? 43  ILE A C   1 
ATOM   128  O O   . ILE A 1 17  ? -3.831  0.732   12.474  1.00 29.08 ? 43  ILE A O   1 
ATOM   129  C CB  . ILE A 1 17  ? -1.181  2.562   12.346  1.00 23.91 ? 43  ILE A CB  1 
ATOM   130  C CG1 . ILE A 1 17  ? -0.127  2.871   11.290  1.00 26.04 ? 43  ILE A CG1 1 
ATOM   131  C CG2 . ILE A 1 17  ? -0.822  1.183   12.947  1.00 28.52 ? 43  ILE A CG2 1 
ATOM   132  C CD1 . ILE A 1 17  ? 1.155   3.468   11.811  1.00 26.01 ? 43  ILE A CD1 1 
ATOM   133  N N   . ASP A 1 18  ? -4.137  2.673   13.446  1.00 27.71 ? 44  ASP A N   1 
ATOM   134  C CA  . ASP A 1 18  ? -5.233  2.146   14.251  1.00 27.24 ? 44  ASP A CA  1 
ATOM   135  C C   . ASP A 1 18  ? -6.286  1.520   13.351  1.00 27.16 ? 44  ASP A C   1 
ATOM   136  O O   . ASP A 1 18  ? -6.763  0.421   13.629  1.00 27.94 ? 44  ASP A O   1 
ATOM   137  C CB  . ASP A 1 18  ? -5.923  3.282   15.020  1.00 31.60 ? 44  ASP A CB  1 
ATOM   138  C CG  . ASP A 1 18  ? -5.063  3.864   16.177  1.00 35.53 ? 44  ASP A CG  1 
ATOM   139  O OD1 . ASP A 1 18  ? -4.181  3.153   16.668  1.00 39.94 ? 44  ASP A OD1 1 
ATOM   140  O OD2 . ASP A 1 18  ? -5.284  5.052   16.617  1.00 41.67 ? 44  ASP A OD2 1 
ATOM   141  N N   . GLY A 1 19  ? -6.650  2.229   12.284  1.00 27.02 ? 45  GLY A N   1 
ATOM   142  C CA  . GLY A 1 19  ? -7.605  1.775   11.240  1.00 29.78 ? 45  GLY A CA  1 
ATOM   143  C C   . GLY A 1 19  ? -7.167  0.506   10.558  1.00 31.74 ? 45  GLY A C   1 
ATOM   144  O O   . GLY A 1 19  ? -7.986  -0.429  10.280  1.00 27.62 ? 45  GLY A O   1 
ATOM   145  N N   . ILE A 1 20  ? -5.877  0.467   10.250  1.00 25.51 ? 46  ILE A N   1 
ATOM   146  C CA  . ILE A 1 20  ? -5.359  -0.638  9.530   1.00 27.35 ? 46  ILE A CA  1 
ATOM   147  C C   . ILE A 1 20  ? -5.409  -1.870  10.394  1.00 29.49 ? 46  ILE A C   1 
ATOM   148  O O   . ILE A 1 20  ? -5.686  -2.954  9.909   1.00 31.27 ? 46  ILE A O   1 
ATOM   149  C CB  . ILE A 1 20  ? -3.892  -0.370  9.154   1.00 26.78 ? 46  ILE A CB  1 
ATOM   150  C CG1 . ILE A 1 20  ? -3.891  0.635   7.972   1.00 28.64 ? 46  ILE A CG1 1 
ATOM   151  C CG2 . ILE A 1 20  ? -3.203  -1.717  8.735   1.00 31.25 ? 46  ILE A CG2 1 
ATOM   152  C CD1 . ILE A 1 20  ? -2.522  1.221   7.647   1.00 28.36 ? 46  ILE A CD1 1 
ATOM   153  N N   . ASN A 1 21  ? -5.152  -1.711  11.690  1.00 29.80 ? 47  ASN A N   1 
ATOM   154  C CA  . ASN A 1 21  ? -5.285  -2.857  12.625  1.00 29.15 ? 47  ASN A CA  1 
ATOM   155  C C   . ASN A 1 21  ? -6.721  -3.312  12.776  1.00 30.34 ? 47  ASN A C   1 
ATOM   156  O O   . ASN A 1 21  ? -7.008  -4.484  12.735  1.00 32.54 ? 47  ASN A O   1 
ATOM   157  C CB  . ASN A 1 21  ? -4.704  -2.496  13.971  1.00 26.00 ? 47  ASN A CB  1 
ATOM   158  C CG  . ASN A 1 21  ? -3.218  -2.625  13.982  1.00 31.08 ? 47  ASN A CG  1 
ATOM   159  O OD1 . ASN A 1 21  ? -2.684  -3.716  13.729  1.00 30.02 ? 47  ASN A OD1 1 
ATOM   160  N ND2 . ASN A 1 21  ? -2.510  -1.517  14.233  1.00 28.07 ? 47  ASN A ND2 1 
ATOM   161  N N   . GLN A 1 22  ? -7.618  -2.357  12.872  1.00 27.37 ? 48  GLN A N   1 
ATOM   162  C CA  . GLN A 1 22  ? -9.007  -2.628  12.978  1.00 37.46 ? 48  GLN A CA  1 
ATOM   163  C C   . GLN A 1 22  ? -9.594  -3.408  11.819  1.00 37.69 ? 48  GLN A C   1 
ATOM   164  O O   . GLN A 1 22  ? -10.490 -4.262  12.052  1.00 31.72 ? 48  GLN A O   1 
ATOM   165  C CB  . GLN A 1 22  ? -9.721  -1.297  13.045  1.00 43.06 ? 48  GLN A CB  1 
ATOM   166  C CG  . GLN A 1 22  ? -11.211 -1.308  13.327  1.00 54.84 ? 48  GLN A CG  1 
ATOM   167  C CD  . GLN A 1 22  ? -11.641 0.024   13.956  1.00 69.63 ? 48  GLN A CD  1 
ATOM   168  O OE1 . GLN A 1 22  ? -10.905 0.619   14.790  1.00 67.24 ? 48  GLN A OE1 1 
ATOM   169  N NE2 . GLN A 1 22  ? -12.826 0.508   13.558  1.00 65.67 ? 48  GLN A NE2 1 
ATOM   170  N N   . ARG A 1 23  ? -9.124  -3.159  10.591  1.00 29.52 ? 49  ARG A N   1 
ATOM   171  C CA  . ARG A 1 23  ? -9.724  -3.834  9.440   1.00 30.36 ? 49  ARG A CA  1 
ATOM   172  C C   . ARG A 1 23  ? -9.019  -5.147  9.159   1.00 30.87 ? 49  ARG A C   1 
ATOM   173  O O   . ARG A 1 23  ? -9.459  -5.897  8.306   1.00 29.76 ? 49  ARG A O   1 
ATOM   174  C CB  . ARG A 1 23  ? -9.680  -2.957  8.172   1.00 29.13 ? 49  ARG A CB  1 
ATOM   175  C CG  . ARG A 1 23  ? -8.230  -2.746  7.707   1.00 26.97 ? 49  ARG A CG  1 
ATOM   176  C CD  . ARG A 1 23  ? -8.101  -1.716  6.578   1.00 29.73 ? 49  ARG A CD  1 
ATOM   177  N NE  . ARG A 1 23  ? -6.746  -1.830  6.025   1.00 24.98 ? 49  ARG A NE  1 
ATOM   178  C CZ  . ARG A 1 23  ? -6.237  -0.972  5.140   1.00 28.01 ? 49  ARG A CZ  1 
ATOM   179  N NH1 . ARG A 1 23  ? -6.918  0.116   4.786   1.00 25.39 ? 49  ARG A NH1 1 
ATOM   180  N NH2 . ARG A 1 23  ? -5.037  -1.184  4.635   1.00 27.37 ? 49  ARG A NH2 1 
ATOM   181  N N   . SER A 1 24  ? -7.892  -5.400  9.820   1.00 31.27 ? 50  SER A N   1 
ATOM   182  C CA  . SER A 1 24  ? -7.081  -6.552  9.469   1.00 27.64 ? 50  SER A CA  1 
ATOM   183  C C   . SER A 1 24  ? -7.669  -7.830  10.092  1.00 36.29 ? 50  SER A C   1 
ATOM   184  O O   . SER A 1 24  ? -8.440  -7.757  11.050  1.00 36.36 ? 50  SER A O   1 
ATOM   185  C CB  . SER A 1 24  ? -5.667  -6.285  9.903   1.00 33.11 ? 50  SER A CB  1 
ATOM   186  O OG  . SER A 1 24  ? -4.814  -7.392  9.665   1.00 36.54 ? 50  SER A OG  1 
ATOM   187  N N   . SER A 1 25  ? -7.312  -8.991  9.567   1.00 35.53 ? 51  SER A N   1 
ATOM   188  C CA  . SER A 1 25  ? -7.613  -10.226 10.299  1.00 40.03 ? 51  SER A CA  1 
ATOM   189  C C   . SER A 1 25  ? -6.347  -10.922 10.839  1.00 41.60 ? 51  SER A C   1 
ATOM   190  O O   . SER A 1 25  ? -6.374  -12.112 11.170  1.00 43.13 ? 51  SER A O   1 
ATOM   191  C CB  . SER A 1 25  ? -8.333  -11.143 9.360   1.00 47.93 ? 51  SER A CB  1 
ATOM   192  O OG  . SER A 1 25  ? -7.336  -11.641 8.496   1.00 54.80 ? 51  SER A OG  1 
ATOM   193  N N   . ASP A 1 26  ? -5.229  -10.204 10.913  1.00 39.60 ? 52  ASP A N   1 
ATOM   194  C CA  . ASP A 1 26  ? -4.012  -10.781 11.499  1.00 39.80 ? 52  ASP A CA  1 
ATOM   195  C C   . ASP A 1 26  ? -4.218  -11.019 13.006  1.00 41.82 ? 52  ASP A C   1 
ATOM   196  O O   . ASP A 1 26  ? -5.157  -10.478 13.608  1.00 37.24 ? 52  ASP A O   1 
ATOM   197  C CB  . ASP A 1 26  ? -2.773  -9.948  11.197  1.00 42.80 ? 52  ASP A CB  1 
ATOM   198  C CG  . ASP A 1 26  ? -2.528  -9.803  9.679   1.00 49.56 ? 52  ASP A CG  1 
ATOM   199  O OD1 . ASP A 1 26  ? -2.923  -10.712 8.904   1.00 62.40 ? 52  ASP A OD1 1 
ATOM   200  O OD2 . ASP A 1 26  ? -1.943  -8.798  9.259   1.00 51.46 ? 52  ASP A OD2 1 
ATOM   201  N N   . ALA A 1 27  ? -3.388  -11.872 13.591  1.00 37.75 ? 53  ALA A N   1 
ATOM   202  C CA  . ALA A 1 27  ? -3.602  -12.258 15.009  1.00 40.43 ? 53  ALA A CA  1 
ATOM   203  C C   . ALA A 1 27  ? -3.119  -11.087 15.853  1.00 41.97 ? 53  ALA A C   1 
ATOM   204  O O   . ALA A 1 27  ? -3.748  -10.763 16.860  1.00 42.17 ? 53  ALA A O   1 
ATOM   205  C CB  . ALA A 1 27  ? -2.829  -13.523 15.351  1.00 44.70 ? 53  ALA A CB  1 
ATOM   206  N N   . ASN A 1 28  ? -2.003  -10.482 15.430  1.00 37.35 ? 54  ASN A N   1 
ATOM   207  C CA  . ASN A 1 28  ? -1.338  -9.487  16.250  1.00 36.07 ? 54  ASN A CA  1 
ATOM   208  C C   . ASN A 1 28  ? -1.521  -8.033  15.820  1.00 37.68 ? 54  ASN A C   1 
ATOM   209  O O   . ASN A 1 28  ? -1.845  -7.723  14.675  1.00 34.23 ? 54  ASN A O   1 
ATOM   210  C CB  . ASN A 1 28  ? 0.117   -9.857  16.395  1.00 37.25 ? 54  ASN A CB  1 
ATOM   211  C CG  . ASN A 1 28  ? 0.292   -11.071 17.312  1.00 46.70 ? 54  ASN A CG  1 
ATOM   212  O OD1 . ASN A 1 28  ? -0.575  -11.919 17.378  1.00 53.10 ? 54  ASN A OD1 1 
ATOM   213  N ND2 . ASN A 1 28  ? 1.375   -11.130 18.037  1.00 51.75 ? 54  ASN A ND2 1 
ATOM   214  N N   . LEU A 1 29  ? -1.310  -7.140  16.762  1.00 32.83 ? 55  LEU A N   1 
ATOM   215  C CA  . LEU A 1 29  ? -1.286  -5.731  16.490  1.00 31.24 ? 55  LEU A CA  1 
ATOM   216  C C   . LEU A 1 29  ? -0.001  -5.349  15.804  1.00 30.36 ? 55  LEU A C   1 
ATOM   217  O O   . LEU A 1 29  ? 1.119   -5.695  16.256  1.00 32.46 ? 55  LEU A O   1 
ATOM   218  C CB  . LEU A 1 29  ? -1.508  -4.975  17.779  1.00 28.55 ? 55  LEU A CB  1 
ATOM   219  C CG  . LEU A 1 29  ? -1.601  -3.463  17.623  1.00 33.48 ? 55  LEU A CG  1 
ATOM   220  C CD1 . LEU A 1 29  ? -3.025  -2.976  17.665  1.00 31.63 ? 55  LEU A CD1 1 
ATOM   221  C CD2 . LEU A 1 29  ? -0.794  -2.827  18.758  1.00 35.48 ? 55  LEU A CD2 1 
ATOM   222  N N   . TYR A 1 30  ? -0.126  -4.598  14.693  1.00 29.31 ? 56  TYR A N   1 
ATOM   223  C CA  . TYR A 1 30  ? 1.064   -3.979  14.014  1.00 29.13 ? 56  TYR A CA  1 
ATOM   224  C C   . TYR A 1 30  ? 1.213   -2.535  14.469  1.00 27.71 ? 56  TYR A C   1 
ATOM   225  O O   . TYR A 1 30  ? 0.225   -1.816  14.691  1.00 29.20 ? 56  TYR A O   1 
ATOM   226  C CB  . TYR A 1 30  ? 0.875   -3.958  12.470  1.00 28.38 ? 56  TYR A CB  1 
ATOM   227  C CG  . TYR A 1 30  ? 1.197   -5.294  11.897  1.00 31.56 ? 56  TYR A CG  1 
ATOM   228  C CD1 . TYR A 1 30  ? 0.318   -6.345  12.023  1.00 35.32 ? 56  TYR A CD1 1 
ATOM   229  C CD2 . TYR A 1 30  ? 2.418   -5.526  11.286  1.00 33.64 ? 56  TYR A CD2 1 
ATOM   230  C CE1 . TYR A 1 30  ? 0.630   -7.615  11.542  1.00 39.55 ? 56  TYR A CE1 1 
ATOM   231  C CE2 . TYR A 1 30  ? 2.712   -6.775  10.775  1.00 34.55 ? 56  TYR A CE2 1 
ATOM   232  C CZ  . TYR A 1 30  ? 1.821   -7.798  10.910  1.00 39.81 ? 56  TYR A CZ  1 
ATOM   233  O OH  . TYR A 1 30  ? 2.121   -9.025  10.388  1.00 45.93 ? 56  TYR A OH  1 
ATOM   234  N N   . ARG A 1 31  ? 2.446   -2.103  14.551  1.00 30.73 ? 57  ARG A N   1 
ATOM   235  C CA  . ARG A 1 31  ? 2.780   -0.838  15.097  1.00 29.06 ? 57  ARG A CA  1 
ATOM   236  C C   . ARG A 1 31  ? 3.792   -0.123  14.189  1.00 31.82 ? 57  ARG A C   1 
ATOM   237  O O   . ARG A 1 31  ? 4.665   -0.755  13.626  1.00 29.81 ? 57  ARG A O   1 
ATOM   238  C CB  . ARG A 1 31  ? 3.394   -1.140  16.474  1.00 34.54 ? 57  ARG A CB  1 
ATOM   239  C CG  . ARG A 1 31  ? 4.127   -0.047  17.169  1.00 38.88 ? 57  ARG A CG  1 
ATOM   240  C CD  . ARG A 1 31  ? 4.762   -0.600  18.419  1.00 38.49 ? 57  ARG A CD  1 
ATOM   241  N NE  . ARG A 1 31  ? 5.581   0.437   19.020  1.00 44.55 ? 57  ARG A NE  1 
ATOM   242  C CZ  . ARG A 1 31  ? 6.293   0.278   20.136  1.00 41.39 ? 57  ARG A CZ  1 
ATOM   243  N NH1 . ARG A 1 31  ? 6.319   -0.883  20.770  1.00 38.92 ? 57  ARG A NH1 1 
ATOM   244  N NH2 . ARG A 1 31  ? 6.982   1.287   20.619  1.00 44.51 ? 57  ARG A NH2 1 
ATOM   245  N N   . LEU A 1 32  ? 3.678   1.209   14.090  1.00 26.35 ? 58  LEU A N   1 
ATOM   246  C CA  . LEU A 1 32  ? 4.627   2.030   13.314  1.00 29.22 ? 58  LEU A CA  1 
ATOM   247  C C   . LEU A 1 32  ? 6.064   1.712   13.652  1.00 32.39 ? 58  LEU A C   1 
ATOM   248  O O   . LEU A 1 32  ? 6.443   1.654   14.825  1.00 35.42 ? 58  LEU A O   1 
ATOM   249  C CB  . LEU A 1 32  ? 4.405   3.532   13.552  1.00 26.26 ? 58  LEU A CB  1 
ATOM   250  C CG  . LEU A 1 32  ? 5.389   4.404   12.732  1.00 29.37 ? 58  LEU A CG  1 
ATOM   251  C CD1 . LEU A 1 32  ? 5.060   4.283   11.235  1.00 30.38 ? 58  LEU A CD1 1 
ATOM   252  C CD2 . LEU A 1 32  ? 5.158   5.843   13.157  1.00 32.48 ? 58  LEU A CD2 1 
ATOM   253  N N   . LEU A 1 33  ? 6.802   1.371   12.611  1.00 32.28 ? 59  LEU A N   1 
ATOM   254  C CA  . LEU A 1 33  ? 8.200   1.013   12.710  1.00 36.88 ? 59  LEU A CA  1 
ATOM   255  C C   . LEU A 1 33  ? 9.016   2.221   12.168  1.00 38.63 ? 59  LEU A C   1 
ATOM   256  O O   . LEU A 1 33  ? 9.598   2.915   12.959  1.00 44.16 ? 59  LEU A O   1 
ATOM   257  C CB  . LEU A 1 33  ? 8.474   -0.323  11.979  1.00 33.99 ? 59  LEU A CB  1 
ATOM   258  C CG  . LEU A 1 33  ? 9.992   -0.545  11.940  1.00 40.86 ? 59  LEU A CG  1 
ATOM   259  C CD1 . LEU A 1 33  ? 10.473  -0.807  13.401  1.00 41.07 ? 59  LEU A CD1 1 
ATOM   260  C CD2 . LEU A 1 33  ? 10.299  -1.671  10.975  1.00 37.49 ? 59  LEU A CD2 1 
ATOM   261  N N   . ASP A 1 34  ? 8.989   2.525   10.863  1.00 38.68 ? 60  ASP A N   1 
ATOM   262  C CA  . ASP A 1 34  ? 9.601   3.764   10.304  1.00 40.55 ? 60  ASP A CA  1 
ATOM   263  C C   . ASP A 1 34  ? 8.704   4.560   9.383   1.00 42.83 ? 60  ASP A C   1 
ATOM   264  O O   . ASP A 1 34  ? 8.225   4.000   8.371   1.00 38.56 ? 60  ASP A O   1 
ATOM   265  C CB  . ASP A 1 34  ? 10.888  3.456   9.546   1.00 43.27 ? 60  ASP A CB  1 
ATOM   266  C CG  . ASP A 1 34  ? 11.913  2.923   10.442  1.00 53.77 ? 60  ASP A CG  1 
ATOM   267  O OD1 . ASP A 1 34  ? 12.198  3.665   11.420  1.00 53.67 ? 60  ASP A OD1 1 
ATOM   268  O OD2 . ASP A 1 34  ? 12.391  1.768   10.222  1.00 58.60 ? 60  ASP A OD2 1 
ATOM   269  N N   . LEU A 1 35  ? 8.469   5.836   9.731   1.00 36.53 ? 61  LEU A N   1 
ATOM   270  C CA  . LEU A 1 35  ? 7.727   6.764   8.852   1.00 33.97 ? 61  LEU A CA  1 
ATOM   271  C C   . LEU A 1 35  ? 8.683   7.482   7.889   1.00 38.59 ? 61  LEU A C   1 
ATOM   272  O O   . LEU A 1 35  ? 9.628   8.149   8.314   1.00 35.79 ? 61  LEU A O   1 
ATOM   273  C CB  . LEU A 1 35  ? 6.926   7.796   9.686   1.00 36.32 ? 61  LEU A CB  1 
ATOM   274  C CG  . LEU A 1 35  ? 6.180   8.890   8.928   1.00 36.46 ? 61  LEU A CG  1 
ATOM   275  C CD1 . LEU A 1 35  ? 5.180   8.364   7.896   1.00 32.34 ? 61  LEU A CD1 1 
ATOM   276  C CD2 . LEU A 1 35  ? 5.506   9.903   9.853   1.00 37.26 ? 61  LEU A CD2 1 
ATOM   277  N N   . ASP A 1 36  ? 8.449   7.366   6.581   1.00 36.81 ? 62  ASP A N   1 
ATOM   278  C CA  . ASP A 1 36  ? 9.326   8.090   5.654   1.00 38.46 ? 62  ASP A CA  1 
ATOM   279  C C   . ASP A 1 36  ? 9.174   9.578   5.814   1.00 44.73 ? 62  ASP A C   1 
ATOM   280  O O   . ASP A 1 36  ? 8.067   10.085  5.942   1.00 48.97 ? 62  ASP A O   1 
ATOM   281  C CB  . ASP A 1 36  ? 9.081   7.686   4.197   1.00 40.64 ? 62  ASP A CB  1 
ATOM   282  C CG  . ASP A 1 36  ? 9.383   6.209   3.950   1.00 34.40 ? 62  ASP A CG  1 
ATOM   283  O OD1 . ASP A 1 36  ? 10.120  5.644   4.721   1.00 34.95 ? 62  ASP A OD1 1 
ATOM   284  O OD2 . ASP A 1 36  ? 8.865   5.618   3.018   1.00 34.69 ? 62  ASP A OD2 1 
ATOM   285  N N   . PRO A 1 37  ? 10.290  10.304  5.799   1.00 45.20 ? 63  PRO A N   1 
ATOM   286  C CA  . PRO A 1 37  ? 10.178  11.752  5.881   1.00 47.31 ? 63  PRO A CA  1 
ATOM   287  C C   . PRO A 1 37  ? 9.643   12.330  4.569   1.00 47.81 ? 63  PRO A C   1 
ATOM   288  O O   . PRO A 1 37  ? 10.030  11.879  3.518   1.00 45.71 ? 63  PRO A O   1 
ATOM   289  C CB  . PRO A 1 37  ? 11.632  12.192  6.085   1.00 49.51 ? 63  PRO A CB  1 
ATOM   290  C CG  . PRO A 1 37  ? 12.449  11.099  5.448   1.00 49.21 ? 63  PRO A CG  1 
ATOM   291  C CD  . PRO A 1 37  ? 11.678  9.823   5.673   1.00 47.83 ? 63  PRO A CD  1 
ATOM   292  N N   . ARG A 1 38  ? 8.782   13.342  4.626   1.00 54.65 ? 64  ARG A N   1 
ATOM   293  C CA  . ARG A 1 38  ? 8.463   14.164  3.452   1.00 50.27 ? 64  ARG A CA  1 
ATOM   294  C C   . ARG A 1 38  ? 8.225   15.557  3.931   1.00 63.00 ? 64  ARG A C   1 
ATOM   295  O O   . ARG A 1 38  ? 7.081   16.021  3.807   1.00 68.06 ? 64  ARG A O   1 
ATOM   296  C CB  . ARG A 1 38  ? 7.138   13.761  2.820   1.00 53.54 ? 64  ARG A CB  1 
ATOM   297  C CG  . ARG A 1 38  ? 7.185   12.526  1.950   1.00 52.12 ? 64  ARG A CG  1 
ATOM   298  C CD  . ARG A 1 38  ? 5.830   11.837  1.948   1.00 47.37 ? 64  ARG A CD  1 
ATOM   299  N NE  . ARG A 1 38  ? 5.911   10.446  1.461   1.00 46.80 ? 64  ARG A NE  1 
ATOM   300  C CZ  . ARG A 1 38  ? 6.051   10.137  0.189   1.00 46.70 ? 64  ARG A CZ  1 
ATOM   301  N NH1 . ARG A 1 38  ? 6.112   11.085  -0.730  1.00 49.98 ? 64  ARG A NH1 1 
ATOM   302  N NH2 . ARG A 1 38  ? 6.100   8.890   -0.178  1.00 48.81 ? 64  ARG A NH2 1 
ATOM   303  N N   . THR A 1 40  ? 7.457   17.512  2.368   1.00 46.87 ? 66  THR A N   1 
ATOM   304  C CA  . THR A 1 40  ? 7.134   18.845  2.821   1.00 53.27 ? 66  THR A CA  1 
ATOM   305  C C   . THR A 1 40  ? 5.754   19.140  2.282   1.00 58.09 ? 66  THR A C   1 
ATOM   306  O O   . THR A 1 40  ? 5.456   18.856  1.118   1.00 58.40 ? 66  THR A O   1 
ATOM   307  C CB  . THR A 1 40  ? 8.123   19.871  2.219   1.00 64.29 ? 66  THR A CB  1 
ATOM   308  O OG1 . THR A 1 40  ? 8.651   19.312  1.010   1.00 74.94 ? 66  THR A OG1 1 
ATOM   309  C CG2 . THR A 1 40  ? 9.286   20.126  3.177   1.00 64.47 ? 66  THR A CG2 1 
ATOM   310  N N   . MET A 1 41  ? 4.892   19.706  3.109   1.00 51.06 ? 67  MET A N   1 
ATOM   311  C CA  . MET A 1 41  ? 3.523   19.826  2.703   1.00 53.54 ? 67  MET A CA  1 
ATOM   312  C C   . MET A 1 41  ? 3.052   21.230  2.340   1.00 58.00 ? 67  MET A C   1 
ATOM   313  O O   . MET A 1 41  ? 3.729   22.225  2.575   1.00 58.66 ? 67  MET A O   1 
ATOM   314  C CB  . MET A 1 41  ? 2.642   19.202  3.768   1.00 57.98 ? 67  MET A CB  1 
ATOM   315  C CG  . MET A 1 41  ? 2.924   17.703  3.883   1.00 56.25 ? 67  MET A CG  1 
ATOM   316  S SD  . MET A 1 41  ? 2.818   17.192  5.610   1.00 66.54 ? 67  MET A SD  1 
ATOM   317  C CE  . MET A 1 41  ? 1.062   17.346  5.793   1.00 43.05 ? 67  MET A CE  1 
ATOM   318  N N   . ASP A 1 42  ? 1.878   21.295  1.741   1.00 52.83 ? 68  ASP A N   1 
ATOM   319  C CA  . ASP A 1 42  ? 1.412   22.559  1.181   1.00 66.15 ? 68  ASP A CA  1 
ATOM   320  C C   . ASP A 1 42  ? 0.504   23.394  2.108   1.00 69.10 ? 68  ASP A C   1 
ATOM   321  O O   . ASP A 1 42  ? 0.343   24.606  1.883   1.00 67.87 ? 68  ASP A O   1 
ATOM   322  C CB  . ASP A 1 42  ? 0.698   22.298  -0.125  1.00 60.64 ? 68  ASP A CB  1 
ATOM   323  C CG  . ASP A 1 42  ? -0.660  21.719  0.078   1.00 49.15 ? 68  ASP A CG  1 
ATOM   324  O OD1 . ASP A 1 42  ? -0.959  21.196  1.154   1.00 56.20 ? 68  ASP A OD1 1 
ATOM   325  O OD2 . ASP A 1 42  ? -1.449  21.784  -0.850  1.00 46.10 ? 68  ASP A OD2 1 
ATOM   326  N N   . GLY A 1 43  ? -0.117  22.755  3.106   1.00 62.56 ? 69  GLY A N   1 
ATOM   327  C CA  . GLY A 1 43  ? -0.813  23.523  4.140   1.00 59.43 ? 69  GLY A CA  1 
ATOM   328  C C   . GLY A 1 43  ? -2.306  23.621  4.087   1.00 56.27 ? 69  GLY A C   1 
ATOM   329  O O   . GLY A 1 43  ? -2.914  24.427  4.786   1.00 61.91 ? 69  GLY A O   1 
ATOM   330  N N   . ASP A 1 44  ? -2.895  22.766  3.282   1.00 52.65 ? 70  ASP A N   1 
ATOM   331  C CA  . ASP A 1 44  ? -4.307  22.628  3.174   1.00 52.57 ? 70  ASP A CA  1 
ATOM   332  C C   . ASP A 1 44  ? -4.673  21.236  3.747   1.00 59.66 ? 70  ASP A C   1 
ATOM   333  O O   . ASP A 1 44  ? -4.090  20.228  3.342   1.00 55.22 ? 70  ASP A O   1 
ATOM   334  C CB  . ASP A 1 44  ? -4.595  22.737  1.693   1.00 55.82 ? 70  ASP A CB  1 
ATOM   335  C CG  . ASP A 1 44  ? -6.025  22.525  1.334   1.00 53.91 ? 70  ASP A CG  1 
ATOM   336  O OD1 . ASP A 1 44  ? -6.876  22.136  2.165   1.00 61.14 ? 70  ASP A OD1 1 
ATOM   337  O OD2 . ASP A 1 44  ? -6.298  22.737  0.128   1.00 67.37 ? 70  ASP A OD2 1 
ATOM   338  N N   . PRO A 1 45  ? -5.635  21.182  4.690   1.00 59.07 ? 71  PRO A N   1 
ATOM   339  C CA  . PRO A 1 45  ? -5.883  19.996  5.530   1.00 55.38 ? 71  PRO A CA  1 
ATOM   340  C C   . PRO A 1 45  ? -6.856  19.005  4.930   1.00 50.81 ? 71  PRO A C   1 
ATOM   341  O O   . PRO A 1 45  ? -7.018  17.907  5.454   1.00 45.22 ? 71  PRO A O   1 
ATOM   342  C CB  . PRO A 1 45  ? -6.548  20.603  6.745   1.00 65.32 ? 71  PRO A CB  1 
ATOM   343  C CG  . PRO A 1 45  ? -7.381  21.701  6.142   1.00 60.35 ? 71  PRO A CG  1 
ATOM   344  C CD  . PRO A 1 45  ? -6.497  22.313  5.094   1.00 54.10 ? 71  PRO A CD  1 
ATOM   345  N N   . ASP A 1 46  ? -7.542  19.417  3.870   1.00 45.87 ? 72  ASP A N   1 
ATOM   346  C CA  . ASP A 1 46  ? -8.503  18.574  3.252   1.00 42.68 ? 72  ASP A CA  1 
ATOM   347  C C   . ASP A 1 46  ? -7.944  17.885  2.016   1.00 37.42 ? 72  ASP A C   1 
ATOM   348  O O   . ASP A 1 46  ? -8.652  17.119  1.377   1.00 40.22 ? 72  ASP A O   1 
ATOM   349  C CB  . ASP A 1 46  ? -9.759  19.384  2.904   1.00 55.85 ? 72  ASP A CB  1 
ATOM   350  C CG  . ASP A 1 46  ? -10.760 19.468  4.090   1.00 69.81 ? 72  ASP A CG  1 
ATOM   351  O OD1 . ASP A 1 46  ? -10.928 18.457  4.848   1.00 58.22 ? 72  ASP A OD1 1 
ATOM   352  O OD2 . ASP A 1 46  ? -11.392 20.544  4.232   1.00 78.41 ? 72  ASP A OD2 1 
ATOM   353  N N   . THR A 1 47  ? -6.717  18.193  1.643   1.00 34.77 ? 73  THR A N   1 
ATOM   354  C CA  . THR A 1 47  ? -6.164  17.517  0.444   1.00 41.32 ? 73  THR A CA  1 
ATOM   355  C C   . THR A 1 47  ? -5.297  16.288  0.861   1.00 42.14 ? 73  THR A C   1 
ATOM   356  O O   . THR A 1 47  ? -4.452  16.435  1.757   1.00 42.31 ? 73  THR A O   1 
ATOM   357  C CB  . THR A 1 47  ? -5.284  18.454  -0.438  1.00 39.47 ? 73  THR A CB  1 
ATOM   358  O OG1 . THR A 1 47  ? -4.268  19.028  0.348   1.00 39.22 ? 73  THR A OG1 1 
ATOM   359  C CG2 . THR A 1 47  ? -6.069  19.580  -1.050  1.00 42.08 ? 73  THR A CG2 1 
ATOM   360  N N   . PRO A 1 48  ? -5.412  15.124  0.153   1.00 39.02 ? 74  PRO A N   1 
ATOM   361  C CA  . PRO A 1 48  ? -4.553  13.989  0.578   1.00 37.64 ? 74  PRO A CA  1 
ATOM   362  C C   . PRO A 1 48  ? -3.047  14.251  0.615   1.00 39.81 ? 74  PRO A C   1 
ATOM   363  O O   . PRO A 1 48  ? -2.486  14.825  -0.305  1.00 38.59 ? 74  PRO A O   1 
ATOM   364  C CB  . PRO A 1 48  ? -4.914  12.857  -0.408  1.00 37.86 ? 74  PRO A CB  1 
ATOM   365  C CG  . PRO A 1 48  ? -6.256  13.211  -0.896  1.00 42.78 ? 74  PRO A CG  1 
ATOM   366  C CD  . PRO A 1 48  ? -6.266  14.755  -0.971  1.00 41.02 ? 74  PRO A CD  1 
ATOM   367  N N   . LYS A 1 49  ? -2.383  13.825  1.701   1.00 34.38 ? 75  LYS A N   1 
ATOM   368  C CA  . LYS A 1 49  ? -0.958  13.963  1.832   1.00 34.43 ? 75  LYS A CA  1 
ATOM   369  C C   . LYS A 1 49  ? -0.339  12.584  1.581   1.00 35.41 ? 75  LYS A C   1 
ATOM   370  O O   . LYS A 1 49  ? -0.771  11.614  2.201   1.00 26.88 ? 75  LYS A O   1 
ATOM   371  C CB  . LYS A 1 49  ? -0.607  14.401  3.254   1.00 35.57 ? 75  LYS A CB  1 
ATOM   372  C CG  . LYS A 1 49  ? -1.253  15.733  3.653   1.00 38.40 ? 75  LYS A CG  1 
ATOM   373  C CD  . LYS A 1 49  ? -0.988  16.890  2.647   1.00 41.28 ? 75  LYS A CD  1 
ATOM   374  C CE  . LYS A 1 49  ? -1.777  18.178  3.034   1.00 47.66 ? 75  LYS A CE  1 
ATOM   375  N NZ  . LYS A 1 49  ? -1.795  19.176  1.911   1.00 50.86 ? 75  LYS A NZ  1 
ATOM   376  N N   . PRO A 1 50  ? 0.687   12.505  0.728   1.00 33.95 ? 76  PRO A N   1 
ATOM   377  C CA  . PRO A 1 50  ? 1.396   11.242  0.620   1.00 31.85 ? 76  PRO A CA  1 
ATOM   378  C C   . PRO A 1 50  ? 1.958   10.729  1.929   1.00 33.20 ? 76  PRO A C   1 
ATOM   379  O O   . PRO A 1 50  ? 2.515   11.504  2.723   1.00 35.39 ? 76  PRO A O   1 
ATOM   380  C CB  . PRO A 1 50  ? 2.528   11.552  -0.374  1.00 35.66 ? 76  PRO A CB  1 
ATOM   381  C CG  . PRO A 1 50  ? 2.637   13.023  -0.434  1.00 38.00 ? 76  PRO A CG  1 
ATOM   382  C CD  . PRO A 1 50  ? 1.282   13.567  -0.120  1.00 36.19 ? 76  PRO A CD  1 
ATOM   383  N N   . VAL A 1 51  ? 1.770   9.425   2.179   1.00 24.68 ? 77  VAL A N   1 
ATOM   384  C CA  . VAL A 1 51  ? 2.465   8.721   3.258   1.00 26.11 ? 77  VAL A CA  1 
ATOM   385  C C   . VAL A 1 51  ? 3.165   7.431   2.771   1.00 25.47 ? 77  VAL A C   1 
ATOM   386  O O   . VAL A 1 51  ? 2.735   6.756   1.820   1.00 29.04 ? 77  VAL A O   1 
ATOM   387  C CB  . VAL A 1 51  ? 1.549   8.339   4.455   1.00 26.40 ? 77  VAL A CB  1 
ATOM   388  C CG1 . VAL A 1 51  ? 1.081   9.594   5.176   1.00 30.67 ? 77  VAL A CG1 1 
ATOM   389  C CG2 . VAL A 1 51  ? 0.373   7.454   4.010   1.00 25.24 ? 77  VAL A CG2 1 
ATOM   390  N N   . SER A 1 52  ? 4.274   7.083   3.408   1.00 28.05 ? 78  SER A N   1 
ATOM   391  C CA  . SER A 1 52  ? 4.782   5.752   3.214   1.00 29.35 ? 78  SER A CA  1 
ATOM   392  C C   . SER A 1 52  ? 5.541   5.445   4.489   1.00 28.64 ? 78  SER A C   1 
ATOM   393  O O   . SER A 1 52  ? 6.143   6.356   5.104   1.00 34.56 ? 78  SER A O   1 
ATOM   394  C CB  . SER A 1 52  ? 5.647   5.688   1.957   1.00 32.91 ? 78  SER A CB  1 
ATOM   395  O OG  . SER A 1 52  ? 6.653   6.717   2.012   1.00 32.25 ? 78  SER A OG  1 
ATOM   396  N N   . PHE A 1 53  ? 5.452   4.202   4.950   1.00 27.31 ? 79  PHE A N   1 
ATOM   397  C CA  . PHE A 1 53  ? 6.005   3.856   6.245   1.00 26.98 ? 79  PHE A CA  1 
ATOM   398  C C   . PHE A 1 53  ? 5.957   2.373   6.421   1.00 29.02 ? 79  PHE A C   1 
ATOM   399  O O   . PHE A 1 53  ? 5.232   1.701   5.666   1.00 33.48 ? 79  PHE A O   1 
ATOM   400  C CB  . PHE A 1 53  ? 5.200   4.545   7.402   1.00 29.42 ? 79  PHE A CB  1 
ATOM   401  C CG  . PHE A 1 53  ? 3.718   4.230   7.406   1.00 29.15 ? 79  PHE A CG  1 
ATOM   402  C CD1 . PHE A 1 53  ? 2.814   5.018   6.675   1.00 32.63 ? 79  PHE A CD1 1 
ATOM   403  C CD2 . PHE A 1 53  ? 3.218   3.164   8.155   1.00 30.89 ? 79  PHE A CD2 1 
ATOM   404  C CE1 . PHE A 1 53  ? 1.448   4.755   6.728   1.00 26.35 ? 79  PHE A CE1 1 
ATOM   405  C CE2 . PHE A 1 53  ? 1.842   2.865   8.205   1.00 27.62 ? 79  PHE A CE2 1 
ATOM   406  C CZ  . PHE A 1 53  ? 0.964   3.684   7.517   1.00 28.61 ? 79  PHE A CZ  1 
ATOM   407  N N   . THR A 1 54  ? 6.620   1.842   7.450   1.00 27.65 ? 80  THR A N   1 
ATOM   408  C CA  . THR A 1 54  ? 6.566   0.410   7.678   1.00 28.65 ? 80  THR A CA  1 
ATOM   409  C C   . THR A 1 54  ? 5.892   0.238   9.016   1.00 31.51 ? 80  THR A C   1 
ATOM   410  O O   . THR A 1 54  ? 5.922   1.141   9.828   1.00 27.95 ? 80  THR A O   1 
ATOM   411  C CB  . THR A 1 54  ? 7.947   -0.279  7.760   1.00 33.42 ? 80  THR A CB  1 
ATOM   412  O OG1 . THR A 1 54  ? 8.777   0.541   8.559   1.00 31.81 ? 80  THR A OG1 1 
ATOM   413  C CG2 . THR A 1 54  ? 8.579   -0.455  6.406   1.00 33.55 ? 80  THR A CG2 1 
ATOM   414  N N   . VAL A 1 55  ? 5.234   -0.905  9.193   1.00 34.26 ? 81  VAL A N   1 
ATOM   415  C CA  . VAL A 1 55  ? 4.726   -1.344  10.441  1.00 29.18 ? 81  VAL A CA  1 
ATOM   416  C C   . VAL A 1 55  ? 5.304   -2.742  10.718  1.00 34.72 ? 81  VAL A C   1 
ATOM   417  O O   . VAL A 1 55  ? 5.606   -3.509  9.800   1.00 31.26 ? 81  VAL A O   1 
ATOM   418  C CB  . VAL A 1 55  ? 3.174   -1.349  10.466  1.00 27.82 ? 81  VAL A CB  1 
ATOM   419  C CG1 . VAL A 1 55  ? 2.606   0.079   10.332  1.00 29.19 ? 81  VAL A CG1 1 
ATOM   420  C CG2 . VAL A 1 55  ? 2.581   -2.276  9.400   1.00 27.90 ? 81  VAL A CG2 1 
ATOM   421  N N   . LYS A 1 56  ? 5.427   -3.071  12.000  1.00 30.14 ? 82  LYS A N   1 
ATOM   422  C CA  . LYS A 1 56  ? 5.873   -4.377  12.425  1.00 32.29 ? 82  LYS A CA  1 
ATOM   423  C C   . LYS A 1 56  ? 4.984   -4.969  13.492  1.00 32.02 ? 82  LYS A C   1 
ATOM   424  O O   . LYS A 1 56  ? 4.361   -4.260  14.343  1.00 32.10 ? 82  LYS A O   1 
ATOM   425  C CB  . LYS A 1 56  ? 7.284   -4.233  12.988  1.00 34.00 ? 82  LYS A CB  1 
ATOM   426  C CG  . LYS A 1 56  ? 7.922   -5.547  13.340  1.00 33.00 ? 82  LYS A CG  1 
ATOM   427  C CD  . LYS A 1 56  ? 9.367   -5.221  13.657  1.00 35.76 ? 82  LYS A CD  1 
ATOM   428  C CE  . LYS A 1 56  ? 9.994   -6.513  14.153  1.00 42.19 ? 82  LYS A CE  1 
ATOM   429  N NZ  . LYS A 1 56  ? 11.450  -6.281  14.269  1.00 51.46 ? 82  LYS A NZ  1 
ATOM   430  N N   . GLU A 1 57  ? 4.868   -6.286  13.387  1.00 32.65 ? 83  GLU A N   1 
ATOM   431  C CA  . GLU A 1 57  ? 4.034   -7.116  14.267  1.00 33.44 ? 83  GLU A CA  1 
ATOM   432  C C   . GLU A 1 57  ? 4.541   -6.975  15.715  1.00 29.47 ? 83  GLU A C   1 
ATOM   433  O O   . GLU A 1 57  ? 5.767   -6.944  15.953  1.00 32.31 ? 83  GLU A O   1 
ATOM   434  C CB  . GLU A 1 57  ? 4.224   -8.589  13.858  1.00 35.24 ? 83  GLU A CB  1 
ATOM   435  C CG  . GLU A 1 57  ? 3.019   -9.452  14.124  1.00 41.13 ? 83  GLU A CG  1 
ATOM   436  C CD  . GLU A 1 57  ? 3.311   -10.926 13.894  1.00 39.68 ? 83  GLU A CD  1 
ATOM   437  O OE1 . GLU A 1 57  ? 4.343   -11.200 13.299  1.00 39.25 ? 83  GLU A OE1 1 
ATOM   438  O OE2 . GLU A 1 57  ? 2.525   -11.775 14.348  1.00 46.47 ? 83  GLU A OE2 1 
ATOM   439  N N   . THR A 1 58  ? 3.607   -6.787  16.624  1.00 32.76 ? 84  THR A N   1 
ATOM   440  C CA  . THR A 1 58  ? 3.920   -6.745  18.081  1.00 34.64 ? 84  THR A CA  1 
ATOM   441  C C   . THR A 1 58  ? 3.480   -8.044  18.761  1.00 39.18 ? 84  THR A C   1 
ATOM   442  O O   . THR A 1 58  ? 2.914   -8.912  18.117  1.00 37.69 ? 84  THR A O   1 
ATOM   443  C CB  . THR A 1 58  ? 3.189   -5.605  18.817  1.00 36.25 ? 84  THR A CB  1 
ATOM   444  O OG1 . THR A 1 58  ? 1.775   -5.878  18.829  1.00 32.83 ? 84  THR A OG1 1 
ATOM   445  C CG2 . THR A 1 58  ? 3.548   -4.212  18.141  1.00 31.69 ? 84  THR A CG2 1 
ATOM   446  N N   . VAL A 1 59  ? 3.723   -8.150  20.075  1.00 37.90 ? 85  VAL A N   1 
ATOM   447  C CA  . VAL A 1 59  ? 3.321   -9.296  20.834  1.00 38.31 ? 85  VAL A CA  1 
ATOM   448  C C   . VAL A 1 59  ? 1.877   -9.185  21.289  1.00 38.49 ? 85  VAL A C   1 
ATOM   449  O O   . VAL A 1 59  ? 1.329   -10.090 21.889  1.00 38.18 ? 85  VAL A O   1 
ATOM   450  C CB  . VAL A 1 59  ? 4.237   -9.468  22.065  1.00 47.77 ? 85  VAL A CB  1 
ATOM   451  C CG1 . VAL A 1 59  ? 5.690   -9.623  21.611  1.00 49.36 ? 85  VAL A CG1 1 
ATOM   452  C CG2 . VAL A 1 59  ? 4.089   -8.282  23.022  1.00 47.40 ? 85  VAL A CG2 1 
ATOM   453  N N   . CYS A 1 60  ? 1.257   -8.048  21.029  1.00 39.66 ? 86  CYS A N   1 
ATOM   454  C CA  . CYS A 1 60  ? -0.112  -7.823  21.418  1.00 38.39 ? 86  CYS A CA  1 
ATOM   455  C C   . CYS A 1 60  ? -1.026  -8.402  20.393  1.00 41.40 ? 86  CYS A C   1 
ATOM   456  O O   . CYS A 1 60  ? -0.710  -8.326  19.205  1.00 37.59 ? 86  CYS A O   1 
ATOM   457  C CB  . CYS A 1 60  ? -0.408  -6.336  21.472  1.00 39.49 ? 86  CYS A CB  1 
ATOM   458  S SG  . CYS A 1 60  ? 0.350   -5.558  22.910  1.00 42.86 ? 86  CYS A SG  1 
ATOM   459  N N   . PRO A 1 61  ? -2.162  -8.959  20.849  1.00 48.16 ? 87  PRO A N   1 
ATOM   460  C CA  . PRO A 1 61  ? -3.339  -9.319  20.037  1.00 46.28 ? 87  PRO A CA  1 
ATOM   461  C C   . PRO A 1 61  ? -3.859  -8.128  19.255  1.00 42.82 ? 87  PRO A C   1 
ATOM   462  O O   . PRO A 1 61  ? -3.865  -6.999  19.717  1.00 34.09 ? 87  PRO A O   1 
ATOM   463  C CB  . PRO A 1 61  ? -4.396  -9.647  21.091  1.00 52.06 ? 87  PRO A CB  1 
ATOM   464  C CG  . PRO A 1 61  ? -3.899  -9.000  22.379  1.00 49.39 ? 87  PRO A CG  1 
ATOM   465  C CD  . PRO A 1 61  ? -2.413  -9.293  22.271  1.00 49.00 ? 87  PRO A CD  1 
ATOM   466  N N   . ARG A 1 62  ? -4.341  -8.397  18.067  1.00 40.14 ? 88  ARG A N   1 
ATOM   467  C CA  . ARG A 1 62  ? -4.777  -7.322  17.208  1.00 38.26 ? 88  ARG A CA  1 
ATOM   468  C C   . ARG A 1 62  ? -5.826  -6.445  17.900  1.00 40.55 ? 88  ARG A C   1 
ATOM   469  O O   . ARG A 1 62  ? -5.876  -5.202  17.739  1.00 33.63 ? 88  ARG A O   1 
ATOM   470  C CB  . ARG A 1 62  ? -5.304  -7.900  15.886  1.00 33.76 ? 88  ARG A CB  1 
ATOM   471  C CG  . ARG A 1 62  ? -5.797  -6.778  14.983  1.00 37.75 ? 88  ARG A CG  1 
ATOM   472  C CD  . ARG A 1 62  ? -6.194  -7.377  13.651  1.00 40.23 ? 88  ARG A CD  1 
ATOM   473  N NE  . ARG A 1 62  ? -7.235  -8.382  13.867  1.00 38.75 ? 88  ARG A NE  1 
ATOM   474  C CZ  . ARG A 1 62  ? -8.489  -8.066  14.101  1.00 35.54 ? 88  ARG A CZ  1 
ATOM   475  N NH1 . ARG A 1 62  ? -8.876  -6.795  14.113  1.00 34.02 ? 88  ARG A NH1 1 
ATOM   476  N NH2 . ARG A 1 62  ? -9.359  -9.024  14.343  1.00 39.54 ? 88  ARG A NH2 1 
ATOM   477  N N   . THR A 1 63  ? -6.693  -7.081  18.684  1.00 42.43 ? 89  THR A N   1 
ATOM   478  C CA  . THR A 1 63  ? -7.788  -6.342  19.321  1.00 42.54 ? 89  THR A CA  1 
ATOM   479  C C   . THR A 1 63  ? -7.421  -5.841  20.735  1.00 51.97 ? 89  THR A C   1 
ATOM   480  O O   . THR A 1 63  ? -8.303  -5.375  21.466  1.00 52.84 ? 89  THR A O   1 
ATOM   481  C CB  . THR A 1 63  ? -9.009  -7.233  19.441  1.00 45.64 ? 89  THR A CB  1 
ATOM   482  O OG1 . THR A 1 63  ? -8.559  -8.450  20.011  1.00 45.19 ? 89  THR A OG1 1 
ATOM   483  C CG2 . THR A 1 63  ? -9.572  -7.548  18.051  1.00 45.59 ? 89  THR A CG2 1 
ATOM   484  N N   . THR A 1 64  ? -6.149  -5.943  21.130  1.00 45.44 ? 90  THR A N   1 
ATOM   485  C CA  . THR A 1 64  ? -5.743  -5.422  22.478  1.00 49.23 ? 90  THR A CA  1 
ATOM   486  C C   . THR A 1 64  ? -6.227  -4.045  22.718  1.00 43.32 ? 90  THR A C   1 
ATOM   487  O O   . THR A 1 64  ? -6.381  -3.259  21.802  1.00 46.01 ? 90  THR A O   1 
ATOM   488  C CB  . THR A 1 64  ? -4.237  -5.316  22.660  1.00 51.75 ? 90  THR A CB  1 
ATOM   489  O OG1 . THR A 1 64  ? -3.980  -4.933  24.015  1.00 59.58 ? 90  THR A OG1 1 
ATOM   490  C CG2 . THR A 1 64  ? -3.619  -4.260  21.684  1.00 47.78 ? 90  THR A CG2 1 
ATOM   491  N N   . GLN A 1 65  ? -6.457  -3.668  23.961  1.00 58.76 ? 91  GLN A N   1 
ATOM   492  C CA  . GLN A 1 65  ? -6.702  -2.232  24.097  1.00 57.54 ? 91  GLN A CA  1 
ATOM   493  C C   . GLN A 1 65  ? -5.556  -1.515  24.770  1.00 55.19 ? 91  GLN A C   1 
ATOM   494  O O   . GLN A 1 65  ? -5.647  -0.309  25.014  1.00 59.69 ? 91  GLN A O   1 
ATOM   495  C CB  . GLN A 1 65  ? -8.060  -1.881  24.707  1.00 69.23 ? 91  GLN A CB  1 
ATOM   496  C CG  . GLN A 1 65  ? -8.590  -0.520  24.258  1.00 65.14 ? 91  GLN A CG  1 
ATOM   497  C CD  . GLN A 1 65  ? -9.486  -0.584  23.011  1.00 74.54 ? 91  GLN A CD  1 
ATOM   498  O OE1 . GLN A 1 65  ? -10.689 -0.299  23.070  1.00 79.83 ? 91  GLN A OE1 1 
ATOM   499  N NE2 . GLN A 1 65  ? -8.904  -0.951  21.880  1.00 77.01 ? 91  GLN A NE2 1 
ATOM   500  N N   . GLN A 1 66  ? -4.472  -2.261  25.027  1.00 52.49 ? 92  GLN A N   1 
ATOM   501  C CA  . GLN A 1 66  ? -3.141  -1.667  25.315  1.00 47.11 ? 92  GLN A CA  1 
ATOM   502  C C   . GLN A 1 66  ? -2.807  -0.626  24.249  1.00 49.86 ? 92  GLN A C   1 
ATOM   503  O O   . GLN A 1 66  ? -3.018  -0.860  23.060  1.00 53.83 ? 92  GLN A O   1 
ATOM   504  C CB  . GLN A 1 66  ? -2.001  -2.713  25.342  1.00 41.78 ? 92  GLN A CB  1 
ATOM   505  C CG  . GLN A 1 66  ? -2.109  -3.909  26.297  1.00 43.83 ? 92  GLN A CG  1 
ATOM   506  C CD  . GLN A 1 66  ? -0.818  -4.715  26.364  1.00 48.97 ? 92  GLN A CD  1 
ATOM   507  O OE1 . GLN A 1 66  ? 0.258   -4.193  26.110  1.00 49.65 ? 92  GLN A OE1 1 
ATOM   508  N NE2 . GLN A 1 66  ? -0.915  -5.992  26.732  1.00 56.19 ? 92  GLN A NE2 1 
ATOM   509  N N   . SER A 1 67  ? -2.265  0.517   24.680  1.00 46.22 ? 93  SER A N   1 
ATOM   510  C CA  . SER A 1 67  ? -1.599  1.467   23.791  1.00 43.39 ? 93  SER A CA  1 
ATOM   511  C C   . SER A 1 67  ? -0.455  0.838   22.940  1.00 46.29 ? 93  SER A C   1 
ATOM   512  O O   . SER A 1 67  ? 0.374   0.083   23.462  1.00 40.43 ? 93  SER A O   1 
ATOM   513  C CB  . SER A 1 67  ? -1.045  2.588   24.651  1.00 45.51 ? 93  SER A CB  1 
ATOM   514  O OG  . SER A 1 67  ? -0.260  3.417   23.860  1.00 56.28 ? 93  SER A OG  1 
ATOM   515  N N   . PRO A 1 68  ? -0.400  1.140   21.616  1.00 43.20 ? 94  PRO A N   1 
ATOM   516  C CA  . PRO A 1 68  ? 0.595   0.456   20.806  1.00 36.65 ? 94  PRO A CA  1 
ATOM   517  C C   . PRO A 1 68  ? 1.993   0.576   21.382  1.00 33.13 ? 94  PRO A C   1 
ATOM   518  O O   . PRO A 1 68  ? 2.742   -0.396  21.337  1.00 36.96 ? 94  PRO A O   1 
ATOM   519  C CB  . PRO A 1 68  ? 0.436   1.133   19.417  1.00 39.93 ? 94  PRO A CB  1 
ATOM   520  C CG  . PRO A 1 68  ? -1.050  1.457   19.338  1.00 34.32 ? 94  PRO A CG  1 
ATOM   521  C CD  . PRO A 1 68  ? -1.417  1.831   20.789  1.00 38.77 ? 94  PRO A CD  1 
ATOM   522  N N   . GLU A 1 69  ? 2.309   1.713   22.015  1.00 39.93 ? 95  GLU A N   1 
ATOM   523  C CA  . GLU A 1 69  ? 3.636   1.943   22.580  1.00 39.15 ? 95  GLU A CA  1 
ATOM   524  C C   . GLU A 1 69  ? 3.900   0.946   23.663  1.00 38.13 ? 95  GLU A C   1 
ATOM   525  O O   . GLU A 1 69  ? 5.039   0.713   23.982  1.00 35.98 ? 95  GLU A O   1 
ATOM   526  C CB  . GLU A 1 69  ? 3.788   3.343   23.224  1.00 50.38 ? 95  GLU A CB  1 
ATOM   527  C CG  . GLU A 1 69  ? 3.382   4.549   22.372  1.00 64.38 ? 95  GLU A CG  1 
ATOM   528  C CD  . GLU A 1 69  ? 4.532   5.183   21.569  1.00 77.02 ? 95  GLU A CD  1 
ATOM   529  O OE1 . GLU A 1 69  ? 5.374   5.900   22.169  1.00 78.78 ? 95  GLU A OE1 1 
ATOM   530  O OE2 . GLU A 1 69  ? 4.582   4.994   20.329  1.00 77.26 ? 95  GLU A OE2 1 
ATOM   531  N N   . ASP A 1 70  ? 2.846   0.383   24.251  1.00 35.14 ? 96  ASP A N   1 
ATOM   532  C CA  . ASP A 1 70  ? 2.973   -0.682  25.276  1.00 39.29 ? 96  ASP A CA  1 
ATOM   533  C C   . ASP A 1 70  ? 3.074   -2.080  24.669  1.00 43.48 ? 96  ASP A C   1 
ATOM   534  O O   . ASP A 1 70  ? 3.151   -3.087  25.387  1.00 40.57 ? 96  ASP A O   1 
ATOM   535  C CB  . ASP A 1 70  ? 1.790   -0.620  26.268  1.00 40.19 ? 96  ASP A CB  1 
ATOM   536  C CG  . ASP A 1 70  ? 1.888   0.588   27.223  1.00 49.91 ? 96  ASP A CG  1 
ATOM   537  O OD1 . ASP A 1 70  ? 3.019   0.970   27.543  1.00 48.62 ? 96  ASP A OD1 1 
ATOM   538  O OD2 . ASP A 1 70  ? 0.866   1.182   27.636  1.00 46.71 ? 96  ASP A OD2 1 
ATOM   539  N N   . CYS A 1 71  ? 3.098   -2.148  23.340  1.00 35.41 ? 97  CYS A N   1 
ATOM   540  C CA  . CYS A 1 71  ? 3.170   -3.438  22.677  1.00 39.23 ? 97  CYS A CA  1 
ATOM   541  C C   . CYS A 1 71  ? 4.505   -3.571  22.042  1.00 39.66 ? 97  CYS A C   1 
ATOM   542  O O   . CYS A 1 71  ? 4.773   -3.008  20.987  1.00 36.46 ? 97  CYS A O   1 
ATOM   543  C CB  . CYS A 1 71  ? 2.055   -3.588  21.622  1.00 33.13 ? 97  CYS A CB  1 
ATOM   544  S SG  . CYS A 1 71  ? 0.437   -3.585  22.380  1.00 37.53 ? 97  CYS A SG  1 
ATOM   545  N N   . ASP A 1 72  ? 5.366   -4.325  22.709  1.00 39.80 ? 98  ASP A N   1 
ATOM   546  C CA  . ASP A 1 72  ? 6.687   -4.639  22.201  1.00 45.56 ? 98  ASP A CA  1 
ATOM   547  C C   . ASP A 1 72  ? 6.615   -5.245  20.780  1.00 37.75 ? 98  ASP A C   1 
ATOM   548  O O   . ASP A 1 72  ? 5.741   -6.053  20.524  1.00 34.65 ? 98  ASP A O   1 
ATOM   549  C CB  . ASP A 1 72  ? 7.300   -5.688  23.130  1.00 56.55 ? 98  ASP A CB  1 
ATOM   550  C CG  . ASP A 1 72  ? 8.071   -5.086  24.263  1.00 65.23 ? 98  ASP A CG  1 
ATOM   551  O OD1 . ASP A 1 72  ? 8.265   -3.841  24.275  1.00 67.20 ? 98  ASP A OD1 1 
ATOM   552  O OD2 . ASP A 1 72  ? 8.501   -5.886  25.128  1.00 72.66 ? 98  ASP A OD2 1 
ATOM   553  N N   . PHE A 1 73  ? 7.543   -4.866  19.899  1.00 35.37 ? 99  PHE A N   1 
ATOM   554  C CA  . PHE A 1 73  ? 7.691   -5.577  18.611  1.00 44.33 ? 99  PHE A CA  1 
ATOM   555  C C   . PHE A 1 73  ? 8.060   -7.036  18.866  1.00 47.06 ? 99  PHE A C   1 
ATOM   556  O O   . PHE A 1 73  ? 8.908   -7.338  19.716  1.00 48.67 ? 99  PHE A O   1 
ATOM   557  C CB  . PHE A 1 73  ? 8.770   -4.947  17.740  1.00 37.62 ? 99  PHE A CB  1 
ATOM   558  C CG  . PHE A 1 73  ? 8.464   -3.547  17.322  1.00 39.10 ? 99  PHE A CG  1 
ATOM   559  C CD1 . PHE A 1 73  ? 7.415   -3.293  16.465  1.00 38.01 ? 99  PHE A CD1 1 
ATOM   560  C CD2 . PHE A 1 73  ? 9.233   -2.480  17.765  1.00 38.48 ? 99  PHE A CD2 1 
ATOM   561  C CE1 . PHE A 1 73  ? 7.109   -2.001  16.085  1.00 37.31 ? 99  PHE A CE1 1 
ATOM   562  C CE2 . PHE A 1 73  ? 8.922   -1.178  17.395  1.00 42.07 ? 99  PHE A CE2 1 
ATOM   563  C CZ  . PHE A 1 73  ? 7.886   -0.942  16.509  1.00 38.15 ? 99  PHE A CZ  1 
ATOM   564  N N   . LYS A 1 74  ? 7.403   -7.951  18.172  1.00 45.64 ? 100 LYS A N   1 
ATOM   565  C CA  . LYS A 1 74  ? 7.811   -9.352  18.227  1.00 43.65 ? 100 LYS A CA  1 
ATOM   566  C C   . LYS A 1 74  ? 9.178   -9.512  17.606  1.00 48.34 ? 100 LYS A C   1 
ATOM   567  O O   . LYS A 1 74  ? 9.493   -8.910  16.563  1.00 50.64 ? 100 LYS A O   1 
ATOM   568  C CB  . LYS A 1 74  ? 6.753   -10.204 17.576  1.00 42.84 ? 100 LYS A CB  1 
ATOM   569  C CG  . LYS A 1 74  ? 7.189   -11.590 17.198  1.00 49.34 ? 100 LYS A CG  1 
ATOM   570  C CD  . LYS A 1 74  ? 6.105   -12.235 16.358  1.00 53.98 ? 100 LYS A CD  1 
ATOM   571  C CE  . LYS A 1 74  ? 4.798   -12.257 17.125  1.00 52.65 ? 100 LYS A CE  1 
ATOM   572  N NZ  . LYS A 1 74  ? 3.924   -13.380 16.674  1.00 62.75 ? 100 LYS A NZ  1 
ATOM   573  N N   A LYS A 1 75  ? 9.974   -10.324 18.301  0.50 50.35 ? 101 LYS A N   1 
ATOM   574  N N   B LYS A 1 75  ? 10.083  -10.246 18.248  0.50 47.48 ? 101 LYS A N   1 
ATOM   575  C CA  A LYS A 1 75  ? 11.194  -10.895 17.763  0.50 53.05 ? 101 LYS A CA  1 
ATOM   576  C CA  B LYS A 1 75  ? 11.439  -10.447 17.663  0.50 47.72 ? 101 LYS A CA  1 
ATOM   577  C C   A LYS A 1 75  ? 10.820  -11.640 16.481  0.50 45.38 ? 101 LYS A C   1 
ATOM   578  C C   B LYS A 1 75  ? 11.383  -10.857 16.173  0.50 44.22 ? 101 LYS A C   1 
ATOM   579  O O   A LYS A 1 75  ? 9.920   -12.507 16.480  0.50 40.08 ? 101 LYS A O   1 
ATOM   580  O O   B LYS A 1 75  ? 11.998  -10.187 15.294  0.50 42.89 ? 101 LYS A O   1 
ATOM   581  C CB  A LYS A 1 75  ? 11.850  -11.838 18.794  0.50 52.79 ? 101 LYS A CB  1 
ATOM   582  C CB  B LYS A 1 75  ? 12.239  -11.466 18.510  0.50 44.88 ? 101 LYS A CB  1 
ATOM   583  C CG  A LYS A 1 75  ? 13.293  -12.225 18.486  0.50 60.53 ? 101 LYS A CG  1 
ATOM   584  C CG  B LYS A 1 75  ? 13.095  -12.476 17.749  0.50 47.91 ? 101 LYS A CG  1 
ATOM   585  C CD  A LYS A 1 75  ? 14.018  -12.777 19.717  0.50 61.03 ? 101 LYS A CD  1 
ATOM   586  C CD  B LYS A 1 75  ? 13.731  -13.497 18.712  0.50 46.80 ? 101 LYS A CD  1 
ATOM   587  C CE  A LYS A 1 75  ? 13.359  -14.007 20.341  0.50 63.95 ? 101 LYS A CE  1 
ATOM   588  C CE  B LYS A 1 75  ? 12.709  -14.379 19.461  0.50 44.80 ? 101 LYS A CE  1 
ATOM   589  N NZ  A LYS A 1 75  ? 13.783  -15.269 19.663  0.50 60.63 ? 101 LYS A NZ  1 
ATOM   590  N NZ  B LYS A 1 75  ? 12.594  -15.799 18.990  0.50 43.56 ? 101 LYS A NZ  1 
ATOM   591  N N   A ASP A 1 76  ? 11.504  -11.239 15.406  0.50 47.07 ? 102 ASP A N   1 
ATOM   592  N N   B ASP A 1 76  ? 10.635  -11.943 15.917  0.50 43.34 ? 102 ASP A N   1 
ATOM   593  C CA  A ASP A 1 76  ? 11.373  -11.818 14.078  0.50 45.37 ? 102 ASP A CA  1 
ATOM   594  C CA  B ASP A 1 76  ? 10.367  -12.468 14.565  0.50 47.92 ? 102 ASP A CA  1 
ATOM   595  C C   A ASP A 1 76  ? 10.098  -11.299 13.452  0.50 42.54 ? 102 ASP A C   1 
ATOM   596  C C   B ASP A 1 76  ? 9.045   -11.942 14.027  0.50 46.29 ? 102 ASP A C   1 
ATOM   597  O O   A ASP A 1 76  ? 9.578   -11.914 12.537  0.50 36.01 ? 102 ASP A O   1 
ATOM   598  O O   B ASP A 1 76  ? 8.252   -12.676 13.422  0.50 48.40 ? 102 ASP A O   1 
ATOM   599  C CB  A ASP A 1 76  ? 11.284  -13.355 14.152  0.50 46.81 ? 102 ASP A CB  1 
ATOM   600  C CB  B ASP A 1 76  ? 10.399  -14.004 14.525  0.50 49.40 ? 102 ASP A CB  1 
ATOM   601  C CG  A ASP A 1 76  ? 12.393  -13.986 15.009  0.50 48.84 ? 102 ASP A CG  1 
ATOM   602  C CG  B ASP A 1 76  ? 11.791  -14.552 14.181  0.50 57.44 ? 102 ASP A CG  1 
ATOM   603  O OD1 A ASP A 1 76  ? 13.570  -13.606 14.856  0.50 41.82 ? 102 ASP A OD1 1 
ATOM   604  O OD1 B ASP A 1 76  ? 12.573  -13.770 13.574  0.50 56.44 ? 102 ASP A OD1 1 
ATOM   605  O OD2 A ASP A 1 76  ? 12.079  -14.897 15.815  0.50 48.52 ? 102 ASP A OD2 1 
ATOM   606  O OD2 B ASP A 1 76  ? 12.105  -15.742 14.517  0.50 51.21 ? 102 ASP A OD2 1 
ATOM   607  N N   A GLY A 1 77  ? 9.565   -10.201 13.978  0.50 40.09 ? 103 GLY A N   1 
ATOM   608  N N   B GLY A 1 77  ? 8.843   -10.649 14.263  0.50 46.01 ? 103 GLY A N   1 
ATOM   609  C CA  A GLY A 1 77  ? 8.202   -9.803  13.592  0.50 37.62 ? 103 GLY A CA  1 
ATOM   610  C CA  B GLY A 1 77  ? 7.622   -9.928  13.919  0.50 46.10 ? 103 GLY A CA  1 
ATOM   611  C C   A GLY A 1 77  ? 8.074   -9.434  12.133  0.50 29.13 ? 103 GLY A C   1 
ATOM   612  C C   B GLY A 1 77  ? 6.992   -10.044 12.547  0.50 43.27 ? 103 GLY A C   1 
ATOM   613  O O   A GLY A 1 77  ? 8.981   -8.811  11.587  0.50 27.88 ? 103 GLY A O   1 
ATOM   614  O O   B GLY A 1 77  ? 5.909   -10.600 12.424  0.50 40.73 ? 103 GLY A O   1 
ATOM   615  N N   A LEU A 1 78  ? 6.946   -9.809  11.513  0.50 33.05 ? 104 LEU A N   1 
ATOM   616  N N   B LEU A 1 78  ? 7.621   -9.514  11.508  0.50 40.42 ? 104 LEU A N   1 
ATOM   617  C CA  A LEU A 1 78  ? 6.605   -9.352  10.141  0.50 35.00 ? 104 LEU A CA  1 
ATOM   618  C CA  B LEU A 1 78  ? 6.871   -9.360  10.244  0.50 41.71 ? 104 LEU A CA  1 
ATOM   619  C C   A LEU A 1 78  ? 6.690   -7.829  10.065  0.50 36.15 ? 104 LEU A C   1 
ATOM   620  C C   B LEU A 1 78  ? 6.559   -7.883  10.000  0.50 40.37 ? 104 LEU A C   1 
ATOM   621  O O   A LEU A 1 78  ? 6.407   -7.121  11.034  0.50 30.60 ? 104 LEU A O   1 
ATOM   622  O O   B LEU A 1 78  ? 5.813   -7.277  10.780  0.50 37.58 ? 104 LEU A O   1 
ATOM   623  C CB  A LEU A 1 78  ? 5.205   -9.800  9.660   0.50 38.60 ? 104 LEU A CB  1 
ATOM   624  C CB  B LEU A 1 78  ? 5.542   -10.123 10.335  0.50 43.86 ? 104 LEU A CB  1 
ATOM   625  C CG  A LEU A 1 78  ? 4.694   -11.249 9.545   0.50 40.90 ? 104 LEU A CG  1 
ATOM   626  C CG  B LEU A 1 78  ? 5.286   -11.446 9.604   0.50 46.50 ? 104 LEU A CG  1 
ATOM   627  C CD1 A LEU A 1 78  ? 3.549   -11.377 8.533   0.50 39.72 ? 104 LEU A CD1 1 
ATOM   628  C CD1 B LEU A 1 78  ? 4.829   -11.181 8.168   0.50 48.74 ? 104 LEU A CD1 1 
ATOM   629  C CD2 A LEU A 1 78  ? 5.818   -12.209 9.188   0.50 43.27 ? 104 LEU A CD2 1 
ATOM   630  C CD2 B LEU A 1 78  ? 6.479   -12.404 9.675   0.50 46.43 ? 104 LEU A CD2 1 
ATOM   631  N N   . VAL A 1 79  ? 7.104   -7.332  8.908   1.00 34.07 ? 105 VAL A N   1 
ATOM   632  C CA  . VAL A 1 79  ? 7.185   -5.905  8.697   1.00 34.20 ? 105 VAL A CA  1 
ATOM   633  C C   . VAL A 1 79  ? 6.375   -5.782  7.446   1.00 32.82 ? 105 VAL A C   1 
ATOM   634  O O   . VAL A 1 79  ? 6.486   -6.654  6.568   1.00 33.56 ? 105 VAL A O   1 
ATOM   635  C CB  . VAL A 1 79  ? 8.662   -5.489  8.467   1.00 31.61 ? 105 VAL A CB  1 
ATOM   636  C CG1 . VAL A 1 79  ? 8.799   -4.056  7.970   1.00 34.90 ? 105 VAL A CG1 1 
ATOM   637  C CG2 . VAL A 1 79  ? 9.516   -5.727  9.756   1.00 34.88 ? 105 VAL A CG2 1 
ATOM   638  N N   . LYS A 1 80  ? 5.511   -4.773  7.356   1.00 31.06 ? 106 LYS A N   1 
ATOM   639  C CA  . LYS A 1 80  ? 4.755   -4.554  6.120   1.00 32.92 ? 106 LYS A CA  1 
ATOM   640  C C   . LYS A 1 80  ? 5.065   -3.124  5.713   1.00 32.49 ? 106 LYS A C   1 
ATOM   641  O O   . LYS A 1 80  ? 5.134   -2.260  6.591   1.00 31.93 ? 106 LYS A O   1 
ATOM   642  C CB  . LYS A 1 80  ? 3.218   -4.643  6.387   1.00 30.61 ? 106 LYS A CB  1 
ATOM   643  C CG  . LYS A 1 80  ? 2.675   -6.014  6.750   1.00 34.42 ? 106 LYS A CG  1 
ATOM   644  C CD  . LYS A 1 80  ? 1.203   -5.827  7.015   1.00 38.73 ? 106 LYS A CD  1 
ATOM   645  C CE  . LYS A 1 80  ? 0.571   -7.098  7.529   1.00 40.80 ? 106 LYS A CE  1 
ATOM   646  N NZ  . LYS A 1 80  ? -0.890  -6.896  7.344   1.00 36.97 ? 106 LYS A NZ  1 
ATOM   647  N N   . ARG A 1 81  ? 5.201   -2.828  4.414   1.00 30.31 ? 107 ARG A N   1 
ATOM   648  C CA  . ARG A 1 81  ? 5.389   -1.416  4.003   1.00 30.05 ? 107 ARG A CA  1 
ATOM   649  C C   . ARG A 1 81  ? 4.023   -0.941  3.533   1.00 32.74 ? 107 ARG A C   1 
ATOM   650  O O   . ARG A 1 81  ? 3.324   -1.670  2.812   1.00 30.36 ? 107 ARG A O   1 
ATOM   651  C CB  . ARG A 1 81  ? 6.427   -1.272  2.864   1.00 31.14 ? 107 ARG A CB  1 
ATOM   652  C CG  . ARG A 1 81  ? 6.672   0.148   2.339   1.00 30.08 ? 107 ARG A CG  1 
ATOM   653  C CD  . ARG A 1 81  ? 8.057   0.223   1.623   1.00 30.27 ? 107 ARG A CD  1 
ATOM   654  N NE  . ARG A 1 81  ? 8.195   1.456   0.837   1.00 28.14 ? 107 ARG A NE  1 
ATOM   655  C CZ  . ARG A 1 81  ? 8.477   2.640   1.406   1.00 29.69 ? 107 ARG A CZ  1 
ATOM   656  N NH1 . ARG A 1 81  ? 8.612   2.745   2.734   1.00 27.85 ? 107 ARG A NH1 1 
ATOM   657  N NH2 . ARG A 1 81  ? 8.548   3.754   0.690   1.00 33.06 ? 107 ARG A NH2 1 
ATOM   658  N N   . CYS A 1 82  ? 3.655   0.256   3.972   1.00 28.49 ? 108 CYS A N   1 
ATOM   659  C CA  . CYS A 1 82  ? 2.338   0.840   3.759   1.00 28.95 ? 108 CYS A CA  1 
ATOM   660  C C   . CYS A 1 82  ? 2.523   2.083   2.913   1.00 27.94 ? 108 CYS A C   1 
ATOM   661  O O   . CYS A 1 82  ? 3.410   2.918   3.163   1.00 31.18 ? 108 CYS A O   1 
ATOM   662  C CB  . CYS A 1 82  ? 1.719   1.193   5.115   1.00 28.31 ? 108 CYS A CB  1 
ATOM   663  S SG  . CYS A 1 82  ? 1.648   -0.232  6.305   1.00 30.94 ? 108 CYS A SG  1 
ATOM   664  N N   . MET A 1 83  ? 1.690   2.206   1.906   1.00 28.04 ? 109 MET A N   1 
ATOM   665  C CA  . MET A 1 83  ? 1.783   3.316   0.987   1.00 26.37 ? 109 MET A CA  1 
ATOM   666  C C   . MET A 1 83  ? 0.396   3.857   0.775   1.00 24.98 ? 109 MET A C   1 
ATOM   667  O O   . MET A 1 83  ? -0.506  3.078   0.697   1.00 28.52 ? 109 MET A O   1 
ATOM   668  C CB  . MET A 1 83  ? 2.196   2.843   -0.417  1.00 27.77 ? 109 MET A CB  1 
ATOM   669  C CG  . MET A 1 83  ? 3.479   2.036   -0.523  1.00 33.42 ? 109 MET A CG  1 
ATOM   670  S SD  . MET A 1 83  ? 4.930   3.057   -0.147  1.00 41.39 ? 109 MET A SD  1 
ATOM   671  C CE  . MET A 1 83  ? 5.160   4.034   -1.652  1.00 32.99 ? 109 MET A CE  1 
ATOM   672  N N   . GLY A 1 84  ? 0.260   5.186   0.616   1.00 24.44 ? 110 GLY A N   1 
ATOM   673  C CA  . GLY A 1 84  ? -0.994  5.775   0.191   1.00 24.47 ? 110 GLY A CA  1 
ATOM   674  C C   . GLY A 1 84  ? -1.070  7.241   0.654   1.00 25.61 ? 110 GLY A C   1 
ATOM   675  O O   . GLY A 1 84  ? -0.111  7.992   0.505   1.00 26.17 ? 110 GLY A O   1 
ATOM   676  N N   . THR A 1 85  ? -2.210  7.637   1.196   1.00 27.51 ? 111 THR A N   1 
ATOM   677  C CA  . THR A 1 85  ? -2.358  8.997   1.637   1.00 27.62 ? 111 THR A CA  1 
ATOM   678  C C   . THR A 1 85  ? -3.105  9.013   2.941   1.00 31.53 ? 111 THR A C   1 
ATOM   679  O O   . THR A 1 85  ? -3.873  8.049   3.270   1.00 28.38 ? 111 THR A O   1 
ATOM   680  C CB  . THR A 1 85  ? -3.222  9.813   0.632   1.00 28.20 ? 111 THR A CB  1 
ATOM   681  O OG1 . THR A 1 85  ? -4.503  9.193   0.447   1.00 27.68 ? 111 THR A OG1 1 
ATOM   682  C CG2 . THR A 1 85  ? -2.524  9.870   -0.722  1.00 29.94 ? 111 THR A CG2 1 
ATOM   683  N N   . VAL A 1 86  ? -2.890  10.100  3.679   1.00 26.69 ? 112 VAL A N   1 
ATOM   684  C CA  . VAL A 1 86  ? -3.797  10.388  4.808   1.00 28.16 ? 112 VAL A CA  1 
ATOM   685  C C   . VAL A 1 86  ? -4.467  11.682  4.500   1.00 30.06 ? 112 VAL A C   1 
ATOM   686  O O   . VAL A 1 86  ? -3.954  12.420  3.692   1.00 31.52 ? 112 VAL A O   1 
ATOM   687  C CB  . VAL A 1 86  ? -3.044  10.465  6.161   1.00 31.49 ? 112 VAL A CB  1 
ATOM   688  C CG1 . VAL A 1 86  ? -2.529  9.063   6.531   1.00 30.15 ? 112 VAL A CG1 1 
ATOM   689  C CG2 . VAL A 1 86  ? -1.904  11.521  6.174   1.00 35.95 ? 112 VAL A CG2 1 
ATOM   690  N N   . THR A 1 87  ? -5.578  11.958  5.188   1.00 30.27 ? 113 THR A N   1 
ATOM   691  C CA  . THR A 1 87  ? -6.177  13.278  5.092   1.00 30.97 ? 113 THR A CA  1 
ATOM   692  C C   . THR A 1 87  ? -6.151  13.852  6.507   1.00 28.90 ? 113 THR A C   1 
ATOM   693  O O   . THR A 1 87  ? -6.659  13.219  7.444   1.00 29.57 ? 113 THR A O   1 
ATOM   694  C CB  . THR A 1 87  ? -7.585  13.182  4.528   1.00 33.20 ? 113 THR A CB  1 
ATOM   695  O OG1 . THR A 1 87  ? -7.473  12.664  3.182   1.00 37.63 ? 113 THR A OG1 1 
ATOM   696  C CG2 . THR A 1 87  ? -8.208  14.553  4.405   1.00 29.72 ? 113 THR A CG2 1 
ATOM   697  N N   . LEU A 1 88  ? -5.522  15.013  6.649   1.00 27.85 ? 114 LEU A N   1 
ATOM   698  C CA  . LEU A 1 88  ? -5.277  15.597  7.985   1.00 33.80 ? 114 LEU A CA  1 
ATOM   699  C C   . LEU A 1 88  ? -6.573  15.893  8.696   1.00 34.68 ? 114 LEU A C   1 
ATOM   700  O O   . LEU A 1 88  ? -6.703  15.611  9.908   1.00 33.55 ? 114 LEU A O   1 
ATOM   701  C CB  . LEU A 1 88  ? -4.362  16.818  7.892   1.00 31.85 ? 114 LEU A CB  1 
ATOM   702  C CG  . LEU A 1 88  ? -3.004  16.537  7.281   1.00 33.20 ? 114 LEU A CG  1 
ATOM   703  C CD1 . LEU A 1 88  ? -2.098  17.780  7.384   1.00 35.33 ? 114 LEU A CD1 1 
ATOM   704  C CD2 . LEU A 1 88  ? -2.298  15.292  7.855   1.00 33.25 ? 114 LEU A CD2 1 
ATOM   705  N N   . ASN A 1 89  ? -7.532  16.399  7.923   1.00 32.59 ? 115 ASN A N   1 
ATOM   706  C CA  . ASN A 1 89  ? -8.912  16.550  8.425   1.00 37.15 ? 115 ASN A CA  1 
ATOM   707  C C   . ASN A 1 89  ? -9.656  15.219  8.509   1.00 38.36 ? 115 ASN A C   1 
ATOM   708  O O   . ASN A 1 89  ? -10.160 14.705  7.504   1.00 48.15 ? 115 ASN A O   1 
ATOM   709  C CB  . ASN A 1 89  ? -9.716  17.577  7.595   1.00 37.12 ? 115 ASN A CB  1 
ATOM   710  C CG  . ASN A 1 89  ? -11.150 17.789  8.147   1.00 40.93 ? 115 ASN A CG  1 
ATOM   711  O OD1 . ASN A 1 89  ? -11.464 17.406  9.279   1.00 35.97 ? 115 ASN A OD1 1 
ATOM   712  N ND2 . ASN A 1 89  ? -12.019 18.402  7.347   1.00 43.02 ? 115 ASN A ND2 1 
ATOM   713  N N   . GLN A 1 90  ? -9.745  14.705  9.735   1.00 36.20 ? 116 GLN A N   1 
ATOM   714  C CA  . GLN A 1 90  ? -10.316 13.423  10.056  1.00 41.24 ? 116 GLN A CA  1 
ATOM   715  C C   . GLN A 1 90  ? -11.815 13.451  9.862   1.00 52.77 ? 116 GLN A C   1 
ATOM   716  O O   . GLN A 1 90  ? -12.438 12.383  9.763   1.00 56.70 ? 116 GLN A O   1 
ATOM   717  C CB  . GLN A 1 90  ? -10.121 13.127  11.548  1.00 41.92 ? 116 GLN A CB  1 
ATOM   718  C CG  . GLN A 1 90  ? -8.692  12.904  11.985  1.00 42.34 ? 116 GLN A CG  1 
ATOM   719  C CD  . GLN A 1 90  ? -7.951  11.897  11.096  1.00 48.06 ? 116 GLN A CD  1 
ATOM   720  O OE1 . GLN A 1 90  ? -8.194  10.695  11.203  1.00 48.47 ? 116 GLN A OE1 1 
ATOM   721  N NE2 . GLN A 1 90  ? -7.019  12.385  10.237  1.00 42.39 ? 116 GLN A NE2 1 
ATOM   722  N N   . ALA A 1 91  ? -12.392 14.665  9.878   1.00 56.62 ? 117 ALA A N   1 
ATOM   723  C CA  . ALA A 1 91  ? -13.867 14.891  10.027  1.00 60.08 ? 117 ALA A CA  1 
ATOM   724  C C   . ALA A 1 91  ? -14.680 14.043  9.027   1.00 62.34 ? 117 ALA A C   1 
ATOM   725  O O   . ALA A 1 91  ? -15.846 13.568  9.278   1.00 51.56 ? 117 ALA A O   1 
ATOM   726  C CB  . ALA A 1 91  ? -14.193 16.370  9.840   1.00 51.42 ? 117 ALA A CB  1 
ATOM   727  N N   . ARG A 1 92  ? -14.012 13.853  7.895   1.00 58.51 ? 118 ARG A N   1 
ATOM   728  C CA  . ARG A 1 92  ? -14.611 13.289  6.728   1.00 67.53 ? 118 ARG A CA  1 
ATOM   729  C C   . ARG A 1 92  ? -13.480 12.715  5.841   1.00 64.43 ? 118 ARG A C   1 
ATOM   730  O O   . ARG A 1 92  ? -12.312 13.146  5.939   1.00 54.03 ? 118 ARG A O   1 
ATOM   731  C CB  . ARG A 1 92  ? -15.425 14.383  5.997   1.00 62.90 ? 118 ARG A CB  1 
ATOM   732  C CG  . ARG A 1 92  ? -14.603 15.416  5.231   1.00 62.16 ? 118 ARG A CG  1 
ATOM   733  C CD  . ARG A 1 92  ? -15.448 16.085  4.132   1.00 59.79 ? 118 ARG A CD  1 
ATOM   734  N NE  . ARG A 1 92  ? -14.587 16.819  3.195   1.00 59.28 ? 118 ARG A NE  1 
ATOM   735  C CZ  . ARG A 1 92  ? -14.133 18.075  3.365   1.00 59.78 ? 118 ARG A CZ  1 
ATOM   736  N NH1 . ARG A 1 92  ? -14.465 18.825  4.437   1.00 54.72 ? 118 ARG A NH1 1 
ATOM   737  N NH2 . ARG A 1 92  ? -13.344 18.600  2.427   1.00 52.90 ? 118 ARG A NH2 1 
ATOM   738  N N   . GLY A 1 93  ? -13.853 11.759  4.983   1.00 59.40 ? 119 GLY A N   1 
ATOM   739  C CA  . GLY A 1 93  ? -12.896 11.033  4.164   1.00 60.60 ? 119 GLY A CA  1 
ATOM   740  C C   . GLY A 1 93  ? -12.061 10.172  5.105   1.00 65.18 ? 119 GLY A C   1 
ATOM   741  O O   . GLY A 1 93  ? -12.290 10.149  6.342   1.00 62.42 ? 119 GLY A O   1 
ATOM   742  N N   . SER A 1 94  ? -11.119 9.424   4.554   1.00 48.42 ? 120 SER A N   1 
ATOM   743  C CA  . SER A 1 94  ? -10.175 8.768   5.451   1.00 46.75 ? 120 SER A CA  1 
ATOM   744  C C   . SER A 1 94  ? -8.974  8.404   4.637   1.00 37.10 ? 120 SER A C   1 
ATOM   745  O O   . SER A 1 94  ? -8.887  8.713   3.441   1.00 36.78 ? 120 SER A O   1 
ATOM   746  C CB  . SER A 1 94  ? -10.785 7.589   6.260   1.00 48.27 ? 120 SER A CB  1 
ATOM   747  O OG  . SER A 1 94  ? -10.660 6.319   5.663   1.00 50.63 ? 120 SER A OG  1 
ATOM   748  N N   . PHE A 1 95  ? -8.063  7.757   5.302   1.00 32.00 ? 121 PHE A N   1 
ATOM   749  C CA  . PHE A 1 95  ? -6.813  7.438   4.687   1.00 27.74 ? 121 PHE A CA  1 
ATOM   750  C C   . PHE A 1 95  ? -7.083  6.411   3.590   1.00 27.72 ? 121 PHE A C   1 
ATOM   751  O O   . PHE A 1 95  ? -8.159  5.764   3.508   1.00 29.55 ? 121 PHE A O   1 
ATOM   752  C CB  . PHE A 1 95  ? -5.914  6.892   5.761   1.00 23.07 ? 121 PHE A CB  1 
ATOM   753  C CG  . PHE A 1 95  ? -6.441  5.623   6.426   1.00 27.83 ? 121 PHE A CG  1 
ATOM   754  C CD1 . PHE A 1 95  ? -7.296  5.696   7.592   1.00 28.63 ? 121 PHE A CD1 1 
ATOM   755  C CD2 . PHE A 1 95  ? -6.119  4.365   5.938   1.00 29.17 ? 121 PHE A CD2 1 
ATOM   756  C CE1 . PHE A 1 95  ? -7.767  4.537   8.236   1.00 28.95 ? 121 PHE A CE1 1 
ATOM   757  C CE2 . PHE A 1 95  ? -6.583  3.187   6.605   1.00 29.68 ? 121 PHE A CE2 1 
ATOM   758  C CZ  . PHE A 1 95  ? -7.394  3.293   7.757   1.00 27.10 ? 121 PHE A CZ  1 
ATOM   759  N N   . ASP A 1 96  ? -6.117  6.315   2.715   1.00 25.66 ? 122 ASP A N   1 
ATOM   760  C CA  . ASP A 1 96  ? -6.154  5.396   1.597   1.00 25.96 ? 122 ASP A CA  1 
ATOM   761  C C   . ASP A 1 96  ? -4.760  4.745   1.525   1.00 28.24 ? 122 ASP A C   1 
ATOM   762  O O   . ASP A 1 96  ? -3.820  5.287   0.979   1.00 26.72 ? 122 ASP A O   1 
ATOM   763  C CB  . ASP A 1 96  ? -6.477  6.165   0.298   1.00 27.16 ? 122 ASP A CB  1 
ATOM   764  C CG  . ASP A 1 96  ? -6.609  5.234   -0.966  1.00 28.17 ? 122 ASP A CG  1 
ATOM   765  O OD1 . ASP A 1 96  ? -6.582  3.989   -0.856  1.00 27.83 ? 122 ASP A OD1 1 
ATOM   766  O OD2 . ASP A 1 96  ? -6.845  5.755   -2.113  1.00 31.19 ? 122 ASP A OD2 1 
ATOM   767  N N   . ILE A 1 97  ? -4.610  3.605   2.191   1.00 26.21 ? 123 ILE A N   1 
ATOM   768  C CA  . ILE A 1 97  ? -3.255  3.071   2.470   1.00 25.15 ? 123 ILE A CA  1 
ATOM   769  C C   . ILE A 1 97  ? -3.341  1.576   2.283   1.00 27.94 ? 123 ILE A C   1 
ATOM   770  O O   . ILE A 1 97  ? -4.262  0.940   2.710   1.00 26.03 ? 123 ILE A O   1 
ATOM   771  C CB  . ILE A 1 97  ? -2.791  3.332   3.905   1.00 24.18 ? 123 ILE A CB  1 
ATOM   772  C CG1 . ILE A 1 97  ? -2.722  4.864   4.189   1.00 24.61 ? 123 ILE A CG1 1 
ATOM   773  C CG2 . ILE A 1 97  ? -1.470  2.582   4.201   1.00 26.15 ? 123 ILE A CG2 1 
ATOM   774  C CD1 . ILE A 1 97  ? -2.357  5.280   5.627   1.00 22.31 ? 123 ILE A CD1 1 
ATOM   775  N N   . SER A 1 98  ? -2.372  1.032   1.614   1.00 22.62 ? 124 SER A N   1 
ATOM   776  C CA  . SER A 1 98  ? -2.274  -0.391  1.463   1.00 27.08 ? 124 SER A CA  1 
ATOM   777  C C   . SER A 1 98  ? -0.963  -0.802  2.108   1.00 26.59 ? 124 SER A C   1 
ATOM   778  O O   . SER A 1 98  ? 0.073   -0.155  1.852   1.00 27.94 ? 124 SER A O   1 
ATOM   779  C CB  . SER A 1 98  ? -2.205  -0.724  -0.013  1.00 24.27 ? 124 SER A CB  1 
ATOM   780  O OG  . SER A 1 98  ? -3.477  -0.519  -0.658  1.00 26.41 ? 124 SER A OG  1 
ATOM   781  N N   . CYS A 1 99  ? -1.041  -1.868  2.943   1.00 25.30 ? 125 CYS A N   1 
ATOM   782  C CA  . CYS A 1 99  ? 0.135   -2.447  3.616   1.00 23.88 ? 125 CYS A CA  1 
ATOM   783  C C   . CYS A 1 99  ? 0.505   -3.779  2.983   1.00 27.65 ? 125 CYS A C   1 
ATOM   784  O O   . CYS A 1 99  ? -0.390  -4.596  2.725   1.00 27.20 ? 125 CYS A O   1 
ATOM   785  C CB  . CYS A 1 99  ? -0.116  -2.696  5.154   1.00 28.43 ? 125 CYS A CB  1 
ATOM   786  S SG  . CYS A 1 99  ? -0.355  -1.074  5.916   1.00 37.45 ? 125 CYS A SG  1 
ATOM   787  N N   . ASP A 1 100 ? 1.794   -4.027  2.794   1.00 28.31 ? 126 ASP A N   1 
ATOM   788  C CA  . ASP A 1 100 ? 2.198   -5.208  2.010   1.00 33.16 ? 126 ASP A CA  1 
ATOM   789  C C   . ASP A 1 100 ? 3.506   -5.738  2.539   1.00 27.47 ? 126 ASP A C   1 
ATOM   790  O O   . ASP A 1 100 ? 4.550   -5.060  2.432   1.00 28.31 ? 126 ASP A O   1 
ATOM   791  C CB  . ASP A 1 100 ? 2.390   -4.817  0.496   1.00 29.42 ? 126 ASP A CB  1 
ATOM   792  C CG  . ASP A 1 100 ? 2.503   -6.016  -0.435  1.00 30.78 ? 126 ASP A CG  1 
ATOM   793  O OD1 . ASP A 1 100 ? 2.876   -7.166  0.001   1.00 32.20 ? 126 ASP A OD1 1 
ATOM   794  O OD2 . ASP A 1 100 ? 2.211   -5.816  -1.623  1.00 30.98 ? 126 ASP A OD2 1 
ATOM   795  N N   . LYS A 1 101 ? 3.454   -6.970  3.060   1.00 30.71 ? 127 LYS A N   1 
ATOM   796  C CA  . LYS A 1 101 ? 4.653   -7.659  3.561   1.00 35.63 ? 127 LYS A CA  1 
ATOM   797  C C   . LYS A 1 101 ? 5.713   -7.888  2.444   1.00 35.89 ? 127 LYS A C   1 
ATOM   798  O O   . LYS A 1 101 ? 6.923   -7.985  2.731   1.00 35.04 ? 127 LYS A O   1 
ATOM   799  C CB  . LYS A 1 101 ? 4.316   -8.935  4.350   1.00 38.18 ? 127 LYS A CB  1 
ATOM   800  C CG  . LYS A 1 101 ? 3.874   -10.115 3.504   1.00 46.76 ? 127 LYS A CG  1 
ATOM   801  C CD  . LYS A 1 101 ? 4.402   -11.428 4.117   1.00 50.69 ? 127 LYS A CD  1 
ATOM   802  C CE  . LYS A 1 101 ? 4.856   -12.456 3.055   1.00 58.27 ? 127 LYS A CE  1 
ATOM   803  N NZ  . LYS A 1 101 ? 3.833   -12.749 1.996   1.00 51.47 ? 127 LYS A NZ  1 
ATOM   804  N N   . ASP A 1 102 ? 5.275   -7.909  1.188   1.00 31.91 ? 128 ASP A N   1 
ATOM   805  C CA  . ASP A 1 102 ? 6.229   -8.163  0.046   1.00 33.91 ? 128 ASP A CA  1 
ATOM   806  C C   . ASP A 1 102 ? 6.821   -6.903  -0.525  1.00 35.26 ? 128 ASP A C   1 
ATOM   807  O O   . ASP A 1 102 ? 7.660   -6.969  -1.418  1.00 36.28 ? 128 ASP A O   1 
ATOM   808  C CB  . ASP A 1 102 ? 5.517   -8.893  -1.104  1.00 37.41 ? 128 ASP A CB  1 
ATOM   809  C CG  . ASP A 1 102 ? 4.914   -10.279 -0.693  1.00 44.18 ? 128 ASP A CG  1 
ATOM   810  O OD1 . ASP A 1 102 ? 5.487   -10.967 0.200   1.00 44.09 ? 128 ASP A OD1 1 
ATOM   811  O OD2 . ASP A 1 102 ? 3.875   -10.664 -1.307  1.00 47.34 ? 128 ASP A OD2 1 
ATOM   812  N N   . ASN A 1 103 ? 6.345   -5.732  -0.113  1.00 32.25 ? 129 ASN A N   1 
ATOM   813  C CA  . ASN A 1 103 ? 6.966   -4.528  -0.652  1.00 34.14 ? 129 ASN A CA  1 
ATOM   814  C C   . ASN A 1 103 ? 8.140   -4.210  0.219   1.00 35.99 ? 129 ASN A C   1 
ATOM   815  O O   . ASN A 1 103 ? 7.949   -3.588  1.238   1.00 32.64 ? 129 ASN A O   1 
ATOM   816  C CB  . ASN A 1 103 ? 6.007   -3.359  -0.640  1.00 27.59 ? 129 ASN A CB  1 
ATOM   817  C CG  . ASN A 1 103 ? 6.642   -2.052  -1.153  1.00 29.41 ? 129 ASN A CG  1 
ATOM   818  O OD1 . ASN A 1 103 ? 7.761   -2.062  -1.652  1.00 30.69 ? 129 ASN A OD1 1 
ATOM   819  N ND2 . ASN A 1 103 ? 5.892   -0.944  -1.093  1.00 28.86 ? 129 ASN A ND2 1 
ATOM   820  N N   . LYS A 1 104 ? 9.346   -4.589  -0.195  1.00 42.91 ? 130 LYS A N   1 
ATOM   821  C CA  . LYS A 1 104 ? 10.528  -4.516  0.691   1.00 54.08 ? 130 LYS A CA  1 
ATOM   822  C C   . LYS A 1 104 ? 11.631  -3.683  0.144   1.00 61.82 ? 130 LYS A C   1 
ATOM   823  O O   . LYS A 1 104 ? 12.291  -2.964  0.893   1.00 69.50 ? 130 LYS A O   1 
ATOM   824  C CB  . LYS A 1 104 ? 11.124  -5.889  0.907   1.00 48.60 ? 130 LYS A CB  1 
ATOM   825  C CG  . LYS A 1 104 ? 10.271  -6.826  1.707   1.00 48.33 ? 130 LYS A CG  1 
ATOM   826  C CD  . LYS A 1 104 ? 10.690  -8.244  1.353   1.00 58.80 ? 130 LYS A CD  1 
ATOM   827  C CE  . LYS A 1 104 ? 9.991   -9.290  2.209   1.00 59.00 ? 130 LYS A CE  1 
ATOM   828  N NZ  . LYS A 1 104 ? 10.170  -10.617 1.572   1.00 63.38 ? 130 LYS A NZ  1 
ATOM   829  N N   . VAL B 1 6   ? 12.755  4.514   -21.070 1.00 53.10 ? 32  VAL B N   1 
ATOM   830  C CA  . VAL B 1 6   ? 11.589  5.263   -20.460 1.00 48.15 ? 32  VAL B CA  1 
ATOM   831  C C   . VAL B 1 6   ? 10.270  4.611   -20.804 1.00 46.84 ? 32  VAL B C   1 
ATOM   832  O O   . VAL B 1 6   ? 9.844   4.645   -21.959 1.00 44.70 ? 32  VAL B O   1 
ATOM   833  C CB  . VAL B 1 6   ? 11.551  6.751   -20.878 1.00 44.76 ? 32  VAL B CB  1 
ATOM   834  C CG1 . VAL B 1 6   ? 10.168  7.367   -20.739 1.00 48.16 ? 32  VAL B CG1 1 
ATOM   835  C CG2 . VAL B 1 6   ? 12.544  7.545   -20.063 1.00 50.70 ? 32  VAL B CG2 1 
ATOM   836  N N   . LEU B 1 7   ? 9.586   4.070   -19.791 1.00 37.64 ? 33  LEU B N   1 
ATOM   837  C CA  . LEU B 1 7   ? 8.269   3.493   -20.033 1.00 41.32 ? 33  LEU B CA  1 
ATOM   838  C C   . LEU B 1 7   ? 7.212   4.586   -20.100 1.00 38.12 ? 33  LEU B C   1 
ATOM   839  O O   . LEU B 1 7   ? 7.396   5.686   -19.544 1.00 41.07 ? 33  LEU B O   1 
ATOM   840  C CB  . LEU B 1 7   ? 7.917   2.486   -18.928 1.00 43.88 ? 33  LEU B CB  1 
ATOM   841  C CG  . LEU B 1 7   ? 9.011   1.463   -18.638 1.00 42.06 ? 33  LEU B CG  1 
ATOM   842  C CD1 . LEU B 1 7   ? 8.732   0.702   -17.352 1.00 45.58 ? 33  LEU B CD1 1 
ATOM   843  C CD2 . LEU B 1 7   ? 9.114   0.526   -19.819 1.00 41.90 ? 33  LEU B CD2 1 
ATOM   844  N N   . SER B 1 8   ? 6.098   4.293   -20.752 1.00 37.42 ? 34  SER B N   1 
ATOM   845  C CA  . SER B 1 8   ? 4.906   5.109   -20.529 1.00 30.65 ? 34  SER B CA  1 
ATOM   846  C C   . SER B 1 8   ? 4.327   4.752   -19.133 1.00 36.02 ? 34  SER B C   1 
ATOM   847  O O   . SER B 1 8   ? 4.676   3.736   -18.559 1.00 30.35 ? 34  SER B O   1 
ATOM   848  C CB  . SER B 1 8   ? 3.887   4.784   -21.563 1.00 37.01 ? 34  SER B CB  1 
ATOM   849  O OG  . SER B 1 8   ? 3.500   3.447   -21.315 1.00 36.86 ? 34  SER B OG  1 
ATOM   850  N N   . TYR B 1 9   ? 3.420   5.572   -18.616 1.00 29.25 ? 35  TYR B N   1 
ATOM   851  C CA  . TYR B 1 9   ? 2.936   5.423   -17.269 1.00 32.21 ? 35  TYR B CA  1 
ATOM   852  C C   . TYR B 1 9   ? 2.189   4.049   -17.218 1.00 34.46 ? 35  TYR B C   1 
ATOM   853  O O   . TYR B 1 9   ? 2.410   3.258   -16.318 1.00 35.84 ? 35  TYR B O   1 
ATOM   854  C CB  . TYR B 1 9   ? 1.937   6.564   -17.057 1.00 33.73 ? 35  TYR B CB  1 
ATOM   855  C CG  . TYR B 1 9   ? 1.286   6.600   -15.710 1.00 37.10 ? 35  TYR B CG  1 
ATOM   856  C CD1 . TYR B 1 9   ? 1.988   7.104   -14.587 1.00 36.92 ? 35  TYR B CD1 1 
ATOM   857  C CD2 . TYR B 1 9   ? -0.040  6.139   -15.540 1.00 38.16 ? 35  TYR B CD2 1 
ATOM   858  C CE1 . TYR B 1 9   ? 1.388   7.130   -13.328 1.00 36.47 ? 35  TYR B CE1 1 
ATOM   859  C CE2 . TYR B 1 9   ? -0.658  6.184   -14.287 1.00 37.74 ? 35  TYR B CE2 1 
ATOM   860  C CZ  . TYR B 1 9   ? 0.054   6.659   -13.193 1.00 39.51 ? 35  TYR B CZ  1 
ATOM   861  O OH  . TYR B 1 9   ? -0.555  6.692   -11.954 1.00 36.19 ? 35  TYR B OH  1 
ATOM   862  N N   . LYS B 1 10  ? 1.385   3.771   -18.240 1.00 34.60 ? 36  LYS B N   1 
ATOM   863  C CA  . LYS B 1 10  ? 0.535   2.597   -18.245 1.00 35.56 ? 36  LYS B CA  1 
ATOM   864  C C   . LYS B 1 10  ? 1.414   1.350   -18.282 1.00 36.84 ? 36  LYS B C   1 
ATOM   865  O O   . LYS B 1 10  ? 1.187   0.381   -17.553 1.00 31.22 ? 36  LYS B O   1 
ATOM   866  C CB  . LYS B 1 10  ? -0.365  2.617   -19.457 1.00 33.87 ? 36  LYS B CB  1 
ATOM   867  C CG  . LYS B 1 10  ? -1.127  1.305   -19.688 1.00 43.96 ? 36  LYS B CG  1 
ATOM   868  C CD  . LYS B 1 10  ? -2.150  1.050   -18.613 1.00 39.93 ? 36  LYS B CD  1 
ATOM   869  C CE  . LYS B 1 10  ? -3.018  -0.183  -18.943 1.00 42.79 ? 36  LYS B CE  1 
ATOM   870  N NZ  . LYS B 1 10  ? -4.115  0.061   -19.923 1.00 46.84 ? 36  LYS B NZ  1 
ATOM   871  N N   . GLU B 1 11  ? 2.416   1.376   -19.152 1.00 34.32 ? 37  GLU B N   1 
ATOM   872  C CA  . GLU B 1 11  ? 3.340   0.254   -19.191 1.00 36.49 ? 37  GLU B CA  1 
ATOM   873  C C   . GLU B 1 11  ? 4.098   0.076   -17.872 1.00 29.23 ? 37  GLU B C   1 
ATOM   874  O O   . GLU B 1 11  ? 4.425   -1.047  -17.472 1.00 29.98 ? 37  GLU B O   1 
ATOM   875  C CB  . GLU B 1 11  ? 4.331   0.481   -20.333 1.00 36.90 ? 37  GLU B CB  1 
ATOM   876  C CG  . GLU B 1 11  ? 3.701   0.235   -21.696 1.00 45.11 ? 37  GLU B CG  1 
ATOM   877  C CD  . GLU B 1 11  ? 3.570   -1.269  -22.020 1.00 51.53 ? 37  GLU B CD  1 
ATOM   878  O OE1 . GLU B 1 11  ? 4.616   -1.920  -22.228 1.00 46.92 ? 37  GLU B OE1 1 
ATOM   879  O OE2 . GLU B 1 11  ? 2.430   -1.801  -22.101 1.00 46.28 ? 37  GLU B OE2 1 
ATOM   880  N N   . ALA B 1 12  ? 4.431   1.176   -17.218 1.00 29.05 ? 38  ALA B N   1 
ATOM   881  C CA  . ALA B 1 12  ? 5.201   1.089   -15.981 1.00 28.57 ? 38  ALA B CA  1 
ATOM   882  C C   . ALA B 1 12  ? 4.278   0.413   -14.943 1.00 32.05 ? 38  ALA B C   1 
ATOM   883  O O   . ALA B 1 12  ? 4.731   -0.372  -14.082 1.00 30.60 ? 38  ALA B O   1 
ATOM   884  C CB  . ALA B 1 12  ? 5.615   2.470   -15.494 1.00 28.67 ? 38  ALA B CB  1 
ATOM   885  N N   . VAL B 1 13  ? 2.979   0.724   -15.025 1.00 31.24 ? 39  VAL B N   1 
ATOM   886  C CA  . VAL B 1 13  ? 2.015   0.025   -14.154 1.00 29.72 ? 39  VAL B CA  1 
ATOM   887  C C   . VAL B 1 13  ? 1.971   -1.471  -14.492 1.00 30.91 ? 39  VAL B C   1 
ATOM   888  O O   . VAL B 1 13  ? 2.094   -2.282  -13.611 1.00 29.50 ? 39  VAL B O   1 
ATOM   889  C CB  . VAL B 1 13  ? 0.624   0.647   -14.228 1.00 29.59 ? 39  VAL B CB  1 
ATOM   890  C CG1 . VAL B 1 13  ? -0.366  -0.172  -13.364 1.00 31.48 ? 39  VAL B CG1 1 
ATOM   891  C CG2 . VAL B 1 13  ? 0.722   2.064   -13.717 1.00 31.14 ? 39  VAL B CG2 1 
ATOM   892  N N   . LEU B 1 14  ? 1.861   -1.843  -15.759 1.00 28.73 ? 40  LEU B N   1 
ATOM   893  C CA  . LEU B 1 14  ? 1.768   -3.267  -16.067 1.00 30.20 ? 40  LEU B CA  1 
ATOM   894  C C   . LEU B 1 14  ? 3.022   -4.043  -15.614 1.00 31.06 ? 40  LEU B C   1 
ATOM   895  O O   . LEU B 1 14  ? 2.941   -5.197  -15.150 1.00 31.99 ? 40  LEU B O   1 
ATOM   896  C CB  . LEU B 1 14  ? 1.489   -3.527  -17.550 1.00 28.42 ? 40  LEU B CB  1 
ATOM   897  C CG  . LEU B 1 14  ? 0.154   -2.968  -18.066 1.00 30.53 ? 40  LEU B CG  1 
ATOM   898  C CD1 . LEU B 1 14  ? 0.041   -3.058  -19.585 1.00 37.47 ? 40  LEU B CD1 1 
ATOM   899  C CD2 . LEU B 1 14  ? -1.048  -3.686  -17.399 1.00 33.30 ? 40  LEU B CD2 1 
ATOM   900  N N   . ARG B 1 15  ? 4.178   -3.430  -15.823 1.00 29.46 ? 41  ARG B N   1 
ATOM   901  C CA  . ARG B 1 15  ? 5.432   -4.035  -15.451 1.00 30.24 ? 41  ARG B CA  1 
ATOM   902  C C   . ARG B 1 15  ? 5.468   -4.162  -13.921 1.00 28.57 ? 41  ARG B C   1 
ATOM   903  O O   . ARG B 1 15  ? 5.959   -5.173  -13.373 1.00 33.44 ? 41  ARG B O   1 
ATOM   904  C CB  . ARG B 1 15  ? 6.611   -3.228  -15.969 1.00 35.82 ? 41  ARG B CB  1 
ATOM   905  C CG  . ARG B 1 15  ? 6.750   -3.217  -17.513 1.00 38.17 ? 41  ARG B CG  1 
ATOM   906  C CD  . ARG B 1 15  ? 6.248   -4.491  -18.238 1.00 48.81 ? 41  ARG B CD  1 
ATOM   907  N NE  . ARG B 1 15  ? 5.443   -4.203  -19.457 1.00 54.70 ? 41  ARG B NE  1 
ATOM   908  C CZ  . ARG B 1 15  ? 4.399   -4.944  -19.805 1.00 53.57 ? 41  ARG B CZ  1 
ATOM   909  N NH1 . ARG B 1 15  ? 4.064   -5.958  -19.018 1.00 56.61 ? 41  ARG B NH1 1 
ATOM   910  N NH2 . ARG B 1 15  ? 3.681   -4.690  -20.899 1.00 58.25 ? 41  ARG B NH2 1 
ATOM   911  N N   . ALA B 1 16  ? 4.899   -3.187  -13.219 1.00 27.70 ? 42  ALA B N   1 
ATOM   912  C CA  . ALA B 1 16  ? 4.904   -3.271  -11.764 1.00 31.69 ? 42  ALA B CA  1 
ATOM   913  C C   . ALA B 1 16  ? 4.068   -4.486  -11.346 1.00 26.87 ? 42  ALA B C   1 
ATOM   914  O O   . ALA B 1 16  ? 4.430   -5.216  -10.429 1.00 31.46 ? 42  ALA B O   1 
ATOM   915  C CB  . ALA B 1 16  ? 4.384   -1.984  -11.121 1.00 30.52 ? 42  ALA B CB  1 
ATOM   916  N N   . ILE B 1 17  ? 2.955   -4.681  -12.008 1.00 25.47 ? 43  ILE B N   1 
ATOM   917  C CA  . ILE B 1 17  ? 2.108   -5.783  -11.645 1.00 25.84 ? 43  ILE B CA  1 
ATOM   918  C C   . ILE B 1 17  ? 2.847   -7.098  -11.877 1.00 29.57 ? 43  ILE B C   1 
ATOM   919  O O   . ILE B 1 17  ? 2.713   -8.070  -11.089 1.00 25.99 ? 43  ILE B O   1 
ATOM   920  C CB  . ILE B 1 17  ? 0.809   -5.704  -12.396 1.00 25.97 ? 43  ILE B CB  1 
ATOM   921  C CG1 . ILE B 1 17  ? -0.004  -4.517  -11.816 1.00 24.85 ? 43  ILE B CG1 1 
ATOM   922  C CG2 . ILE B 1 17  ? 0.019   -6.966  -12.277 1.00 26.29 ? 43  ILE B CG2 1 
ATOM   923  C CD1 . ILE B 1 17  ? -1.207  -4.232  -12.680 1.00 27.45 ? 43  ILE B CD1 1 
ATOM   924  N N   . ASP B 1 18  ? 3.651   -7.141  -12.943 1.00 28.02 ? 44  ASP B N   1 
ATOM   925  C CA  . ASP B 1 18  ? 4.489   -8.345  -13.168 1.00 32.35 ? 44  ASP B CA  1 
ATOM   926  C C   . ASP B 1 18  ? 5.439   -8.519  -11.988 1.00 28.60 ? 44  ASP B C   1 
ATOM   927  O O   . ASP B 1 18  ? 5.671   -9.676  -11.512 1.00 31.67 ? 44  ASP B O   1 
ATOM   928  C CB  . ASP B 1 18  ? 5.316   -8.269  -14.479 1.00 30.68 ? 44  ASP B CB  1 
ATOM   929  C CG  . ASP B 1 18  ? 4.452   -8.173  -15.708 1.00 38.74 ? 44  ASP B CG  1 
ATOM   930  O OD1 . ASP B 1 18  ? 3.315   -8.743  -15.739 1.00 38.42 ? 44  ASP B OD1 1 
ATOM   931  O OD2 . ASP B 1 18  ? 4.886   -7.467  -16.653 1.00 46.30 ? 44  ASP B OD2 1 
ATOM   932  N N   . GLY B 1 19  ? 6.020   -7.425  -11.493 1.00 26.31 ? 45  GLY B N   1 
ATOM   933  C CA  . GLY B 1 19  ? 6.944   -7.540  -10.345 1.00 26.77 ? 45  GLY B CA  1 
ATOM   934  C C   . GLY B 1 19  ? 6.226   -7.970  -9.038  1.00 28.98 ? 45  GLY B C   1 
ATOM   935  O O   . GLY B 1 19  ? 6.756   -8.716  -8.198  1.00 27.22 ? 45  GLY B O   1 
ATOM   936  N N   . ILE B 1 20  ? 4.998   -7.487  -8.882  1.00 28.98 ? 46  ILE B N   1 
ATOM   937  C CA  . ILE B 1 20  ? 4.153   -7.840  -7.748  1.00 27.57 ? 46  ILE B CA  1 
ATOM   938  C C   . ILE B 1 20  ? 3.802   -9.348  -7.829  1.00 27.21 ? 46  ILE B C   1 
ATOM   939  O O   . ILE B 1 20  ? 3.913   -10.062 -6.833  1.00 28.02 ? 46  ILE B O   1 
ATOM   940  C CB  . ILE B 1 20  ? 2.925   -6.994  -7.788  1.00 25.92 ? 46  ILE B CB  1 
ATOM   941  C CG1 . ILE B 1 20  ? 3.345   -5.520  -7.449  1.00 27.56 ? 46  ILE B CG1 1 
ATOM   942  C CG2 . ILE B 1 20  ? 1.844   -7.611  -6.914  1.00 25.82 ? 46  ILE B CG2 1 
ATOM   943  C CD1 . ILE B 1 20  ? 2.194   -4.522  -7.565  1.00 29.33 ? 46  ILE B CD1 1 
ATOM   944  N N   . ASN B 1 21  ? 3.520   -9.863  -9.015  1.00 24.55 ? 47  ASN B N   1 
ATOM   945  C CA  . ASN B 1 21  ? 3.224   -11.311 -9.158  1.00 28.57 ? 47  ASN B CA  1 
ATOM   946  C C   . ASN B 1 21  ? 4.438   -12.122 -8.801  1.00 37.37 ? 47  ASN B C   1 
ATOM   947  O O   . ASN B 1 21  ? 4.352   -13.116 -8.044  1.00 35.34 ? 47  ASN B O   1 
ATOM   948  C CB  . ASN B 1 21  ? 2.694   -11.683 -10.546 1.00 29.31 ? 47  ASN B CB  1 
ATOM   949  C CG  . ASN B 1 21  ? 1.222   -11.320 -10.719 1.00 33.21 ? 47  ASN B CG  1 
ATOM   950  O OD1 . ASN B 1 21  ? 0.420   -11.583 -9.832  1.00 31.06 ? 47  ASN B OD1 1 
ATOM   951  N ND2 . ASN B 1 21  ? 0.863   -10.732 -11.846 1.00 28.84 ? 47  ASN B ND2 1 
ATOM   952  N N   . GLN B 1 22  ? 5.566   -11.633 -9.302  1.00 33.71 ? 48  GLN B N   1 
ATOM   953  C CA  . GLN B 1 22  ? 6.857   -12.286 -9.159  1.00 39.88 ? 48  GLN B CA  1 
ATOM   954  C C   . GLN B 1 22  ? 7.211   -12.454 -7.695  1.00 35.32 ? 48  GLN B C   1 
ATOM   955  O O   . GLN B 1 22  ? 7.622   -13.522 -7.307  1.00 32.98 ? 48  GLN B O   1 
ATOM   956  C CB  . GLN B 1 22  ? 7.907   -11.473 -9.907  1.00 36.84 ? 48  GLN B CB  1 
ATOM   957  C CG  . GLN B 1 22  ? 9.242   -12.184 -10.094 1.00 45.65 ? 48  GLN B CG  1 
ATOM   958  C CD  . GLN B 1 22  ? 10.143  -11.992 -8.901  1.00 50.53 ? 48  GLN B CD  1 
ATOM   959  O OE1 . GLN B 1 22  ? 9.908   -11.110 -8.078  1.00 55.31 ? 48  GLN B OE1 1 
ATOM   960  N NE2 . GLN B 1 22  ? 11.174  -12.822 -8.787  1.00 53.41 ? 48  GLN B NE2 1 
ATOM   961  N N   . ARG B 1 23  ? 6.989   -11.435 -6.861  1.00 28.91 ? 49  ARG B N   1 
ATOM   962  C CA  . ARG B 1 23  ? 7.485   -11.511 -5.505  1.00 32.09 ? 49  ARG B CA  1 
ATOM   963  C C   . ARG B 1 23  ? 6.498   -12.145 -4.531  1.00 30.31 ? 49  ARG B C   1 
ATOM   964  O O   . ARG B 1 23  ? 6.838   -12.359 -3.389  1.00 35.05 ? 49  ARG B O   1 
ATOM   965  C CB  . ARG B 1 23  ? 7.839   -10.105 -5.019  1.00 32.49 ? 49  ARG B CB  1 
ATOM   966  C CG  . ARG B 1 23  ? 6.581   -9.292  -4.741  1.00 29.64 ? 49  ARG B CG  1 
ATOM   967  C CD  . ARG B 1 23  ? 6.736   -7.758  -4.782  1.00 30.40 ? 49  ARG B CD  1 
ATOM   968  N NE  . ARG B 1 23  ? 5.518   -7.128  -4.253  1.00 32.54 ? 49  ARG B NE  1 
ATOM   969  C CZ  . ARG B 1 23  ? 5.365   -5.810  -4.113  1.00 34.95 ? 49  ARG B CZ  1 
ATOM   970  N NH1 . ARG B 1 23  ? 6.372   -5.009  -4.438  1.00 32.50 ? 49  ARG B NH1 1 
ATOM   971  N NH2 . ARG B 1 23  ? 4.235   -5.297  -3.613  1.00 32.02 ? 49  ARG B NH2 1 
ATOM   972  N N   . SER B 1 24  ? 5.273   -12.456 -4.946  1.00 28.98 ? 50  SER B N   1 
ATOM   973  C CA  . SER B 1 24  ? 4.298   -12.894 -3.965  1.00 34.09 ? 50  SER B CA  1 
ATOM   974  C C   . SER B 1 24  ? 4.294   -14.413 -3.890  1.00 40.59 ? 50  SER B C   1 
ATOM   975  O O   . SER B 1 24  ? 5.012   -15.029 -4.636  1.00 39.53 ? 50  SER B O   1 
ATOM   976  C CB  . SER B 1 24  ? 2.949   -12.321 -4.280  1.00 34.74 ? 50  SER B CB  1 
ATOM   977  O OG  . SER B 1 24  ? 2.275   -13.154 -5.147  1.00 44.83 ? 50  SER B OG  1 
ATOM   978  N N   . SER B 1 25  ? 3.533   -15.027 -2.983  1.00 40.55 ? 51  SER B N   1 
ATOM   979  C CA  . SER B 1 25  ? 3.374   -16.505 -3.004  1.00 38.39 ? 51  SER B CA  1 
ATOM   980  C C   . SER B 1 25  ? 1.941   -16.936 -3.238  1.00 40.94 ? 51  SER B C   1 
ATOM   981  O O   . SER B 1 25  ? 1.646   -18.080 -3.133  1.00 45.97 ? 51  SER B O   1 
ATOM   982  C CB  . SER B 1 25  ? 3.934   -17.136 -1.729  1.00 46.08 ? 51  SER B CB  1 
ATOM   983  O OG  . SER B 1 25  ? 3.648   -16.254 -0.676  1.00 44.39 ? 51  SER B OG  1 
ATOM   984  N N   . ASP B 1 26  ? 1.077   -16.009 -3.637  1.00 35.99 ? 52  ASP B N   1 
ATOM   985  C CA  . ASP B 1 26  ? -0.255  -16.311 -4.057  1.00 37.18 ? 52  ASP B CA  1 
ATOM   986  C C   . ASP B 1 26  ? -0.157  -17.458 -5.044  1.00 39.92 ? 52  ASP B C   1 
ATOM   987  O O   . ASP B 1 26  ? 0.808   -17.511 -5.827  1.00 34.98 ? 52  ASP B O   1 
ATOM   988  C CB  . ASP B 1 26  ? -0.848  -15.123 -4.810  1.00 40.62 ? 52  ASP B CB  1 
ATOM   989  C CG  . ASP B 1 26  ? -0.822  -13.839 -4.006  1.00 50.77 ? 52  ASP B CG  1 
ATOM   990  O OD1 . ASP B 1 26  ? -1.255  -13.887 -2.858  1.00 42.99 ? 52  ASP B OD1 1 
ATOM   991  O OD2 . ASP B 1 26  ? -0.373  -12.778 -4.538  1.00 60.19 ? 52  ASP B OD2 1 
ATOM   992  N N   . ALA B 1 27  ? -1.164  -18.328 -5.062  1.00 35.62 ? 53  ALA B N   1 
ATOM   993  C CA  . ALA B 1 27  ? -1.255  -19.455 -6.012  1.00 35.25 ? 53  ALA B CA  1 
ATOM   994  C C   . ALA B 1 27  ? -1.508  -18.965 -7.466  1.00 35.34 ? 53  ALA B C   1 
ATOM   995  O O   . ALA B 1 27  ? -1.079  -19.585 -8.420  1.00 32.95 ? 53  ALA B O   1 
ATOM   996  C CB  . ALA B 1 27  ? -2.373  -20.421 -5.585  1.00 35.75 ? 53  ALA B CB  1 
ATOM   997  N N   . ASN B 1 28  ? -2.238  -17.866 -7.626  1.00 31.86 ? 54  ASN B N   1 
ATOM   998  C CA  . ASN B 1 28  ? -2.590  -17.333 -8.910  1.00 33.20 ? 54  ASN B CA  1 
ATOM   999  C C   . ASN B 1 28  ? -1.997  -15.946 -9.231  1.00 29.60 ? 54  ASN B C   1 
ATOM   1000 O O   . ASN B 1 28  ? -1.703  -15.144 -8.328  1.00 30.55 ? 54  ASN B O   1 
ATOM   1001 C CB  . ASN B 1 28  ? -4.113  -17.256 -9.047  1.00 33.64 ? 54  ASN B CB  1 
ATOM   1002 C CG  . ASN B 1 28  ? -4.733  -18.615 -9.030  1.00 44.63 ? 54  ASN B CG  1 
ATOM   1003 O OD1 . ASN B 1 28  ? -4.174  -19.544 -8.453  1.00 59.22 ? 54  ASN B OD1 1 
ATOM   1004 N ND2 . ASN B 1 28  ? -5.845  -18.757 -9.672  1.00 42.87 ? 54  ASN B ND2 1 
ATOM   1005 N N   . LEU B 1 29  ? -1.838  -15.709 -10.527 1.00 28.96 ? 55  LEU B N   1 
ATOM   1006 C CA  A LEU B 1 29  ? -1.464  -14.362 -11.035 0.50 27.56 ? 55  LEU B CA  1 
ATOM   1007 C CA  B LEU B 1 29  ? -1.512  -14.407 -11.106 0.50 28.03 ? 55  LEU B CA  1 
ATOM   1008 C C   . LEU B 1 29  ? -2.602  -13.380 -10.848 1.00 26.32 ? 55  LEU B C   1 
ATOM   1009 O O   . LEU B 1 29  ? -3.748  -13.693 -11.075 1.00 25.44 ? 55  LEU B O   1 
ATOM   1010 C CB  A LEU B 1 29  ? -1.113  -14.355 -12.540 0.50 25.93 ? 55  LEU B CB  1 
ATOM   1011 C CB  B LEU B 1 29  ? -1.434  -14.608 -12.621 0.50 26.81 ? 55  LEU B CB  1 
ATOM   1012 C CG  A LEU B 1 29  ? -0.024  -15.194 -13.191 0.50 27.28 ? 55  LEU B CG  1 
ATOM   1013 C CG  B LEU B 1 29  ? -0.331  -13.807 -13.236 0.50 27.35 ? 55  LEU B CG  1 
ATOM   1014 C CD1 A LEU B 1 29  ? -0.200  -15.170 -14.709 0.50 26.70 ? 55  LEU B CD1 1 
ATOM   1015 C CD1 B LEU B 1 29  ? 0.883   -14.264 -12.439 0.50 27.62 ? 55  LEU B CD1 1 
ATOM   1016 C CD2 A LEU B 1 29  ? 1.376   -14.717 -12.820 0.50 25.46 ? 55  LEU B CD2 1 
ATOM   1017 C CD2 B LEU B 1 29  ? -0.152  -14.085 -14.744 0.50 26.06 ? 55  LEU B CD2 1 
ATOM   1018 N N   . TYR B 1 30  ? -2.227  -12.164 -10.471 1.00 25.36 ? 56  TYR B N   1 
ATOM   1019 C CA  . TYR B 1 30  ? -3.132  -11.029 -10.456 1.00 26.68 ? 56  TYR B CA  1 
ATOM   1020 C C   . TYR B 1 30  ? -2.945  -10.178 -11.700 1.00 27.94 ? 56  TYR B C   1 
ATOM   1021 O O   . TYR B 1 30  ? -1.878  -10.132 -12.254 1.00 30.44 ? 56  TYR B O   1 
ATOM   1022 C CB  . TYR B 1 30  ? -2.863  -10.203 -9.198  1.00 27.92 ? 56  TYR B CB  1 
ATOM   1023 C CG  . TYR B 1 30  ? -3.498  -10.869 -7.984  1.00 29.46 ? 56  TYR B CG  1 
ATOM   1024 C CD1 . TYR B 1 30  ? -2.918  -12.002 -7.389  1.00 33.18 ? 56  TYR B CD1 1 
ATOM   1025 C CD2 . TYR B 1 30  ? -4.697  -10.391 -7.479  1.00 30.84 ? 56  TYR B CD2 1 
ATOM   1026 C CE1 . TYR B 1 30  ? -3.527  -12.650 -6.305  1.00 34.35 ? 56  TYR B CE1 1 
ATOM   1027 C CE2 . TYR B 1 30  ? -5.307  -10.986 -6.389  1.00 29.44 ? 56  TYR B CE2 1 
ATOM   1028 C CZ  . TYR B 1 30  ? -4.731  -12.117 -5.815  1.00 37.72 ? 56  TYR B CZ  1 
ATOM   1029 O OH  . TYR B 1 30  ? -5.354  -12.702 -4.724  1.00 43.19 ? 56  TYR B OH  1 
ATOM   1030 N N   . ARG B 1 31  ? -4.000  -9.513  -12.111 1.00 25.51 ? 57  ARG B N   1 
ATOM   1031 C CA  . ARG B 1 31  ? -4.015  -8.714  -13.330 1.00 29.12 ? 57  ARG B CA  1 
ATOM   1032 C C   . ARG B 1 31  ? -4.696  -7.395  -12.993 1.00 29.03 ? 57  ARG B C   1 
ATOM   1033 O O   . ARG B 1 31  ? -5.598  -7.360  -12.129 1.00 26.03 ? 57  ARG B O   1 
ATOM   1034 C CB  . ARG B 1 31  ? -4.915  -9.421  -14.298 1.00 28.51 ? 57  ARG B CB  1 
ATOM   1035 C CG  . ARG B 1 31  ? -5.390  -8.631  -15.530 1.00 29.63 ? 57  ARG B CG  1 
ATOM   1036 C CD  . ARG B 1 31  ? -6.207  -9.554  -16.411 1.00 28.89 ? 57  ARG B CD  1 
ATOM   1037 N NE  . ARG B 1 31  ? -6.809  -8.756  -17.461 1.00 30.80 ? 57  ARG B NE  1 
ATOM   1038 C CZ  . ARG B 1 31  ? -7.663  -9.230  -18.340 1.00 37.11 ? 57  ARG B CZ  1 
ATOM   1039 N NH1 . ARG B 1 31  ? -8.021  -10.528 -18.294 1.00 35.90 ? 57  ARG B NH1 1 
ATOM   1040 N NH2 . ARG B 1 31  ? -8.165  -8.364  -19.258 1.00 41.08 ? 57  ARG B NH2 1 
ATOM   1041 N N   . LEU B 1 32  ? -4.234  -6.322  -13.647 1.00 26.73 ? 58  LEU B N   1 
ATOM   1042 C CA  . LEU B 1 32  ? -4.828  -4.975  -13.499 1.00 28.44 ? 58  LEU B CA  1 
ATOM   1043 C C   . LEU B 1 32  ? -6.320  -5.008  -13.657 1.00 30.78 ? 58  LEU B C   1 
ATOM   1044 O O   . LEU B 1 32  ? -6.819  -5.545  -14.649 1.00 28.62 ? 58  LEU B O   1 
ATOM   1045 C CB  . LEU B 1 32  ? -4.298  -4.063  -14.619 1.00 29.34 ? 58  LEU B CB  1 
ATOM   1046 C CG  . LEU B 1 32  ? -4.829  -2.608  -14.564 1.00 32.85 ? 58  LEU B CG  1 
ATOM   1047 C CD1 . LEU B 1 32  ? -4.472  -1.894  -13.247 1.00 30.20 ? 58  LEU B CD1 1 
ATOM   1048 C CD2 . LEU B 1 32  ? -4.122  -1.844  -15.721 1.00 29.67 ? 58  LEU B CD2 1 
ATOM   1049 N N   . LEU B 1 33  ? -7.018  -4.408  -12.713 1.00 26.37 ? 59  LEU B N   1 
ATOM   1050 C CA  . LEU B 1 33  ? -8.444  -4.403  -12.737 1.00 31.55 ? 59  LEU B CA  1 
ATOM   1051 C C   . LEU B 1 33  ? -8.761  -2.967  -13.084 1.00 32.11 ? 59  LEU B C   1 
ATOM   1052 O O   . LEU B 1 33  ? -9.039  -2.670  -14.225 1.00 32.91 ? 59  LEU B O   1 
ATOM   1053 C CB  . LEU B 1 33  ? -9.007  -4.808  -11.371 1.00 29.75 ? 59  LEU B CB  1 
ATOM   1054 C CG  . LEU B 1 33  ? -10.561 -4.791  -11.327 1.00 37.09 ? 59  LEU B CG  1 
ATOM   1055 C CD1 . LEU B 1 33  ? -11.178 -5.667  -12.462 1.00 34.09 ? 59  LEU B CD1 1 
ATOM   1056 C CD2 . LEU B 1 33  ? -11.152 -5.196  -9.935  1.00 31.66 ? 59  LEU B CD2 1 
ATOM   1057 N N   . ASP B 1 34  ? -8.681  -2.064  -12.129 1.00 30.40 ? 60  ASP B N   1 
ATOM   1058 C CA  . ASP B 1 34  ? -8.859  -0.642  -12.435 1.00 32.34 ? 60  ASP B CA  1 
ATOM   1059 C C   . ASP B 1 34  ? -7.695  0.235   -12.073 1.00 28.20 ? 60  ASP B C   1 
ATOM   1060 O O   . ASP B 1 34  ? -7.337  0.346   -10.920 1.00 29.05 ? 60  ASP B O   1 
ATOM   1061 C CB  . ASP B 1 34  ? -10.075 -0.133  -11.707 1.00 36.23 ? 60  ASP B CB  1 
ATOM   1062 C CG  . ASP B 1 34  ? -11.345 -0.675  -12.291 1.00 39.56 ? 60  ASP B CG  1 
ATOM   1063 O OD1 . ASP B 1 34  ? -11.603 -0.471  -13.500 1.00 42.97 ? 60  ASP B OD1 1 
ATOM   1064 O OD2 . ASP B 1 34  ? -12.063 -1.335  -11.539 1.00 39.99 ? 60  ASP B OD2 1 
ATOM   1065 N N   . LEU B 1 35  ? -7.173  0.982   -13.030 1.00 29.36 ? 61  LEU B N   1 
ATOM   1066 C CA  . LEU B 1 35  ? -6.114  1.967   -12.749 1.00 26.08 ? 61  LEU B CA  1 
ATOM   1067 C C   . LEU B 1 35  ? -6.680  3.330   -12.471 1.00 28.63 ? 61  LEU B C   1 
ATOM   1068 O O   . LEU B 1 35  ? -7.316  3.907   -13.315 1.00 28.30 ? 61  LEU B O   1 
ATOM   1069 C CB  . LEU B 1 35  ? -5.128  2.065   -13.939 1.00 27.33 ? 61  LEU B CB  1 
ATOM   1070 C CG  . LEU B 1 35  ? -4.049  3.143   -13.924 1.00 29.30 ? 61  LEU B CG  1 
ATOM   1071 C CD1 . LEU B 1 35  ? -3.000  3.019   -12.811 1.00 27.55 ? 61  LEU B CD1 1 
ATOM   1072 C CD2 . LEU B 1 35  ? -3.298  3.180   -15.240 1.00 31.54 ? 61  LEU B CD2 1 
ATOM   1073 N N   . ASP B 1 36  ? -6.488  3.865   -11.279 1.00 27.02 ? 62  ASP B N   1 
ATOM   1074 C CA  . ASP B 1 36  ? -6.989  5.251   -11.033 1.00 29.91 ? 62  ASP B CA  1 
ATOM   1075 C C   . ASP B 1 36  ? -6.391  6.388   -11.938 1.00 30.82 ? 62  ASP B C   1 
ATOM   1076 O O   . ASP B 1 36  ? -5.177  6.518   -12.090 1.00 32.45 ? 62  ASP B O   1 
ATOM   1077 C CB  . ASP B 1 36  ? -6.818  5.674   -9.583  1.00 30.46 ? 62  ASP B CB  1 
ATOM   1078 C CG  . ASP B 1 36  ? -7.492  4.716   -8.589  1.00 33.41 ? 62  ASP B CG  1 
ATOM   1079 O OD1 . ASP B 1 36  ? -8.483  4.082   -8.932  1.00 32.09 ? 62  ASP B OD1 1 
ATOM   1080 O OD2 . ASP B 1 36  ? -7.036  4.624   -7.438  1.00 35.28 ? 62  ASP B OD2 1 
ATOM   1081 N N   . PRO B 1 37  ? -7.266  7.216   -12.536 1.00 39.59 ? 63  PRO B N   1 
ATOM   1082 C CA  . PRO B 1 37  ? -6.833  8.245   -13.485 1.00 39.94 ? 63  PRO B CA  1 
ATOM   1083 C C   . PRO B 1 37  ? -6.168  9.359   -12.722 1.00 45.42 ? 63  PRO B C   1 
ATOM   1084 O O   . PRO B 1 37  ? -6.652  9.709   -11.676 1.00 50.08 ? 63  PRO B O   1 
ATOM   1085 C CB  . PRO B 1 37  ? -8.150  8.781   -14.088 1.00 44.68 ? 63  PRO B CB  1 
ATOM   1086 C CG  . PRO B 1 37  ? -9.269  8.211   -13.276 1.00 46.37 ? 63  PRO B CG  1 
ATOM   1087 C CD  . PRO B 1 37  ? -8.732  7.008   -12.523 1.00 41.13 ? 63  PRO B CD  1 
ATOM   1088 N N   . ARG B 1 38  ? -5.041  9.877   -13.195 1.00 54.38 ? 64  ARG B N   1 
ATOM   1089 C CA  . ARG B 1 38  ? -4.484  11.096  -12.594 1.00 56.23 ? 64  ARG B CA  1 
ATOM   1090 C C   . ARG B 1 38  ? -4.242  12.167  -13.615 1.00 54.93 ? 64  ARG B C   1 
ATOM   1091 O O   . ARG B 1 38  ? -5.030  13.119  -13.638 1.00 61.86 ? 64  ARG B O   1 
ATOM   1092 C CB  . ARG B 1 38  ? -3.252  10.813  -11.759 1.00 56.58 ? 64  ARG B CB  1 
ATOM   1093 C CG  . ARG B 1 38  ? -3.593  9.871   -10.605 1.00 54.14 ? 64  ARG B CG  1 
ATOM   1094 C CD  . ARG B 1 38  ? -2.392  9.488   -9.783  1.00 51.54 ? 64  ARG B CD  1 
ATOM   1095 N NE  . ARG B 1 38  ? -2.859  8.573   -8.746  1.00 43.17 ? 64  ARG B NE  1 
ATOM   1096 C CZ  . ARG B 1 38  ? -2.976  8.887   -7.474  1.00 48.93 ? 64  ARG B CZ  1 
ATOM   1097 N NH1 . ARG B 1 38  ? -2.654  10.104  -7.029  1.00 47.61 ? 64  ARG B NH1 1 
ATOM   1098 N NH2 . ARG B 1 38  ? -3.423  7.975   -6.643  1.00 49.38 ? 64  ARG B NH2 1 
ATOM   1099 N N   . THR B 1 40  ? -2.969  13.571  -13.936 1.00 68.29 ? 66  THR B N   1 
ATOM   1100 C CA  . THR B 1 40  ? -2.381  14.710  -14.617 1.00 75.15 ? 66  THR B CA  1 
ATOM   1101 C C   . THR B 1 40  ? -1.081  14.959  -13.884 1.00 73.90 ? 66  THR B C   1 
ATOM   1102 O O   . THR B 1 40  ? -1.038  15.304  -12.701 1.00 75.40 ? 66  THR B O   1 
ATOM   1103 C CB  . THR B 1 40  ? -3.277  15.962  -14.655 1.00 75.17 ? 66  THR B CB  1 
ATOM   1104 O OG1 . THR B 1 40  ? -4.630  15.574  -14.921 1.00 76.40 ? 66  THR B OG1 1 
ATOM   1105 C CG2 . THR B 1 40  ? -2.769  16.951  -15.764 1.00 74.06 ? 66  THR B CG2 1 
ATOM   1106 N N   . MET B 1 41  ? -0.025  14.786  -14.639 1.00 63.59 ? 67  MET B N   1 
ATOM   1107 C CA  . MET B 1 41  ? 1.148   14.135  -14.141 1.00 62.03 ? 67  MET B CA  1 
ATOM   1108 C C   . MET B 1 41  ? 2.332   15.071  -14.303 1.00 55.07 ? 67  MET B C   1 
ATOM   1109 O O   . MET B 1 41  ? 2.524   15.676  -15.349 1.00 47.09 ? 67  MET B O   1 
ATOM   1110 C CB  . MET B 1 41  ? 1.348   12.863  -15.012 1.00 68.58 ? 67  MET B CB  1 
ATOM   1111 C CG  . MET B 1 41  ? 2.009   11.630  -14.379 1.00 70.87 ? 67  MET B CG  1 
ATOM   1112 S SD  . MET B 1 41  ? 1.023   10.642  -13.209 1.00 76.48 ? 67  MET B SD  1 
ATOM   1113 C CE  . MET B 1 41  ? -0.542  10.414  -14.086 1.00 81.37 ? 67  MET B CE  1 
ATOM   1114 N N   . ASP B 1 42  ? 3.151   15.164  -13.276 1.00 48.98 ? 68  ASP B N   1 
ATOM   1115 C CA  . ASP B 1 42  ? 4.446   15.778  -13.431 1.00 53.66 ? 68  ASP B CA  1 
ATOM   1116 C C   . ASP B 1 42  ? 5.128   15.383  -14.780 1.00 53.61 ? 68  ASP B C   1 
ATOM   1117 O O   . ASP B 1 42  ? 5.016   14.231  -15.254 1.00 55.41 ? 68  ASP B O   1 
ATOM   1118 C CB  . ASP B 1 42  ? 5.288   15.402  -12.211 1.00 51.36 ? 68  ASP B CB  1 
ATOM   1119 C CG  . ASP B 1 42  ? 6.687   15.963  -12.274 1.00 52.38 ? 68  ASP B CG  1 
ATOM   1120 O OD1 . ASP B 1 42  ? 6.883   17.183  -12.142 1.00 48.85 ? 68  ASP B OD1 1 
ATOM   1121 O OD2 . ASP B 1 42  ? 7.610   15.153  -12.459 1.00 58.37 ? 68  ASP B OD2 1 
ATOM   1122 N N   . GLY B 1 43  ? 5.856   16.317  -15.377 1.00 53.32 ? 69  GLY B N   1 
ATOM   1123 C CA  . GLY B 1 43  ? 6.517   16.068  -16.660 1.00 54.83 ? 69  GLY B CA  1 
ATOM   1124 C C   . GLY B 1 43  ? 7.864   15.343  -16.731 1.00 56.93 ? 69  GLY B C   1 
ATOM   1125 O O   . GLY B 1 43  ? 8.276   14.981  -17.818 1.00 53.59 ? 69  GLY B O   1 
ATOM   1126 N N   . ASP B 1 44  ? 8.538   15.112  -15.603 1.00 46.93 ? 70  ASP B N   1 
ATOM   1127 C CA  . ASP B 1 44  ? 9.934   14.632  -15.578 1.00 49.13 ? 70  ASP B CA  1 
ATOM   1128 C C   . ASP B 1 44  ? 10.056  13.110  -15.359 1.00 44.29 ? 70  ASP B C   1 
ATOM   1129 O O   . ASP B 1 44  ? 9.643   12.656  -14.263 1.00 39.36 ? 70  ASP B O   1 
ATOM   1130 C CB  . ASP B 1 44  ? 10.615  15.305  -14.390 1.00 43.93 ? 70  ASP B CB  1 
ATOM   1131 C CG  . ASP B 1 44  ? 12.056  14.811  -14.165 1.00 50.99 ? 70  ASP B CG  1 
ATOM   1132 O OD1 . ASP B 1 44  ? 12.577  13.847  -14.838 1.00 41.32 ? 70  ASP B OD1 1 
ATOM   1133 O OD2 . ASP B 1 44  ? 12.696  15.429  -13.300 1.00 47.35 ? 70  ASP B OD2 1 
ATOM   1134 N N   . PRO B 1 45  ? 10.676  12.343  -16.312 1.00 40.79 ? 71  PRO B N   1 
ATOM   1135 C CA  . PRO B 1 45  ? 10.613  10.872  -16.111 1.00 39.27 ? 71  PRO B CA  1 
ATOM   1136 C C   . PRO B 1 45  ? 11.534  10.313  -15.047 1.00 37.92 ? 71  PRO B C   1 
ATOM   1137 O O   . PRO B 1 45  ? 11.466  9.130   -14.748 1.00 40.51 ? 71  PRO B O   1 
ATOM   1138 C CB  . PRO B 1 45  ? 10.962  10.299  -17.485 1.00 41.01 ? 71  PRO B CB  1 
ATOM   1139 C CG  . PRO B 1 45  ? 11.797  11.374  -18.164 1.00 40.15 ? 71  PRO B CG  1 
ATOM   1140 C CD  . PRO B 1 45  ? 11.143  12.660  -17.691 1.00 38.98 ? 71  PRO B CD  1 
ATOM   1141 N N   . ASP B 1 46  ? 12.368  11.156  -14.447 1.00 35.67 ? 72  ASP B N   1 
ATOM   1142 C CA  . ASP B 1 46  ? 13.356  10.680  -13.464 1.00 37.82 ? 72  ASP B CA  1 
ATOM   1143 C C   . ASP B 1 46  ? 12.761  10.611  -12.076 1.00 38.49 ? 72  ASP B C   1 
ATOM   1144 O O   . ASP B 1 46  ? 13.348  10.073  -11.168 1.00 45.35 ? 72  ASP B O   1 
ATOM   1145 C CB  . ASP B 1 46  ? 14.611  11.563  -13.462 1.00 41.25 ? 72  ASP B CB  1 
ATOM   1146 C CG  . ASP B 1 46  ? 15.414  11.460  -14.778 1.00 42.21 ? 72  ASP B CG  1 
ATOM   1147 O OD1 . ASP B 1 46  ? 15.191  10.520  -15.589 1.00 40.04 ? 72  ASP B OD1 1 
ATOM   1148 O OD2 . ASP B 1 46  ? 16.271  12.337  -14.985 1.00 49.45 ? 72  ASP B OD2 1 
ATOM   1149 N N   . THR B 1 47  ? 11.563  11.116  -11.955 1.00 35.15 ? 73  THR B N   1 
ATOM   1150 C CA  . THR B 1 47  ? 10.945  11.293  -10.683 1.00 42.45 ? 73  THR B CA  1 
ATOM   1151 C C   . THR B 1 47  ? 9.791   10.280  -10.531 1.00 34.56 ? 73  THR B C   1 
ATOM   1152 O O   . THR B 1 47  ? 9.043   10.084  -11.477 1.00 33.51 ? 73  THR B O   1 
ATOM   1153 C CB  . THR B 1 47  ? 10.426  12.732  -10.615 1.00 39.99 ? 73  THR B CB  1 
ATOM   1154 O OG1 . THR B 1 47  ? 11.556  13.580  -10.384 1.00 49.54 ? 73  THR B OG1 1 
ATOM   1155 C CG2 . THR B 1 47  ? 9.367   12.929  -9.499  1.00 51.68 ? 73  THR B CG2 1 
ATOM   1156 N N   . PRO B 1 48  ? 9.660   9.648   -9.343  1.00 37.14 ? 74  PRO B N   1 
ATOM   1157 C CA  . PRO B 1 48  ? 8.506   8.736   -9.130  1.00 36.23 ? 74  PRO B CA  1 
ATOM   1158 C C   . PRO B 1 48  ? 7.162   9.437   -9.324  1.00 33.88 ? 74  PRO B C   1 
ATOM   1159 O O   . PRO B 1 48  ? 6.977   10.583  -8.925  1.00 35.33 ? 74  PRO B O   1 
ATOM   1160 C CB  . PRO B 1 48  ? 8.654   8.323   -7.659  1.00 36.31 ? 74  PRO B CB  1 
ATOM   1161 C CG  . PRO B 1 48  ? 10.089  8.577   -7.326  1.00 42.37 ? 74  PRO B CG  1 
ATOM   1162 C CD  . PRO B 1 48  ? 10.473  9.792   -8.108  1.00 36.29 ? 74  PRO B CD  1 
ATOM   1163 N N   . LYS B 1 49  ? 6.236   8.751   -9.961  1.00 33.49 ? 75  LYS B N   1 
ATOM   1164 C CA  . LYS B 1 49  ? 4.925   9.269   -10.159 1.00 33.02 ? 75  LYS B CA  1 
ATOM   1165 C C   . LYS B 1 49  ? 3.985   8.423   -9.276  1.00 31.48 ? 75  LYS B C   1 
ATOM   1166 O O   . LYS B 1 49  ? 4.080   7.186   -9.255  1.00 31.77 ? 75  LYS B O   1 
ATOM   1167 C CB  . LYS B 1 49  ? 4.535   9.109   -11.617 1.00 37.40 ? 75  LYS B CB  1 
ATOM   1168 C CG  . LYS B 1 49  ? 5.657   9.398   -12.656 1.00 41.49 ? 75  LYS B CG  1 
ATOM   1169 C CD  . LYS B 1 49  ? 5.412   10.686  -13.427 1.00 45.58 ? 75  LYS B CD  1 
ATOM   1170 C CE  . LYS B 1 49  ? 6.659   11.411  -13.980 1.00 40.04 ? 75  LYS B CE  1 
ATOM   1171 N NZ  . LYS B 1 49  ? 7.185   12.333  -12.886 1.00 45.44 ? 75  LYS B NZ  1 
ATOM   1172 N N   . PRO B 1 50  ? 3.039   9.072   -8.600  1.00 34.56 ? 76  PRO B N   1 
ATOM   1173 C CA  . PRO B 1 50  ? 1.995   8.321   -7.845  1.00 32.42 ? 76  PRO B CA  1 
ATOM   1174 C C   . PRO B 1 50  ? 1.147   7.418   -8.733  1.00 32.40 ? 76  PRO B C   1 
ATOM   1175 O O   . PRO B 1 50  ? 0.734   7.819   -9.886  1.00 30.05 ? 76  PRO B O   1 
ATOM   1176 C CB  . PRO B 1 50  ? 1.086   9.443   -7.327  1.00 31.18 ? 76  PRO B CB  1 
ATOM   1177 C CG  . PRO B 1 50  ? 1.213   10.518  -8.437  1.00 40.55 ? 76  PRO B CG  1 
ATOM   1178 C CD  . PRO B 1 50  ? 2.704   10.511  -8.740  1.00 39.33 ? 76  PRO B CD  1 
ATOM   1179 N N   . VAL B 1 51  ? 0.882   6.209   -8.231  1.00 28.56 ? 77  VAL B N   1 
ATOM   1180 C CA  . VAL B 1 51  ? -0.065  5.269   -8.884  1.00 28.12 ? 77  VAL B CA  1 
ATOM   1181 C C   . VAL B 1 51  ? -0.972  4.661   -7.811  1.00 30.45 ? 77  VAL B C   1 
ATOM   1182 O O   . VAL B 1 51  ? -0.515  4.482   -6.658  1.00 28.53 ? 77  VAL B O   1 
ATOM   1183 C CB  . VAL B 1 51  ? 0.653   4.085   -9.541  1.00 33.41 ? 77  VAL B CB  1 
ATOM   1184 C CG1 . VAL B 1 51  ? 1.409   4.591   -10.769 1.00 32.75 ? 77  VAL B CG1 1 
ATOM   1185 C CG2 . VAL B 1 51  ? 1.559   3.386   -8.541  1.00 27.71 ? 77  VAL B CG2 1 
ATOM   1186 N N   . SER B 1 52  ? -2.225  4.392   -8.169  1.00 30.07 ? 78  SER B N   1 
ATOM   1187 C CA  . SER B 1 52  ? -3.073  3.615   -7.297  1.00 26.67 ? 78  SER B CA  1 
ATOM   1188 C C   . SER B 1 52  ? -3.948  2.875   -8.264  1.00 27.48 ? 78  SER B C   1 
ATOM   1189 O O   . SER B 1 52  ? -4.381  3.400   -9.310  1.00 28.98 ? 78  SER B O   1 
ATOM   1190 C CB  . SER B 1 52  ? -3.867  4.469   -6.287  1.00 25.85 ? 78  SER B CB  1 
ATOM   1191 O OG  . SER B 1 52  ? -4.515  5.527   -6.960  1.00 29.59 ? 78  SER B OG  1 
ATOM   1192 N N   . PHE B 1 53  ? -4.166  1.598   -7.979  1.00 27.99 ? 79  PHE B N   1 
ATOM   1193 C CA  . PHE B 1 53  ? -4.958  0.759   -8.881  1.00 25.56 ? 79  PHE B CA  1 
ATOM   1194 C C   . PHE B 1 53  ? -5.375  -0.479  -8.117  1.00 27.46 ? 79  PHE B C   1 
ATOM   1195 O O   . PHE B 1 53  ? -4.762  -0.826  -7.090  1.00 29.15 ? 79  PHE B O   1 
ATOM   1196 C CB  . PHE B 1 53  ? -4.132  0.295   -10.113 1.00 24.19 ? 79  PHE B CB  1 
ATOM   1197 C CG  . PHE B 1 53  ? -2.793  -0.260  -9.791  1.00 26.04 ? 79  PHE B CG  1 
ATOM   1198 C CD1 . PHE B 1 53  ? -1.675  0.561   -9.622  1.00 24.78 ? 79  PHE B CD1 1 
ATOM   1199 C CD2 . PHE B 1 53  ? -2.612  -1.657  -9.772  1.00 23.92 ? 79  PHE B CD2 1 
ATOM   1200 C CE1 . PHE B 1 53  ? -0.432  0.037   -9.340  1.00 25.09 ? 79  PHE B CE1 1 
ATOM   1201 C CE2 . PHE B 1 53  ? -1.345  -2.210  -9.512  1.00 26.85 ? 79  PHE B CE2 1 
ATOM   1202 C CZ  . PHE B 1 53  ? -0.260  -1.381  -9.301  1.00 26.48 ? 79  PHE B CZ  1 
ATOM   1203 N N   . THR B 1 54  ? -6.366  -1.170  -8.650  1.00 26.47 ? 80  THR B N   1 
ATOM   1204 C CA  . THR B 1 54  ? -6.709  -2.491  -8.134  1.00 26.36 ? 80  THR B CA  1 
ATOM   1205 C C   . THR B 1 54  ? -6.204  -3.599  -9.037  1.00 28.22 ? 80  THR B C   1 
ATOM   1206 O O   . THR B 1 54  ? -6.056  -3.384  -10.247 1.00 25.82 ? 80  THR B O   1 
ATOM   1207 C CB  . THR B 1 54  ? -8.215  -2.686  -7.992  1.00 26.32 ? 80  THR B CB  1 
ATOM   1208 O OG1 . THR B 1 54  ? -8.811  -2.258  -9.228  1.00 29.23 ? 80  THR B OG1 1 
ATOM   1209 C CG2 . THR B 1 54  ? -8.726  -1.833  -6.762  1.00 29.19 ? 80  THR B CG2 1 
ATOM   1210 N N   . VAL B 1 55  ? -5.878  -4.755  -8.424  1.00 26.21 ? 81  VAL B N   1 
ATOM   1211 C CA  . VAL B 1 55  ? -5.666  -5.983  -9.207  1.00 25.60 ? 81  VAL B CA  1 
ATOM   1212 C C   . VAL B 1 55  ? -6.673  -7.025  -8.764  1.00 25.18 ? 81  VAL B C   1 
ATOM   1213 O O   . VAL B 1 55  ? -7.194  -6.982  -7.647  1.00 28.08 ? 81  VAL B O   1 
ATOM   1214 C CB  . VAL B 1 55  ? -4.227  -6.513  -9.103  1.00 23.45 ? 81  VAL B CB  1 
ATOM   1215 C CG1 . VAL B 1 55  ? -3.258  -5.523  -9.792  1.00 22.86 ? 81  VAL B CG1 1 
ATOM   1216 C CG2 . VAL B 1 55  ? -3.786  -6.690  -7.630  1.00 25.43 ? 81  VAL B CG2 1 
ATOM   1217 N N   . LYS B 1 56  ? -6.916  -8.003  -9.623  1.00 27.39 ? 82  LYS B N   1 
ATOM   1218 C CA  . LYS B 1 56  ? -7.812  -9.073  -9.290  1.00 24.98 ? 82  LYS B CA  1 
ATOM   1219 C C   . LYS B 1 56  ? -7.181  -10.354 -9.726  1.00 26.56 ? 82  LYS B C   1 
ATOM   1220 O O   . LYS B 1 56  ? -6.515  -10.410 -10.787 1.00 27.51 ? 82  LYS B O   1 
ATOM   1221 C CB  . LYS B 1 56  ? -9.100  -8.900  -10.024 1.00 26.64 ? 82  LYS B CB  1 
ATOM   1222 C CG  . LYS B 1 56  ? -10.189 -9.914  -9.654  1.00 28.15 ? 82  LYS B CG  1 
ATOM   1223 C CD  . LYS B 1 56  ? -11.544 -9.566  -10.264 1.00 27.84 ? 82  LYS B CD  1 
ATOM   1224 C CE  . LYS B 1 56  ? -12.646 -10.487 -9.699  1.00 33.49 ? 82  LYS B CE  1 
ATOM   1225 N NZ  . LYS B 1 56  ? -13.747 -10.312 -10.629 1.00 36.81 ? 82  LYS B NZ  1 
ATOM   1226 N N   . GLU B 1 57  ? -7.405  -11.377 -8.906  1.00 29.11 ? 83  GLU B N   1 
ATOM   1227 C CA  . GLU B 1 57  ? -6.893  -12.754 -9.130  1.00 28.63 ? 83  GLU B CA  1 
ATOM   1228 C C   . GLU B 1 57  ? -7.445  -13.325 -10.441 1.00 29.58 ? 83  GLU B C   1 
ATOM   1229 O O   . GLU B 1 57  ? -8.666  -13.186 -10.753 1.00 30.40 ? 83  GLU B O   1 
ATOM   1230 C CB  . GLU B 1 57  ? -7.369  -13.632 -7.985  1.00 31.25 ? 83  GLU B CB  1 
ATOM   1231 C CG  . GLU B 1 57  ? -6.892  -15.055 -7.963  1.00 29.42 ? 83  GLU B CG  1 
ATOM   1232 C CD  . GLU B 1 57  ? -7.500  -15.820 -6.741  1.00 35.45 ? 83  GLU B CD  1 
ATOM   1233 O OE1 . GLU B 1 57  ? -8.502  -15.356 -6.124  1.00 28.92 ? 83  GLU B OE1 1 
ATOM   1234 O OE2 . GLU B 1 57  ? -6.926  -16.848 -6.379  1.00 37.12 ? 83  GLU B OE2 1 
ATOM   1235 N N   . THR B 1 58  ? -6.573  -13.971 -11.209 1.00 29.19 ? 84  THR B N   1 
ATOM   1236 C CA  . THR B 1 58  ? -6.984  -14.554 -12.490 1.00 27.73 ? 84  THR B CA  1 
ATOM   1237 C C   . THR B 1 58  ? -7.034  -16.070 -12.272 1.00 27.52 ? 84  THR B C   1 
ATOM   1238 O O   . THR B 1 58  ? -6.647  -16.603 -11.185 1.00 29.17 ? 84  THR B O   1 
ATOM   1239 C CB  . THR B 1 58  ? -5.931  -14.317 -13.635 1.00 25.90 ? 84  THR B CB  1 
ATOM   1240 O OG1 . THR B 1 58  ? -4.729  -14.943 -13.248 1.00 27.72 ? 84  THR B OG1 1 
ATOM   1241 C CG2 . THR B 1 58  ? -5.586  -12.762 -13.823 1.00 27.92 ? 84  THR B CG2 1 
ATOM   1242 N N   . VAL B 1 59  ? -7.494  -16.775 -13.308 1.00 29.70 ? 85  VAL B N   1 
ATOM   1243 C CA  . VAL B 1 59  ? -7.449  -18.240 -13.319 1.00 30.76 ? 85  VAL B CA  1 
ATOM   1244 C C   . VAL B 1 59  ? -6.046  -18.782 -13.638 1.00 32.86 ? 85  VAL B C   1 
ATOM   1245 O O   . VAL B 1 59  ? -5.837  -19.972 -13.650 1.00 36.04 ? 85  VAL B O   1 
ATOM   1246 C CB  . VAL B 1 59  ? -8.437  -18.782 -14.340 1.00 30.52 ? 85  VAL B CB  1 
ATOM   1247 C CG1 . VAL B 1 59  ? -9.881  -18.372 -13.987 1.00 29.94 ? 85  VAL B CG1 1 
ATOM   1248 C CG2 . VAL B 1 59  ? -8.108  -18.297 -15.754 1.00 34.35 ? 85  VAL B CG2 1 
ATOM   1249 N N   . CYS B 1 60  ? -5.061  -17.942 -13.877 1.00 32.53 ? 86  CYS B N   1 
ATOM   1250 C CA  . CYS B 1 60  ? -3.691  -18.484 -14.134 1.00 32.04 ? 86  CYS B CA  1 
ATOM   1251 C C   . CYS B 1 60  ? -2.861  -18.724 -12.886 1.00 37.53 ? 86  CYS B C   1 
ATOM   1252 O O   . CYS B 1 60  ? -2.775  -17.844 -12.017 1.00 35.58 ? 86  CYS B O   1 
ATOM   1253 C CB  . CYS B 1 60  ? -2.894  -17.558 -15.057 1.00 33.01 ? 86  CYS B CB  1 
ATOM   1254 S SG  . CYS B 1 60  ? -3.543  -17.451 -16.752 1.00 39.96 ? 86  CYS B SG  1 
ATOM   1255 N N   . PRO B 1 61  ? -2.189  -19.900 -12.786 1.00 34.95 ? 87  PRO B N   1 
ATOM   1256 C CA  . PRO B 1 61  ? -1.223  -20.149 -11.714 1.00 40.16 ? 87  PRO B CA  1 
ATOM   1257 C C   . PRO B 1 61  ? -0.127  -19.138 -11.792 1.00 37.75 ? 87  PRO B C   1 
ATOM   1258 O O   . PRO B 1 61  ? 0.185   -18.640 -12.903 1.00 40.63 ? 87  PRO B O   1 
ATOM   1259 C CB  . PRO B 1 61  ? -0.696  -21.586 -11.996 1.00 35.81 ? 87  PRO B CB  1 
ATOM   1260 C CG  . PRO B 1 61  ? -1.820  -22.204 -12.742 1.00 49.04 ? 87  PRO B CG  1 
ATOM   1261 C CD  . PRO B 1 61  ? -2.407  -21.109 -13.617 1.00 43.11 ? 87  PRO B CD  1 
ATOM   1262 N N   . ARG B 1 62  ? 0.413   -18.778 -10.629 1.00 35.62 ? 88  ARG B N   1 
ATOM   1263 C CA  . ARG B 1 62  ? 1.256   -17.610 -10.493 1.00 41.46 ? 88  ARG B CA  1 
ATOM   1264 C C   . ARG B 1 62  ? 2.560   -17.764 -11.299 1.00 52.04 ? 88  ARG B C   1 
ATOM   1265 O O   . ARG B 1 62  ? 3.226   -16.763 -11.642 1.00 54.33 ? 88  ARG B O   1 
ATOM   1266 C CB  . ARG B 1 62  ? 1.558   -17.303 -8.997  1.00 44.45 ? 88  ARG B CB  1 
ATOM   1267 C CG  . ARG B 1 62  ? 2.115   -15.885 -8.738  1.00 48.25 ? 88  ARG B CG  1 
ATOM   1268 C CD  . ARG B 1 62  ? 2.619   -15.638 -7.331  1.00 42.99 ? 88  ARG B CD  1 
ATOM   1269 N NE  . ARG B 1 62  ? 3.457   -16.759 -6.938  1.00 49.18 ? 88  ARG B NE  1 
ATOM   1270 C CZ  . ARG B 1 62  ? 4.763   -16.848 -7.166  1.00 54.46 ? 88  ARG B CZ  1 
ATOM   1271 N NH1 . ARG B 1 62  ? 5.423   -17.949 -6.798  1.00 57.48 ? 88  ARG B NH1 1 
ATOM   1272 N NH2 . ARG B 1 62  ? 5.408   -15.841 -7.748  1.00 48.17 ? 88  ARG B NH2 1 
ATOM   1273 N N   . THR B 1 63  ? 2.878   -19.001 -11.639 1.00 52.52 ? 89  THR B N   1 
ATOM   1274 C CA  . THR B 1 63  ? 4.043   -19.307 -12.457 1.00 65.02 ? 89  THR B CA  1 
ATOM   1275 C C   . THR B 1 63  ? 3.645   -19.678 -13.888 1.00 65.66 ? 89  THR B C   1 
ATOM   1276 O O   . THR B 1 63  ? 4.216   -20.580 -14.512 1.00 74.15 ? 89  THR B O   1 
ATOM   1277 C CB  . THR B 1 63  ? 4.892   -20.444 -11.841 1.00 70.23 ? 89  THR B CB  1 
ATOM   1278 O OG1 . THR B 1 63  ? 4.025   -21.479 -11.340 1.00 71.18 ? 89  THR B OG1 1 
ATOM   1279 C CG2 . THR B 1 63  ? 5.844   -19.913 -10.747 1.00 62.07 ? 89  THR B CG2 1 
ATOM   1280 N N   . THR B 1 64  ? 2.640   -18.987 -14.393 1.00 51.03 ? 90  THR B N   1 
ATOM   1281 C CA  . THR B 1 64  ? 2.333   -18.993 -15.798 1.00 46.08 ? 90  THR B CA  1 
ATOM   1282 C C   . THR B 1 64  ? 3.319   -18.057 -16.433 1.00 40.16 ? 90  THR B C   1 
ATOM   1283 O O   . THR B 1 64  ? 3.746   -17.128 -15.812 1.00 40.89 ? 90  THR B O   1 
ATOM   1284 C CB  . THR B 1 64  ? 0.941   -18.431 -16.016 1.00 45.40 ? 90  THR B CB  1 
ATOM   1285 O OG1 . THR B 1 64  ? -0.004  -19.469 -15.772 1.00 47.67 ? 90  THR B OG1 1 
ATOM   1286 C CG2 . THR B 1 64  ? 0.782   -17.930 -17.421 1.00 52.74 ? 90  THR B CG2 1 
ATOM   1287 N N   . GLN B 1 65  ? 3.712   -18.303 -17.686 1.00 37.33 ? 91  GLN B N   1 
ATOM   1288 C CA  . GLN B 1 65  ? 4.579   -17.339 -18.283 1.00 36.77 ? 91  GLN B CA  1 
ATOM   1289 C C   . GLN B 1 65  ? 3.816   -16.382 -19.202 1.00 34.29 ? 91  GLN B C   1 
ATOM   1290 O O   . GLN B 1 65  ? 4.386   -15.459 -19.716 1.00 34.12 ? 91  GLN B O   1 
ATOM   1291 C CB  . GLN B 1 65  ? 5.692   -18.045 -19.041 1.00 38.27 ? 91  GLN B CB  1 
ATOM   1292 C CG  . GLN B 1 65  ? 6.566   -18.807 -18.082 1.00 43.52 ? 91  GLN B CG  1 
ATOM   1293 C CD  . GLN B 1 65  ? 7.511   -19.715 -18.801 1.00 58.36 ? 91  GLN B CD  1 
ATOM   1294 O OE1 . GLN B 1 65  ? 7.989   -19.401 -19.903 1.00 56.91 ? 91  GLN B OE1 1 
ATOM   1295 N NE2 . GLN B 1 65  ? 7.797   -20.863 -18.186 1.00 64.27 ? 91  GLN B NE2 1 
ATOM   1296 N N   . GLN B 1 66  ? 2.529   -16.578 -19.419 1.00 37.51 ? 92  GLN B N   1 
ATOM   1297 C CA  . GLN B 1 66  ? 1.822   -15.608 -20.259 1.00 38.04 ? 92  GLN B CA  1 
ATOM   1298 C C   . GLN B 1 66  ? 1.685   -14.283 -19.521 1.00 37.58 ? 92  GLN B C   1 
ATOM   1299 O O   . GLN B 1 66  ? 1.848   -14.233 -18.316 1.00 33.95 ? 92  GLN B O   1 
ATOM   1300 C CB  . GLN B 1 66  ? 0.452   -16.133 -20.631 1.00 47.51 ? 92  GLN B CB  1 
ATOM   1301 C CG  . GLN B 1 66  ? -0.308  -16.727 -19.449 1.00 55.81 ? 92  GLN B CG  1 
ATOM   1302 C CD  . GLN B 1 66  ? -1.341  -17.809 -19.853 1.00 60.76 ? 92  GLN B CD  1 
ATOM   1303 O OE1 . GLN B 1 66  ? -1.316  -18.926 -19.332 1.00 67.66 ? 92  GLN B OE1 1 
ATOM   1304 N NE2 . GLN B 1 66  ? -2.246  -17.476 -20.765 1.00 51.43 ? 92  GLN B NE2 1 
ATOM   1305 N N   . SER B 1 67  ? 1.366   -13.205 -20.232 1.00 29.45 ? 93  SER B N   1 
ATOM   1306 C CA  . SER B 1 67  ? 1.075   -11.964 -19.589 1.00 32.28 ? 93  SER B CA  1 
ATOM   1307 C C   . SER B 1 67  ? -0.224  -12.140 -18.773 1.00 31.25 ? 93  SER B C   1 
ATOM   1308 O O   . SER B 1 67  ? -1.119  -12.888 -19.175 1.00 32.44 ? 93  SER B O   1 
ATOM   1309 C CB  . SER B 1 67  ? 0.779   -10.939 -20.689 1.00 37.84 ? 93  SER B CB  1 
ATOM   1310 O OG  . SER B 1 67  ? 0.272   -9.766  -20.084 1.00 42.81 ? 93  SER B OG  1 
ATOM   1311 N N   . PRO B 1 68  ? -0.368  -11.443 -17.631 1.00 29.49 ? 94  PRO B N   1 
ATOM   1312 C CA  . PRO B 1 68  ? -1.608  -11.537 -16.877 1.00 31.95 ? 94  PRO B CA  1 
ATOM   1313 C C   . PRO B 1 68  ? -2.765  -11.021 -17.677 1.00 28.02 ? 94  PRO B C   1 
ATOM   1314 O O   . PRO B 1 68  ? -3.872  -11.462 -17.453 1.00 30.91 ? 94  PRO B O   1 
ATOM   1315 C CB  . PRO B 1 68  ? -1.402  -10.620 -15.674 1.00 31.03 ? 94  PRO B CB  1 
ATOM   1316 C CG  . PRO B 1 68  ? -0.062  -9.999  -15.858 1.00 37.08 ? 94  PRO B CG  1 
ATOM   1317 C CD  . PRO B 1 68  ? 0.709   -10.759 -16.905 1.00 34.72 ? 94  PRO B CD  1 
ATOM   1318 N N   . GLU B 1 69  ? -2.473  -10.111 -18.602 1.00 29.40 ? 95  GLU B N   1 
ATOM   1319 C CA  . GLU B 1 69  ? -3.455  -9.565  -19.522 1.00 35.92 ? 95  GLU B CA  1 
ATOM   1320 C C   . GLU B 1 69  ? -4.181  -10.658 -20.332 1.00 34.19 ? 95  GLU B C   1 
ATOM   1321 O O   . GLU B 1 69  ? -5.313  -10.478 -20.771 1.00 35.85 ? 95  GLU B O   1 
ATOM   1322 C CB  . GLU B 1 69  ? -2.760  -8.495  -20.443 1.00 41.31 ? 95  GLU B CB  1 
ATOM   1323 C CG  . GLU B 1 69  ? -2.255  -7.274  -19.623 1.00 45.16 ? 95  GLU B CG  1 
ATOM   1324 C CD  . GLU B 1 69  ? -3.428  -6.436  -19.035 1.00 50.10 ? 95  GLU B CD  1 
ATOM   1325 O OE1 . GLU B 1 69  ? -4.147  -5.796  -19.834 1.00 52.25 ? 95  GLU B OE1 1 
ATOM   1326 O OE2 . GLU B 1 69  ? -3.657  -6.390  -17.787 1.00 37.18 ? 95  GLU B OE2 1 
ATOM   1327 N N   . ASP B 1 70  ? -3.533  -11.789 -20.535 1.00 30.62 ? 96  ASP B N   1 
ATOM   1328 C CA  . ASP B 1 70  ? -4.111  -12.891 -21.330 1.00 31.70 ? 96  ASP B CA  1 
ATOM   1329 C C   . ASP B 1 70  ? -4.922  -13.856 -20.429 1.00 35.95 ? 96  ASP B C   1 
ATOM   1330 O O   . ASP B 1 70  ? -5.504  -14.789 -20.956 1.00 37.00 ? 96  ASP B O   1 
ATOM   1331 C CB  . ASP B 1 70  ? -3.011  -13.686 -22.057 1.00 32.82 ? 96  ASP B CB  1 
ATOM   1332 C CG  . ASP B 1 70  ? -2.291  -12.859 -23.153 1.00 34.27 ? 96  ASP B CG  1 
ATOM   1333 O OD1 . ASP B 1 70  ? -2.910  -11.912 -23.697 1.00 39.83 ? 96  ASP B OD1 1 
ATOM   1334 O OD2 . ASP B 1 70  ? -1.159  -13.249 -23.453 1.00 42.27 ? 96  ASP B OD2 1 
ATOM   1335 N N   . CYS B 1 71  ? -4.942  -13.611 -19.108 1.00 34.89 ? 97  CYS B N   1 
ATOM   1336 C CA  . CYS B 1 71  ? -5.511  -14.528 -18.122 1.00 35.62 ? 97  CYS B CA  1 
ATOM   1337 C C   . CYS B 1 71  ? -6.833  -13.964 -17.674 1.00 37.64 ? 97  CYS B C   1 
ATOM   1338 O O   . CYS B 1 71  ? -6.917  -12.790 -17.201 1.00 37.78 ? 97  CYS B O   1 
ATOM   1339 C CB  . CYS B 1 71  ? -4.588  -14.715 -16.932 1.00 36.11 ? 97  CYS B CB  1 
ATOM   1340 S SG  . CYS B 1 71  ? -3.007  -15.492 -17.325 1.00 35.82 ? 97  CYS B SG  1 
ATOM   1341 N N   . ASP B 1 72  ? -7.889  -14.767 -17.867 1.00 32.55 ? 98  ASP B N   1 
ATOM   1342 C CA  . ASP B 1 72  ? -9.220  -14.303 -17.465 1.00 34.72 ? 98  ASP B CA  1 
ATOM   1343 C C   . ASP B 1 72  ? -9.229  -14.141 -15.974 1.00 30.06 ? 98  ASP B C   1 
ATOM   1344 O O   . ASP B 1 72  ? -8.560  -14.881 -15.259 1.00 31.76 ? 98  ASP B O   1 
ATOM   1345 C CB  . ASP B 1 72  ? -10.312 -15.320 -17.792 1.00 38.68 ? 98  ASP B CB  1 
ATOM   1346 C CG  . ASP B 1 72  ? -10.544 -15.457 -19.278 1.00 42.76 ? 98  ASP B CG  1 
ATOM   1347 O OD1 . ASP B 1 72  ? -10.048 -14.583 -20.026 1.00 42.03 ? 98  ASP B OD1 1 
ATOM   1348 O OD2 . ASP B 1 72  ? -11.163 -16.470 -19.675 1.00 46.81 ? 98  ASP B OD2 1 
ATOM   1349 N N   . PHE B 1 73  ? -9.979  -13.148 -15.520 1.00 31.50 ? 99  PHE B N   1 
ATOM   1350 C CA  . PHE B 1 73  ? -10.213 -12.958 -14.072 1.00 29.26 ? 99  PHE B CA  1 
ATOM   1351 C C   . PHE B 1 73  ? -10.966 -14.152 -13.521 1.00 30.34 ? 99  PHE B C   1 
ATOM   1352 O O   . PHE B 1 73  ? -11.827 -14.762 -14.182 1.00 32.97 ? 99  PHE B O   1 
ATOM   1353 C CB  . PHE B 1 73  ? -11.066 -11.703 -13.807 1.00 31.33 ? 99  PHE B CB  1 
ATOM   1354 C CG  . PHE B 1 73  ? -10.393 -10.417 -14.190 1.00 32.81 ? 99  PHE B CG  1 
ATOM   1355 C CD1 . PHE B 1 73  ? -9.237  -10.001 -13.516 1.00 33.27 ? 99  PHE B CD1 1 
ATOM   1356 C CD2 . PHE B 1 73  ? -10.870 -9.636  -15.209 1.00 31.64 ? 99  PHE B CD2 1 
ATOM   1357 C CE1 . PHE B 1 73  ? -8.625  -8.771  -13.822 1.00 33.69 ? 99  PHE B CE1 1 
ATOM   1358 C CE2 . PHE B 1 73  ? -10.237 -8.425  -15.531 1.00 29.03 ? 99  PHE B CE2 1 
ATOM   1359 C CZ  . PHE B 1 73  ? -9.149  -7.995  -14.827 1.00 30.13 ? 99  PHE B CZ  1 
ATOM   1360 N N   . LYS B 1 74  ? -10.597 -14.549 -12.326 1.00 29.39 ? 100 LYS B N   1 
ATOM   1361 C CA  . LYS B 1 74  ? -11.287 -15.618 -11.670 1.00 34.61 ? 100 LYS B CA  1 
ATOM   1362 C C   . LYS B 1 74  ? -12.641 -15.070 -11.211 1.00 38.59 ? 100 LYS B C   1 
ATOM   1363 O O   . LYS B 1 74  ? -12.733 -13.920 -10.777 1.00 31.61 ? 100 LYS B O   1 
ATOM   1364 C CB  . LYS B 1 74  ? -10.435 -16.153 -10.521 1.00 31.84 ? 100 LYS B CB  1 
ATOM   1365 C CG  . LYS B 1 74  ? -10.947 -17.357 -9.781  1.00 38.05 ? 100 LYS B CG  1 
ATOM   1366 C CD  . LYS B 1 74  ? -9.856  -17.876 -8.848  1.00 38.53 ? 100 LYS B CD  1 
ATOM   1367 C CE  . LYS B 1 74  ? -10.573 -18.747 -7.820  1.00 47.75 ? 100 LYS B CE  1 
ATOM   1368 N NZ  . LYS B 1 74  ? -9.679  -19.491 -6.935  1.00 45.25 ? 100 LYS B NZ  1 
ATOM   1369 N N   . LYS B 1 75  ? -13.677 -15.903 -11.383 1.00 41.17 ? 101 LYS B N   1 
ATOM   1370 C CA  . LYS B 1 75  ? -15.007 -15.655 -10.833 1.00 44.58 ? 101 LYS B CA  1 
ATOM   1371 C C   . LYS B 1 75  ? -14.862 -15.506 -9.323  1.00 38.34 ? 101 LYS B C   1 
ATOM   1372 O O   . LYS B 1 75  ? -14.273 -16.359 -8.681  1.00 33.40 ? 101 LYS B O   1 
ATOM   1373 C CB  . LYS B 1 75  ? -15.946 -16.821 -11.158 1.00 51.36 ? 101 LYS B CB  1 
ATOM   1374 C CG  . LYS B 1 75  ? -17.376 -16.561 -10.719 1.00 59.85 ? 101 LYS B CG  1 
ATOM   1375 C CD  . LYS B 1 75  ? -17.988 -15.415 -11.529 1.00 60.45 ? 101 LYS B CD  1 
ATOM   1376 C CE  . LYS B 1 75  ? -19.491 -15.277 -11.265 1.00 64.62 ? 101 LYS B CE  1 
ATOM   1377 N NZ  . LYS B 1 75  ? -20.123 -16.586 -10.911 1.00 56.15 ? 101 LYS B NZ  1 
ATOM   1378 N N   . ASP B 1 76  ? -15.357 -14.398 -8.772  1.00 37.88 ? 102 ASP B N   1 
ATOM   1379 C CA  . ASP B 1 76  ? -15.161 -14.118 -7.335  1.00 41.89 ? 102 ASP B CA  1 
ATOM   1380 C C   . ASP B 1 76  ? -13.682 -14.124 -6.914  1.00 39.99 ? 102 ASP B C   1 
ATOM   1381 O O   . ASP B 1 76  ? -13.383 -14.390 -5.751  1.00 35.08 ? 102 ASP B O   1 
ATOM   1382 C CB  . ASP B 1 76  ? -15.929 -15.096 -6.430  1.00 46.25 ? 102 ASP B CB  1 
ATOM   1383 C CG  . ASP B 1 76  ? -17.432 -15.184 -6.758  1.00 56.27 ? 102 ASP B CG  1 
ATOM   1384 O OD1 . ASP B 1 76  ? -18.017 -14.198 -7.281  1.00 53.92 ? 102 ASP B OD1 1 
ATOM   1385 O OD2 . ASP B 1 76  ? -18.019 -16.277 -6.513  1.00 59.80 ? 102 ASP B OD2 1 
ATOM   1386 N N   . GLY B 1 77  ? -12.767 -13.878 -7.874  1.00 39.64 ? 103 GLY B N   1 
ATOM   1387 C CA  . GLY B 1 77  ? -11.339 -13.690 -7.586  1.00 30.95 ? 103 GLY B CA  1 
ATOM   1388 C C   . GLY B 1 77  ? -11.145 -12.588 -6.567  1.00 32.14 ? 103 GLY B C   1 
ATOM   1389 O O   . GLY B 1 77  ? -11.891 -11.591 -6.530  1.00 30.47 ? 103 GLY B O   1 
ATOM   1390 N N   . LEU B 1 78  ? -10.120 -12.746 -5.761  1.00 32.73 ? 104 LEU B N   1 
ATOM   1391 C CA  . LEU B 1 78  ? -9.772  -11.755 -4.745  1.00 35.34 ? 104 LEU B CA  1 
ATOM   1392 C C   . LEU B 1 78  ? -9.276  -10.477 -5.374  1.00 32.77 ? 104 LEU B C   1 
ATOM   1393 O O   . LEU B 1 78  ? -8.538  -10.528 -6.379  1.00 28.68 ? 104 LEU B O   1 
ATOM   1394 C CB  . LEU B 1 78  ? -8.742  -12.338 -3.784  1.00 37.39 ? 104 LEU B CB  1 
ATOM   1395 C CG  . LEU B 1 78  ? -9.078  -13.755 -3.230  1.00 49.89 ? 104 LEU B CG  1 
ATOM   1396 C CD1 . LEU B 1 78  ? -7.959  -14.276 -2.344  1.00 50.86 ? 104 LEU B CD1 1 
ATOM   1397 C CD2 . LEU B 1 78  ? -10.415 -13.887 -2.480  1.00 51.05 ? 104 LEU B CD2 1 
ATOM   1398 N N   . VAL B 1 79  ? -9.660  -9.332  -4.804  1.00 28.65 ? 105 VAL B N   1 
ATOM   1399 C CA  . VAL B 1 79  ? -9.247  -8.027  -5.329  1.00 28.72 ? 105 VAL B CA  1 
ATOM   1400 C C   . VAL B 1 79  ? -8.287  -7.426  -4.329  1.00 30.24 ? 105 VAL B C   1 
ATOM   1401 O O   . VAL B 1 79  ? -8.502  -7.560  -3.121  1.00 30.24 ? 105 VAL B O   1 
ATOM   1402 C CB  . VAL B 1 79  ? -10.453 -7.150  -5.599  1.00 26.82 ? 105 VAL B CB  1 
ATOM   1403 C CG1 . VAL B 1 79  ? -10.045 -5.714  -6.011  1.00 28.69 ? 105 VAL B CG1 1 
ATOM   1404 C CG2 . VAL B 1 79  ? -11.273 -7.775  -6.707  1.00 29.82 ? 105 VAL B CG2 1 
ATOM   1405 N N   . LYS B 1 80  ? -7.180  -6.841  -4.777  1.00 27.05 ? 106 LYS B N   1 
ATOM   1406 C CA  . LYS B 1 80  ? -6.403  -6.011  -3.832  1.00 25.89 ? 106 LYS B CA  1 
ATOM   1407 C C   . LYS B 1 80  ? -6.201  -4.615  -4.399  1.00 30.20 ? 106 LYS B C   1 
ATOM   1408 O O   . LYS B 1 80  ? -6.117  -4.452  -5.612  1.00 29.17 ? 106 LYS B O   1 
ATOM   1409 C CB  . LYS B 1 80  ? -4.991  -6.545  -3.599  1.00 30.34 ? 106 LYS B CB  1 
ATOM   1410 C CG  . LYS B 1 80  ? -4.892  -8.067  -3.595  1.00 33.12 ? 106 LYS B CG  1 
ATOM   1411 C CD  . LYS B 1 80  ? -3.435  -8.483  -3.307  1.00 35.09 ? 106 LYS B CD  1 
ATOM   1412 C CE  . LYS B 1 80  ? -3.430  -9.953  -2.854  1.00 40.71 ? 106 LYS B CE  1 
ATOM   1413 N NZ  . LYS B 1 80  ? -2.037  -10.438 -2.700  1.00 45.29 ? 106 LYS B NZ  1 
ATOM   1414 N N   . ARG B 1 81  ? -6.058  -3.628  -3.518  1.00 27.29 ? 107 ARG B N   1 
ATOM   1415 C CA  . ARG B 1 81  ? -5.809  -2.250  -3.938  1.00 27.98 ? 107 ARG B CA  1 
ATOM   1416 C C   . ARG B 1 81  ? -4.313  -1.965  -3.721  1.00 28.08 ? 107 ARG B C   1 
ATOM   1417 O O   . ARG B 1 81  ? -3.751  -2.256  -2.638  1.00 25.15 ? 107 ARG B O   1 
ATOM   1418 C CB  . ARG B 1 81  ? -6.704  -1.278  -3.120  1.00 25.54 ? 107 ARG B CB  1 
ATOM   1419 C CG  . ARG B 1 81  ? -6.436  0.185   -3.472  1.00 22.12 ? 107 ARG B CG  1 
ATOM   1420 C CD  . ARG B 1 81  ? -7.682  1.083   -3.187  1.00 25.14 ? 107 ARG B CD  1 
ATOM   1421 N NE  . ARG B 1 81  ? -7.282  2.477   -3.252  1.00 25.97 ? 107 ARG B NE  1 
ATOM   1422 C CZ  . ARG B 1 81  ? -7.225  3.117   -4.406  1.00 26.59 ? 107 ARG B CZ  1 
ATOM   1423 N NH1 . ARG B 1 81  ? -7.594  2.500   -5.510  1.00 25.24 ? 107 ARG B NH1 1 
ATOM   1424 N NH2 . ARG B 1 81  ? -6.814  4.339   -4.437  1.00 28.30 ? 107 ARG B NH2 1 
ATOM   1425 N N   . CYS B 1 82  ? -3.675  -1.404  -4.748  1.00 25.47 ? 108 CYS B N   1 
ATOM   1426 C CA  . CYS B 1 82  ? -2.252  -1.209  -4.735  1.00 26.11 ? 108 CYS B CA  1 
ATOM   1427 C C   . CYS B 1 82  ? -1.962  0.309   -4.809  1.00 25.24 ? 108 CYS B C   1 
ATOM   1428 O O   . CYS B 1 82  ? -2.553  1.017   -5.588  1.00 26.77 ? 108 CYS B O   1 
ATOM   1429 C CB  . CYS B 1 82  ? -1.652  -1.853  -6.003  1.00 28.88 ? 108 CYS B CB  1 
ATOM   1430 S SG  . CYS B 1 82  ? -2.085  -3.633  -6.141  1.00 30.63 ? 108 CYS B SG  1 
ATOM   1431 N N   . MET B 1 83  ? -1.046  0.761   -4.000  1.00 25.91 ? 109 MET B N   1 
ATOM   1432 C CA  . MET B 1 83  ? -0.740  2.185   -3.946  1.00 24.66 ? 109 MET B CA  1 
ATOM   1433 C C   . MET B 1 83  ? 0.808   2.281   -3.960  1.00 25.78 ? 109 MET B C   1 
ATOM   1434 O O   . MET B 1 83  ? 1.497   1.425   -3.318  1.00 26.99 ? 109 MET B O   1 
ATOM   1435 C CB  . MET B 1 83  ? -1.097  2.816   -2.580  1.00 26.47 ? 109 MET B CB  1 
ATOM   1436 C CG  . MET B 1 83  ? -2.427  2.544   -1.960  1.00 29.97 ? 109 MET B CG  1 
ATOM   1437 S SD  . MET B 1 83  ? -3.620  3.273   -3.011  1.00 35.91 ? 109 MET B SD  1 
ATOM   1438 C CE  . MET B 1 83  ? -3.498  5.006   -2.371  1.00 30.39 ? 109 MET B CE  1 
ATOM   1439 N N   . GLY B 1 84  ? 1.310   3.357   -4.563  1.00 26.18 ? 110 GLY B N   1 
ATOM   1440 C CA  . GLY B 1 84  ? 2.715   3.757   -4.397  1.00 26.22 ? 110 GLY B CA  1 
ATOM   1441 C C   . GLY B 1 84  ? 3.179   4.549   -5.575  1.00 30.69 ? 110 GLY B C   1 
ATOM   1442 O O   . GLY B 1 84  ? 2.501   5.483   -6.006  1.00 27.72 ? 110 GLY B O   1 
ATOM   1443 N N   . THR B 1 85  ? 4.361   4.232   -6.094  1.00 32.17 ? 111 THR B N   1 
ATOM   1444 C CA  . THR B 1 85  ? 4.845   5.050   -7.174  1.00 28.59 ? 111 THR B CA  1 
ATOM   1445 C C   . THR B 1 85  ? 5.430   4.170   -8.211  1.00 32.25 ? 111 THR B C   1 
ATOM   1446 O O   . THR B 1 85  ? 5.878   3.042   -7.920  1.00 31.02 ? 111 THR B O   1 
ATOM   1447 C CB  . THR B 1 85  ? 6.000   5.993   -6.750  1.00 28.25 ? 111 THR B CB  1 
ATOM   1448 O OG1 . THR B 1 85  ? 7.061   5.180   -6.225  1.00 28.21 ? 111 THR B OG1 1 
ATOM   1449 C CG2 . THR B 1 85  ? 5.574   7.040   -5.697  1.00 29.01 ? 111 THR B CG2 1 
ATOM   1450 N N   . VAL B 1 86  ? 5.451   4.678   -9.436  1.00 29.31 ? 112 VAL B N   1 
ATOM   1451 C CA  . VAL B 1 86  ? 6.348   4.101   -10.460 1.00 30.02 ? 112 VAL B CA  1 
ATOM   1452 C C   . VAL B 1 86  ? 7.353   5.177   -10.971 1.00 30.60 ? 112 VAL B C   1 
ATOM   1453 O O   . VAL B 1 86  ? 7.130   6.370   -10.834 1.00 32.09 ? 112 VAL B O   1 
ATOM   1454 C CB  . VAL B 1 86  ? 5.550   3.498   -11.651 1.00 32.14 ? 112 VAL B CB  1 
ATOM   1455 C CG1 . VAL B 1 86  ? 4.676   2.338   -11.185 1.00 32.21 ? 112 VAL B CG1 1 
ATOM   1456 C CG2 . VAL B 1 86  ? 4.735   4.608   -12.340 1.00 32.19 ? 112 VAL B CG2 1 
ATOM   1457 N N   . THR B 1 87  ? 8.504   4.738   -11.448 1.00 32.00 ? 113 THR B N   1 
ATOM   1458 C CA  . THR B 1 87  ? 9.424   5.673   -12.059 1.00 32.33 ? 113 THR B CA  1 
ATOM   1459 C C   . THR B 1 87  ? 9.613   5.250   -13.489 1.00 33.92 ? 113 THR B C   1 
ATOM   1460 O O   . THR B 1 87  ? 10.088  4.122   -13.807 1.00 30.29 ? 113 THR B O   1 
ATOM   1461 C CB  . THR B 1 87  ? 10.736  5.619   -11.312 1.00 36.52 ? 113 THR B CB  1 
ATOM   1462 O OG1 . THR B 1 87  ? 10.470  6.025   -9.967  1.00 35.51 ? 113 THR B OG1 1 
ATOM   1463 C CG2 . THR B 1 87  ? 11.720  6.546   -11.965 1.00 37.97 ? 113 THR B CG2 1 
ATOM   1464 N N   . LEU B 1 88  ? 9.257   6.147   -14.376 1.00 30.99 ? 114 LEU B N   1 
ATOM   1465 C CA  . LEU B 1 88  ? 9.232   5.805   -15.816 1.00 32.95 ? 114 LEU B CA  1 
ATOM   1466 C C   . LEU B 1 88  ? 10.603  5.533   -16.435 1.00 33.79 ? 114 LEU B C   1 
ATOM   1467 O O   . LEU B 1 88  ? 10.701  4.658   -17.306 1.00 36.79 ? 114 LEU B O   1 
ATOM   1468 C CB  . LEU B 1 88  ? 8.559   6.895   -16.624 1.00 30.48 ? 114 LEU B CB  1 
ATOM   1469 C CG  . LEU B 1 88  ? 7.219   7.314   -16.035 1.00 29.74 ? 114 LEU B CG  1 
ATOM   1470 C CD1 . LEU B 1 88  ? 6.622   8.424   -16.890 1.00 38.18 ? 114 LEU B CD1 1 
ATOM   1471 C CD2 . LEU B 1 88  ? 6.297   6.079   -15.982 1.00 39.81 ? 114 LEU B CD2 1 
ATOM   1472 N N   . ASN B 1 89  ? 11.601  6.336   -16.041 1.00 33.18 ? 115 ASN B N   1 
ATOM   1473 C CA  . ASN B 1 89  ? 13.020  6.028   -16.363 1.00 31.71 ? 115 ASN B CA  1 
ATOM   1474 C C   . ASN B 1 89  ? 13.517  4.868   -15.511 1.00 32.37 ? 115 ASN B C   1 
ATOM   1475 O O   . ASN B 1 89  ? 13.772  5.051   -14.316 1.00 36.81 ? 115 ASN B O   1 
ATOM   1476 C CB  . ASN B 1 89  ? 13.898  7.243   -16.145 1.00 33.84 ? 115 ASN B CB  1 
ATOM   1477 C CG  . ASN B 1 89  ? 15.347  6.980   -16.494 1.00 36.97 ? 115 ASN B CG  1 
ATOM   1478 O OD1 . ASN B 1 89  ? 15.709  5.875   -16.829 1.00 35.76 ? 115 ASN B OD1 1 
ATOM   1479 N ND2 . ASN B 1 89  ? 16.184  7.974   -16.323 1.00 38.32 ? 115 ASN B ND2 1 
ATOM   1480 N N   . GLN B 1 90  ? 13.565  3.683   -16.101 1.00 31.84 ? 116 GLN B N   1 
ATOM   1481 C CA  . GLN B 1 90  ? 13.855  2.436   -15.346 1.00 34.68 ? 116 GLN B CA  1 
ATOM   1482 C C   . GLN B 1 90  ? 15.253  2.457   -14.697 1.00 41.64 ? 116 GLN B C   1 
ATOM   1483 O O   . GLN B 1 90  ? 15.504  1.793   -13.681 1.00 39.60 ? 116 GLN B O   1 
ATOM   1484 C CB  . GLN B 1 90  ? 13.729  1.245   -16.282 1.00 41.72 ? 116 GLN B CB  1 
ATOM   1485 C CG  . GLN B 1 90  ? 12.322  0.862   -16.696 1.00 43.09 ? 116 GLN B CG  1 
ATOM   1486 C CD  . GLN B 1 90  ? 11.431  0.635   -15.480 1.00 55.15 ? 116 GLN B CD  1 
ATOM   1487 O OE1 . GLN B 1 90  ? 10.848  1.589   -14.910 1.00 54.03 ? 116 GLN B OE1 1 
ATOM   1488 N NE2 . GLN B 1 90  ? 11.335  -0.624  -15.051 1.00 52.05 ? 116 GLN B NE2 1 
ATOM   1489 N N   . ALA B 1 91  ? 16.151  3.235   -15.306 1.00 42.16 ? 117 ALA B N   1 
ATOM   1490 C CA  . ALA B 1 91  ? 17.525  3.473   -14.807 1.00 44.91 ? 117 ALA B CA  1 
ATOM   1491 C C   . ALA B 1 91  ? 17.539  4.136   -13.430 1.00 42.30 ? 117 ALA B C   1 
ATOM   1492 O O   . ALA B 1 91  ? 18.472  3.997   -12.683 1.00 46.93 ? 117 ALA B O   1 
ATOM   1493 C CB  . ALA B 1 91  ? 18.281  4.349   -15.798 1.00 41.09 ? 117 ALA B CB  1 
ATOM   1494 N N   . ARG B 1 92  ? 16.488  4.868   -13.105 1.00 40.64 ? 118 ARG B N   1 
ATOM   1495 C CA  . ARG B 1 92  ? 16.360  5.510   -11.819 1.00 39.03 ? 118 ARG B CA  1 
ATOM   1496 C C   . ARG B 1 92  ? 15.726  4.666   -10.769 1.00 42.86 ? 118 ARG B C   1 
ATOM   1497 O O   . ARG B 1 92  ? 15.983  4.872   -9.617  1.00 45.34 ? 118 ARG B O   1 
ATOM   1498 C CB  . ARG B 1 92  ? 15.531  6.783   -11.932 1.00 45.71 ? 118 ARG B CB  1 
ATOM   1499 C CG  . ARG B 1 92  ? 16.210  7.833   -12.724 1.00 47.95 ? 118 ARG B CG  1 
ATOM   1500 C CD  . ARG B 1 92  ? 17.511  8.135   -12.022 1.00 55.55 ? 118 ARG B CD  1 
ATOM   1501 N NE  . ARG B 1 92  ? 18.345  8.909   -12.914 1.00 56.26 ? 118 ARG B NE  1 
ATOM   1502 C CZ  . ARG B 1 92  ? 18.513  10.213  -12.807 1.00 54.28 ? 118 ARG B CZ  1 
ATOM   1503 N NH1 . ARG B 1 92  ? 17.899  10.893  -11.857 1.00 45.24 ? 118 ARG B NH1 1 
ATOM   1504 N NH2 . ARG B 1 92  ? 19.291  10.822  -13.672 1.00 54.98 ? 118 ARG B NH2 1 
ATOM   1505 N N   A GLY B 1 93  ? 14.923  3.679   -11.102 0.50 49.28 ? 119 GLY B N   1 
ATOM   1506 N N   B GLY B 1 93  ? 14.840  3.766   -11.212 0.50 46.87 ? 119 GLY B N   1 
ATOM   1507 C CA  A GLY B 1 93  ? 14.518  2.816   -10.001 0.50 51.85 ? 119 GLY B CA  1 
ATOM   1508 C CA  B GLY B 1 93  ? 14.007  2.905   -10.342 0.50 47.84 ? 119 GLY B CA  1 
ATOM   1509 C C   A GLY B 1 93  ? 13.171  2.162   -10.014 0.50 49.74 ? 119 GLY B C   1 
ATOM   1510 C C   B GLY B 1 93  ? 12.917  2.144   -11.095 0.50 46.09 ? 119 GLY B C   1 
ATOM   1511 O O   A GLY B 1 93  ? 12.363  2.343   -10.938 0.50 59.16 ? 119 GLY B O   1 
ATOM   1512 O O   B GLY B 1 93  ? 12.645  2.408   -12.256 0.50 45.19 ? 119 GLY B O   1 
ATOM   1513 N N   A SER B 1 94  ? 12.936  1.387   -8.961  0.50 43.68 ? 120 SER B N   1 
ATOM   1514 N N   B SER B 1 94  ? 12.282  1.195   -10.412 0.50 45.34 ? 120 SER B N   1 
ATOM   1515 C CA  A SER B 1 94  ? 11.886  0.390   -9.004  0.50 39.43 ? 120 SER B CA  1 
ATOM   1516 C CA  B SER B 1 94  ? 11.178  0.441   -10.958 0.50 37.28 ? 120 SER B CA  1 
ATOM   1517 C C   A SER B 1 94  ? 10.534  1.026   -8.707  0.50 33.74 ? 120 SER B C   1 
ATOM   1518 C C   B SER B 1 94  ? 9.916   1.002   -10.327 0.50 37.17 ? 120 SER B C   1 
ATOM   1519 O O   A SER B 1 94  ? 10.464  2.107   -8.160  0.50 34.36 ? 120 SER B O   1 
ATOM   1520 O O   B SER B 1 94  ? 9.160   1.755   -10.940 0.50 36.08 ? 120 SER B O   1 
ATOM   1521 C CB  A SER B 1 94  ? 12.191  -0.732  -8.008  0.50 34.30 ? 120 SER B CB  1 
ATOM   1522 C CB  B SER B 1 94  ? 11.326  -1.041  -10.580 0.50 35.87 ? 120 SER B CB  1 
ATOM   1523 O OG  A SER B 1 94  ? 13.559  -1.079  -8.048  0.50 38.50 ? 120 SER B OG  1 
ATOM   1524 O OG  B SER B 1 94  ? 11.833  -1.197  -9.237  0.50 35.58 ? 120 SER B OG  1 
ATOM   1525 N N   A PHE B 1 95  ? 9.461   0.349   -9.093  0.50 31.96 ? 121 PHE B N   1 
ATOM   1526 N N   B PHE B 1 95  ? 9.703   0.666   -9.068  0.50 33.95 ? 121 PHE B N   1 
ATOM   1527 C CA  A PHE B 1 95  ? 8.166   0.707   -8.573  0.50 30.28 ? 121 PHE B CA  1 
ATOM   1528 C CA  B PHE B 1 95  ? 8.451   1.003   -8.454  0.50 30.44 ? 121 PHE B CA  1 
ATOM   1529 C C   A PHE B 1 95  ? 8.201   0.460   -7.054  0.50 29.23 ? 121 PHE B C   1 
ATOM   1530 C C   B PHE B 1 95  ? 8.477   0.709   -6.960  0.50 30.17 ? 121 PHE B C   1 
ATOM   1531 O O   A PHE B 1 95  ? 8.917   -0.448  -6.581  0.50 30.08 ? 121 PHE B O   1 
ATOM   1532 O O   B PHE B 1 95  ? 9.336   -0.020  -6.409  0.50 27.07 ? 121 PHE B O   1 
ATOM   1533 C CB  A PHE B 1 95  ? 7.113   -0.116  -9.295  0.50 29.20 ? 121 PHE B CB  1 
ATOM   1534 C CB  B PHE B 1 95  ? 7.359   0.192   -9.130  0.50 30.15 ? 121 PHE B CB  1 
ATOM   1535 C CG  A PHE B 1 95  ? 7.207   -1.605  -9.055  0.50 31.26 ? 121 PHE B CG  1 
ATOM   1536 C CG  B PHE B 1 95  ? 7.475   -1.272  -8.879  0.50 31.73 ? 121 PHE B CG  1 
ATOM   1537 C CD1 A PHE B 1 95  ? 6.615   -2.178  -7.929  0.50 32.34 ? 121 PHE B CD1 1 
ATOM   1538 C CD1 B PHE B 1 95  ? 8.386   -2.040  -9.568  0.50 31.89 ? 121 PHE B CD1 1 
ATOM   1539 C CD2 A PHE B 1 95  ? 7.832   -2.436  -9.957  0.50 30.94 ? 121 PHE B CD2 1 
ATOM   1540 C CD2 B PHE B 1 95  ? 6.676   -1.883  -7.915  0.50 34.03 ? 121 PHE B CD2 1 
ATOM   1541 C CE1 A PHE B 1 95  ? 6.660   -3.539  -7.709  0.50 30.92 ? 121 PHE B CE1 1 
ATOM   1542 C CE1 B PHE B 1 95  ? 8.503   -3.390  -9.308  0.50 34.10 ? 121 PHE B CE1 1 
ATOM   1543 C CE2 A PHE B 1 95  ? 7.884   -3.809  -9.742  0.50 34.63 ? 121 PHE B CE2 1 
ATOM   1544 C CE2 B PHE B 1 95  ? 6.760   -3.238  -7.673  0.50 31.69 ? 121 PHE B CE2 1 
ATOM   1545 C CZ  A PHE B 1 95  ? 7.304   -4.364  -8.619  0.50 30.91 ? 121 PHE B CZ  1 
ATOM   1546 C CZ  B PHE B 1 95  ? 7.676   -3.997  -8.376  0.50 32.83 ? 121 PHE B CZ  1 
ATOM   1547 N N   . ASP B 1 96  ? 7.542   1.310   -6.270  1.00 27.96 ? 122 ASP B N   1 
ATOM   1548 C CA  . ASP B 1 96  ? 7.549   1.146   -4.836  1.00 25.29 ? 122 ASP B CA  1 
ATOM   1549 C C   . ASP B 1 96  ? 6.061   1.022   -4.526  1.00 27.97 ? 122 ASP B C   1 
ATOM   1550 O O   . ASP B 1 96  ? 5.383   2.058   -4.444  1.00 27.79 ? 122 ASP B O   1 
ATOM   1551 C CB  . ASP B 1 96  ? 8.135   2.386   -4.212  1.00 26.87 ? 122 ASP B CB  1 
ATOM   1552 C CG  . ASP B 1 96  ? 8.051   2.343   -2.697  1.00 32.03 ? 122 ASP B CG  1 
ATOM   1553 O OD1 . ASP B 1 96  ? 7.626   1.309   -2.132  1.00 28.57 ? 122 ASP B OD1 1 
ATOM   1554 O OD2 . ASP B 1 96  ? 8.388   3.338   -2.078  1.00 34.81 ? 122 ASP B OD2 1 
ATOM   1555 N N   . ILE B 1 97  ? 5.543   -0.207  -4.477  1.00 28.36 ? 123 ILE B N   1 
ATOM   1556 C CA  . ILE B 1 97  ? 4.101   -0.376  -4.484  1.00 25.64 ? 123 ILE B CA  1 
ATOM   1557 C C   . ILE B 1 97  ? 3.653   -1.425  -3.496  1.00 28.68 ? 123 ILE B C   1 
ATOM   1558 O O   . ILE B 1 97  ? 4.230   -2.533  -3.453  1.00 27.64 ? 123 ILE B O   1 
ATOM   1559 C CB  . ILE B 1 97  ? 3.552   -0.707  -5.892  1.00 27.29 ? 123 ILE B CB  1 
ATOM   1560 C CG1 . ILE B 1 97  ? 3.639   0.506   -6.856  1.00 26.12 ? 123 ILE B CG1 1 
ATOM   1561 C CG2 . ILE B 1 97  ? 2.077   -1.097  -5.804  1.00 23.66 ? 123 ILE B CG2 1 
ATOM   1562 C CD1 . ILE B 1 97  ? 3.361   0.089   -8.287  1.00 26.91 ? 123 ILE B CD1 1 
ATOM   1563 N N   . SER B 1 98  ? 2.586   -1.114  -2.773  1.00 28.06 ? 124 SER B N   1 
ATOM   1564 C CA  . SER B 1 98  ? 2.040   -2.080  -1.825  1.00 28.33 ? 124 SER B CA  1 
ATOM   1565 C C   . SER B 1 98  ? 0.649   -2.397  -2.242  1.00 28.32 ? 124 SER B C   1 
ATOM   1566 O O   . SER B 1 98  ? -0.133  -1.476  -2.463  1.00 24.65 ? 124 SER B O   1 
ATOM   1567 C CB  . SER B 1 98  ? 2.018   -1.500  -0.406  1.00 30.23 ? 124 SER B CB  1 
ATOM   1568 O OG  . SER B 1 98  ? 3.312   -1.296  0.146   1.00 29.66 ? 124 SER B OG  1 
ATOM   1569 N N   . CYS B 1 99  ? 0.325   -3.696  -2.234  1.00 25.09 ? 125 CYS B N   1 
ATOM   1570 C CA  . CYS B 1 99  ? -1.001  -4.192  -2.558  1.00 24.82 ? 125 CYS B CA  1 
ATOM   1571 C C   . CYS B 1 99  ? -1.645  -4.815  -1.307  1.00 25.44 ? 125 CYS B C   1 
ATOM   1572 O O   . CYS B 1 99  ? -0.980  -5.554  -0.570  1.00 28.33 ? 125 CYS B O   1 
ATOM   1573 C CB  . CYS B 1 99  ? -0.954  -5.266  -3.620  1.00 29.86 ? 125 CYS B CB  1 
ATOM   1574 S SG  . CYS B 1 99  ? -0.376  -4.538  -5.190  1.00 39.01 ? 125 CYS B SG  1 
ATOM   1575 N N   . ASP B 1 100 ? -2.929  -4.585  -1.122  1.00 25.08 ? 126 ASP B N   1 
ATOM   1576 C CA  . ASP B 1 100 ? -3.502  -4.961  0.189   1.00 27.52 ? 126 ASP B CA  1 
ATOM   1577 C C   . ASP B 1 100 ? -4.919  -5.314  -0.046  1.00 28.01 ? 126 ASP B C   1 
ATOM   1578 O O   . ASP B 1 100 ? -5.675  -4.480  -0.531  1.00 26.83 ? 126 ASP B O   1 
ATOM   1579 C CB  . ASP B 1 100 ? -3.332  -3.742  1.162   1.00 25.01 ? 126 ASP B CB  1 
ATOM   1580 C CG  . ASP B 1 100 ? -3.738  -4.066  2.630   1.00 29.84 ? 126 ASP B CG  1 
ATOM   1581 O OD1 . ASP B 1 100 ? -4.401  -5.154  2.884   1.00 28.74 ? 126 ASP B OD1 1 
ATOM   1582 O OD2 . ASP B 1 100 ? -3.426  -3.212  3.497   1.00 31.81 ? 126 ASP B OD2 1 
ATOM   1583 N N   . LYS B 1 101 ? -5.308  -6.569  0.214   1.00 27.09 ? 127 LYS B N   1 
ATOM   1584 C CA  . LYS B 1 101 ? -6.785  -6.909  0.057   1.00 29.28 ? 127 LYS B CA  1 
ATOM   1585 C C   . LYS B 1 101 ? -7.656  -6.184  1.033   1.00 27.43 ? 127 LYS B C   1 
ATOM   1586 O O   . LYS B 1 101 ? -8.847  -6.052  0.791   1.00 29.71 ? 127 LYS B O   1 
ATOM   1587 C CB  . LYS B 1 101 ? -7.070  -8.402  0.248   1.00 31.34 ? 127 LYS B CB  1 
ATOM   1588 C CG  . LYS B 1 101 ? -6.828  -8.822  1.694   1.00 41.84 ? 127 LYS B CG  1 
ATOM   1589 C CD  . LYS B 1 101 ? -7.222  -10.273 1.936   1.00 48.00 ? 127 LYS B CD  1 
ATOM   1590 C CE  . LYS B 1 101 ? -7.432  -10.537 3.429   1.00 48.38 ? 127 LYS B CE  1 
ATOM   1591 N NZ  . LYS B 1 101 ? -6.193  -10.194 4.183   1.00 49.30 ? 127 LYS B NZ  1 
ATOM   1592 N N   . ASP B 1 102 ? -7.080  -5.696  2.130   1.00 28.07 ? 128 ASP B N   1 
ATOM   1593 C CA  . ASP B 1 102 ? -7.874  -5.029  3.172   1.00 30.67 ? 128 ASP B CA  1 
ATOM   1594 C C   . ASP B 1 102 ? -8.084  -3.538  2.832   1.00 34.77 ? 128 ASP B C   1 
ATOM   1595 O O   . ASP B 1 102 ? -8.890  -2.896  3.483   1.00 31.59 ? 128 ASP B O   1 
ATOM   1596 C CB  . ASP B 1 102 ? -7.220  -5.137  4.558   1.00 29.28 ? 128 ASP B CB  1 
ATOM   1597 C CG  . ASP B 1 102 ? -7.212  -6.519  5.096   1.00 37.98 ? 128 ASP B CG  1 
ATOM   1598 O OD1 . ASP B 1 102 ? -8.183  -7.304  4.896   1.00 31.81 ? 128 ASP B OD1 1 
ATOM   1599 O OD2 . ASP B 1 102 ? -6.232  -6.809  5.766   1.00 43.87 ? 128 ASP B OD2 1 
ATOM   1600 N N   . ASN B 1 103 ? -7.363  -2.990  1.832   1.00 27.40 ? 129 ASN B N   1 
ATOM   1601 C CA  . ASN B 1 103 ? -7.606  -1.629  1.429   1.00 30.53 ? 129 ASN B CA  1 
ATOM   1602 C C   . ASN B 1 103 ? -8.769  -1.589  0.446   1.00 32.34 ? 129 ASN B C   1 
ATOM   1603 O O   . ASN B 1 103 ? -8.564  -1.761  -0.723  1.00 31.03 ? 129 ASN B O   1 
ATOM   1604 C CB  . ASN B 1 103 ? -6.331  -0.940  0.794   1.00 29.39 ? 129 ASN B CB  1 
ATOM   1605 C CG  . ASN B 1 103 ? -6.574  0.554   0.430   1.00 31.19 ? 129 ASN B CG  1 
ATOM   1606 O OD1 . ASN B 1 103 ? -7.686  1.073   0.634   1.00 28.39 ? 129 ASN B OD1 1 
ATOM   1607 N ND2 . ASN B 1 103 ? -5.558  1.233   -0.193  1.00 24.66 ? 129 ASN B ND2 1 
ATOM   1608 N N   . LYS B 1 104 ? -9.972  -1.287  0.921   1.00 30.72 ? 130 LYS B N   1 
ATOM   1609 C CA  . LYS B 1 104 ? -11.178 -1.323  0.145   1.00 32.90 ? 130 LYS B CA  1 
ATOM   1610 C C   . LYS B 1 104 ? -11.654 0.061   -0.248  1.00 36.97 ? 130 LYS B C   1 
ATOM   1611 O O   . LYS B 1 104 ? -12.755 0.242   -0.707  1.00 39.93 ? 130 LYS B O   1 
ATOM   1612 C CB  . LYS B 1 104 ? -12.249 -2.133  0.920   1.00 30.94 ? 130 LYS B CB  1 
ATOM   1613 C CG  . LYS B 1 104 ? -11.809 -3.570  0.939   1.00 39.16 ? 130 LYS B CG  1 
ATOM   1614 C CD  . LYS B 1 104 ? -12.865 -4.496  1.485   1.00 45.03 ? 130 LYS B CD  1 
ATOM   1615 C CE  . LYS B 1 104 ? -12.191 -5.747  2.009   1.00 45.55 ? 130 LYS B CE  1 
ATOM   1616 N NZ  . LYS B 1 104 ? -13.101 -6.909  1.911   1.00 52.22 ? 130 LYS B NZ  1 
ATOM   1617 N N   . ARG B 1 105 ? -10.808 1.046   -0.072  1.00 38.67 ? 131 ARG B N   1 
ATOM   1618 C CA  . ARG B 1 105 ? -11.149 2.440   -0.402  1.00 46.84 ? 131 ARG B CA  1 
ATOM   1619 C C   . ARG B 1 105 ? -11.390 2.572   -1.919  1.00 50.63 ? 131 ARG B C   1 
ATOM   1620 O O   . ARG B 1 105 ? -12.274 3.291   -2.410  1.00 53.91 ? 131 ARG B O   1 
ATOM   1621 C CB  . ARG B 1 105 ? -9.993  3.350   0.083   1.00 46.70 ? 131 ARG B CB  1 
ATOM   1622 C CG  . ARG B 1 105 ? -10.304 4.812   0.186   1.00 57.08 ? 131 ARG B CG  1 
ATOM   1623 C CD  . ARG B 1 105 ? -10.672 5.176   1.594   1.00 56.37 ? 131 ARG B CD  1 
ATOM   1624 N NE  . ARG B 1 105 ? -10.961 6.603   1.780   1.00 71.05 ? 131 ARG B NE  1 
ATOM   1625 C CZ  . ARG B 1 105 ? -11.285 7.477   0.822   1.00 72.53 ? 131 ARG B CZ  1 
ATOM   1626 N NH1 . ARG B 1 105 ? -11.364 7.122   -0.455  1.00 83.70 ? 131 ARG B NH1 1 
ATOM   1627 N NH2 . ARG B 1 105 ? -11.543 8.734   1.148   1.00 79.49 ? 131 ARG B NH2 1 
HETATM 1628 O O   . HOH C 2 .   ? -7.112  2.446   3.137   1.00 26.28 ? 201 HOH A O   1 
HETATM 1629 O O   . HOH C 2 .   ? -1.429  -7.584  29.571  1.00 44.91 ? 202 HOH A O   1 
HETATM 1630 O O   . HOH C 2 .   ? -9.388  1.097   5.771   1.00 28.36 ? 203 HOH A O   1 
HETATM 1631 O O   . HOH C 2 .   ? -9.509  3.572   4.705   1.00 34.86 ? 204 HOH A O   1 
HETATM 1632 O O   . HOH C 2 .   ? -6.501  9.902   6.938   1.00 33.27 ? 205 HOH A O   1 
HETATM 1633 O O   . HOH C 2 .   ? 1.181   -8.407  3.388   1.00 30.46 ? 206 HOH A O   1 
HETATM 1634 O O   . HOH C 2 .   ? -0.268  0.250   16.490  1.00 31.73 ? 207 HOH A O   1 
HETATM 1635 O O   . HOH C 2 .   ? -1.160  3.519   15.786  1.00 32.61 ? 208 HOH A O   1 
HETATM 1636 O O   . HOH C 2 .   ? 4.577   -5.498  25.124  1.00 48.94 ? 209 HOH A O   1 
HETATM 1637 O O   . HOH C 2 .   ? 11.255  0.076   8.346   1.00 38.38 ? 210 HOH A O   1 
HETATM 1638 O O   . HOH C 2 .   ? -5.523  9.328   9.357   1.00 33.75 ? 211 HOH A O   1 
HETATM 1639 O O   . HOH C 2 .   ? -6.306  10.062  2.285   1.00 28.90 ? 212 HOH A O   1 
HETATM 1640 O O   . HOH C 2 .   ? 9.545   3.284   6.097   1.00 39.83 ? 213 HOH A O   1 
HETATM 1641 O O   . HOH C 2 .   ? -3.163  -6.354  12.707  1.00 31.44 ? 214 HOH A O   1 
HETATM 1642 O O   . HOH C 2 .   ? -3.862  26.570  5.274   1.00 39.76 ? 215 HOH A O   1 
HETATM 1643 O O   . HOH C 2 .   ? -2.767  0.775   16.241  1.00 34.51 ? 216 HOH A O   1 
HETATM 1644 O O   . HOH C 2 .   ? 1.521   2.484   15.814  1.00 35.33 ? 217 HOH A O   1 
HETATM 1645 O O   . HOH C 2 .   ? 9.443   -9.033  -1.876  1.00 44.51 ? 218 HOH A O   1 
HETATM 1646 O O   . HOH C 2 .   ? -5.508  8.793   -1.885  1.00 46.38 ? 219 HOH A O   1 
HETATM 1647 O O   . HOH C 2 .   ? -1.368  0.623   27.264  1.00 35.55 ? 220 HOH A O   1 
HETATM 1648 O O   . HOH C 2 .   ? -4.834  16.433  4.353   1.00 36.46 ? 221 HOH A O   1 
HETATM 1649 O O   . HOH C 2 .   ? -5.439  -4.083  7.085   1.00 38.53 ? 222 HOH A O   1 
HETATM 1650 O O   . HOH C 2 .   ? -6.270  -9.264  7.096   1.00 45.39 ? 223 HOH A O   1 
HETATM 1651 O O   . HOH C 2 .   ? 3.021   3.523   17.685  1.00 36.78 ? 224 HOH A O   1 
HETATM 1652 O O   . HOH C 2 .   ? -3.194  9.657   16.349  1.00 38.76 ? 225 HOH A O   1 
HETATM 1653 O O   . HOH C 2 .   ? 5.640   9.531   4.687   1.00 35.36 ? 226 HOH A O   1 
HETATM 1654 O O   . HOH C 2 .   ? -1.560  4.992   18.057  1.00 44.87 ? 227 HOH A O   1 
HETATM 1655 O O   . HOH C 2 .   ? -10.176 1.107   8.454   1.00 44.14 ? 228 HOH A O   1 
HETATM 1656 O O   . HOH C 2 .   ? -3.865  7.077   17.233  1.00 45.61 ? 229 HOH A O   1 
HETATM 1657 O O   . HOH C 2 .   ? 0.949   -8.023  -2.842  1.00 45.17 ? 230 HOH A O   1 
HETATM 1658 O O   . HOH C 2 .   ? 1.371   8.617   -2.809  1.00 48.67 ? 231 HOH A O   1 
HETATM 1659 O O   . HOH C 2 .   ? 11.439  0.405   -0.229  1.00 56.72 ? 232 HOH A O   1 
HETATM 1660 O O   . HOH C 2 .   ? 2.791   7.448   -1.273  1.00 49.71 ? 233 HOH A O   1 
HETATM 1661 O O   . HOH C 2 .   ? 5.711   2.845   17.345  1.00 50.81 ? 234 HOH A O   1 
HETATM 1662 O O   . HOH C 2 .   ? 1.320   4.578   19.440  1.00 49.26 ? 235 HOH A O   1 
HETATM 1663 O O   . HOH C 2 .   ? -9.579  3.510   13.306  1.00 45.18 ? 236 HOH A O   1 
HETATM 1664 O O   . HOH C 2 .   ? 14.428  -3.760  -1.271  1.00 56.35 ? 237 HOH A O   1 
HETATM 1665 O O   . HOH C 2 .   ? 8.641   5.999   14.535  1.00 52.47 ? 238 HOH A O   1 
HETATM 1666 O O   . HOH C 2 .   ? 9.627   6.713   12.000  1.00 55.98 ? 239 HOH A O   1 
HETATM 1667 O O   . HOH C 2 .   ? 1.375   19.074  0.361   1.00 47.21 ? 240 HOH A O   1 
HETATM 1668 O O   . HOH C 2 .   ? -13.026 -5.551  10.907  1.00 57.55 ? 241 HOH A O   1 
HETATM 1669 O O   . HOH C 2 .   ? -9.624  0.891   17.299  1.00 54.42 ? 242 HOH A O   1 
HETATM 1670 O O   . HOH C 2 .   ? 8.158   -8.686  24.709  1.00 56.29 ? 243 HOH A O   1 
HETATM 1671 O O   . HOH C 2 .   ? 0.781   4.193   21.952  1.00 49.00 ? 244 HOH A O   1 
HETATM 1672 O O   . HOH C 2 .   ? -11.750 15.613  4.761   1.00 47.27 ? 245 HOH A O   1 
HETATM 1673 O O   . HOH C 2 .   ? -18.207 13.755  10.935  1.00 42.12 ? 246 HOH A O   1 
HETATM 1674 O O   . HOH C 2 .   ? -11.063 -7.221  11.352  1.00 52.86 ? 247 HOH A O   1 
HETATM 1675 O O   . HOH C 2 .   ? -7.488  1.911   22.255  1.00 55.70 ? 248 HOH A O   1 
HETATM 1676 O O   . HOH C 2 .   ? 14.135  -11.848 13.699  1.00 52.39 ? 249 HOH A O   1 
HETATM 1677 O O   . HOH C 2 .   ? -7.865  8.180   10.341  1.00 40.69 ? 250 HOH A O   1 
HETATM 1678 O O   . HOH C 2 .   ? -13.914 21.170  5.389   1.00 58.48 ? 251 HOH A O   1 
HETATM 1679 O O   . HOH C 2 .   ? 7.145   13.658  6.120   1.00 50.65 ? 252 HOH A O   1 
HETATM 1680 O O   . HOH C 2 .   ? -7.018  -3.673  26.326  1.00 53.12 ? 253 HOH A O   1 
HETATM 1681 O O   . HOH C 2 .   ? -5.298  -0.045  21.762  1.00 56.34 ? 254 HOH A O   1 
HETATM 1682 O O   . HOH C 2 .   ? -10.062 11.362  3.244   1.00 56.17 ? 255 HOH A O   1 
HETATM 1683 O O   . HOH C 2 .   ? 10.508  0.157   3.602   1.00 42.28 ? 256 HOH A O   1 
HETATM 1684 O O   . HOH C 2 .   ? 12.547  -5.494  12.252  1.00 52.83 ? 257 HOH A O   1 
HETATM 1685 O O   . HOH C 2 .   ? -2.165  5.256   22.660  1.00 55.24 ? 258 HOH A O   1 
HETATM 1686 O O   . HOH C 2 .   ? -2.982  -6.906  24.584  1.00 47.24 ? 259 HOH A O   1 
HETATM 1687 O O   . HOH C 2 .   ? -9.727  9.696   13.466  1.00 50.37 ? 260 HOH A O   1 
HETATM 1688 O O   . HOH C 2 .   ? -19.856 20.475  12.229  1.00 43.40 ? 261 HOH A O   1 
HETATM 1689 O O   . HOH C 2 .   ? 9.750   -2.955  21.127  1.00 51.74 ? 262 HOH A O   1 
HETATM 1690 O O   . HOH D 2 .   ? 7.330   -2.307  -4.386  1.00 30.15 ? 201 HOH B O   1 
HETATM 1691 O O   . HOH D 2 .   ? 7.271   -0.249  -13.234 1.00 31.29 ? 202 HOH B O   1 
HETATM 1692 O O   . HOH D 2 .   ? -11.792 -9.646  -2.763  1.00 39.78 ? 203 HOH B O   1 
HETATM 1693 O O   . HOH D 2 .   ? 1.671   -13.478 -23.034 1.00 43.33 ? 204 HOH B O   1 
HETATM 1694 O O   . HOH D 2 .   ? 0.523   5.750   -20.240 1.00 33.12 ? 205 HOH B O   1 
HETATM 1695 O O   . HOH D 2 .   ? -2.153  -6.834  -15.598 1.00 30.10 ? 206 HOH B O   1 
HETATM 1696 O O   . HOH D 2 .   ? 8.977   8.952   -13.549 1.00 31.69 ? 207 HOH B O   1 
HETATM 1697 O O   . HOH D 2 .   ? -3.010  5.998   -10.757 1.00 30.84 ? 208 HOH B O   1 
HETATM 1698 O O   . HOH D 2 .   ? 2.875   -11.114 -14.202 1.00 38.33 ? 209 HOH B O   1 
HETATM 1699 O O   . HOH D 2 .   ? 19.172  7.563   -16.850 1.00 50.42 ? 210 HOH B O   1 
HETATM 1700 O O   . HOH D 2 .   ? 8.911   4.302   -8.027  1.00 30.41 ? 211 HOH B O   1 
HETATM 1701 O O   . HOH D 2 .   ? 0.763   -6.829  -15.880 1.00 32.81 ? 212 HOH B O   1 
HETATM 1702 O O   . HOH D 2 .   ? -10.928 0.007   3.499   1.00 30.90 ? 213 HOH B O   1 
HETATM 1703 O O   . HOH D 2 .   ? -14.637 -7.934  -8.644  1.00 50.56 ? 214 HOH B O   1 
HETATM 1704 O O   . HOH D 2 .   ? -3.613  -8.492  0.862   1.00 34.70 ? 215 HOH B O   1 
HETATM 1705 O O   . HOH D 2 .   ? -3.557  -9.817  -24.795 1.00 29.80 ? 216 HOH B O   1 
HETATM 1706 O O   . HOH D 2 .   ? -8.140  0.968   -15.693 1.00 48.48 ? 217 HOH B O   1 
HETATM 1707 O O   . HOH D 2 .   ? 8.944   -5.343  -5.655  1.00 34.48 ? 218 HOH B O   1 
HETATM 1708 O O   . HOH D 2 .   ? 2.380   -7.594  -18.130 1.00 36.82 ? 219 HOH B O   1 
HETATM 1709 O O   . HOH D 2 .   ? -7.044  2.397   -17.548 1.00 51.32 ? 220 HOH B O   1 
HETATM 1710 O O   . HOH D 2 .   ? -10.155 -6.370  -1.477  1.00 39.22 ? 221 HOH B O   1 
HETATM 1711 O O   . HOH D 2 .   ? 9.578   -1.498  -13.121 1.00 43.99 ? 222 HOH B O   1 
HETATM 1712 O O   . HOH D 2 .   ? -6.049  -5.896  -17.388 1.00 33.31 ? 223 HOH B O   1 
HETATM 1713 O O   . HOH D 2 .   ? 9.912   -2.853  -6.361  1.00 42.51 ? 224 HOH B O   1 
HETATM 1714 O O   . HOH D 2 .   ? -13.321 -18.146 -12.685 1.00 51.15 ? 225 HOH B O   1 
HETATM 1715 O O   . HOH D 2 .   ? -11.370 -1.858  -8.837  1.00 31.44 ? 226 HOH B O   1 
HETATM 1716 O O   . HOH D 2 .   ? -2.837  -4.350  5.984   1.00 40.98 ? 227 HOH B O   1 
HETATM 1717 O O   . HOH D 2 .   ? -11.732 -12.000 -17.451 1.00 45.49 ? 228 HOH B O   1 
HETATM 1718 O O   . HOH D 2 .   ? -6.948  -5.950  -20.513 1.00 52.03 ? 229 HOH B O   1 
HETATM 1719 O O   . HOH D 2 .   ? -8.668  1.531   -8.674  1.00 39.56 ? 230 HOH B O   1 
HETATM 1720 O O   . HOH D 2 .   ? -11.082 -3.692  4.803   1.00 31.82 ? 231 HOH B O   1 
HETATM 1721 O O   . HOH D 2 .   ? 6.996   8.167   -20.524 1.00 44.42 ? 232 HOH B O   1 
HETATM 1722 O O   . HOH D 2 .   ? 20.324  7.677   -14.548 1.00 47.02 ? 233 HOH B O   1 
HETATM 1723 O O   . HOH D 2 .   ? 3.451   -8.724  -3.767  1.00 40.39 ? 234 HOH B O   1 
HETATM 1724 O O   . HOH D 2 .   ? -9.401  -3.773  -2.508  1.00 40.50 ? 235 HOH B O   1 
HETATM 1725 O O   . HOH D 2 .   ? 0.325   -13.277 -7.656  1.00 37.87 ? 236 HOH B O   1 
HETATM 1726 O O   . HOH D 2 .   ? -10.885 0.755   -7.496  1.00 36.81 ? 237 HOH B O   1 
HETATM 1727 O O   . HOH D 2 .   ? 13.299  3.457   -18.900 1.00 44.60 ? 238 HOH B O   1 
HETATM 1728 O O   . HOH D 2 .   ? 8.100   5.931   -3.525  1.00 48.23 ? 239 HOH B O   1 
HETATM 1729 O O   . HOH D 2 .   ? -0.233  6.696   -4.041  1.00 42.53 ? 240 HOH B O   1 
HETATM 1730 O O   . HOH D 2 .   ? 5.675   -11.837 -12.970 1.00 38.26 ? 241 HOH B O   1 
HETATM 1731 O O   . HOH D 2 .   ? 1.675   -7.697  -20.939 1.00 41.88 ? 242 HOH B O   1 
HETATM 1732 O O   . HOH D 2 .   ? 2.665   14.343  -10.667 1.00 50.80 ? 243 HOH B O   1 
HETATM 1733 O O   . HOH D 2 .   ? 3.237   8.011   -20.043 1.00 39.44 ? 244 HOH B O   1 
HETATM 1734 O O   . HOH D 2 .   ? -0.902  -8.058  -0.438  1.00 43.79 ? 245 HOH B O   1 
HETATM 1735 O O   . HOH D 2 .   ? -13.064 -17.056 -15.379 1.00 52.30 ? 246 HOH B O   1 
HETATM 1736 O O   . HOH D 2 .   ? -0.899  -16.948 -23.146 1.00 46.47 ? 247 HOH B O   1 
HETATM 1737 O O   . HOH D 2 .   ? 14.018  2.851   -23.215 1.00 56.92 ? 248 HOH B O   1 
HETATM 1738 O O   . HOH D 2 .   ? -12.832 -3.151  -6.954  1.00 52.54 ? 249 HOH B O   1 
HETATM 1739 O O   . HOH D 2 .   ? -10.813 -2.242  -3.717  1.00 50.69 ? 250 HOH B O   1 
HETATM 1740 O O   . HOH D 2 .   ? -14.077 -9.569  -13.431 1.00 59.46 ? 251 HOH B O   1 
HETATM 1741 O O   . HOH D 2 .   ? -1.956  -12.176 -0.720  1.00 55.97 ? 252 HOH B O   1 
HETATM 1742 O O   . HOH D 2 .   ? -9.968  6.111   -3.075  1.00 55.00 ? 253 HOH B O   1 
HETATM 1743 O O   . HOH D 2 .   ? 9.204   -12.207 -2.251  1.00 54.32 ? 254 HOH B O   1 
HETATM 1744 O O   . HOH D 2 .   ? -14.531 -6.887  -13.935 1.00 62.01 ? 255 HOH B O   1 
HETATM 1745 O O   . HOH D 2 .   ? 8.259   -15.320 -5.403  1.00 47.75 ? 256 HOH B O   1 
HETATM 1746 O O   . HOH D 2 .   ? 6.420   1.830   -22.541 1.00 48.12 ? 257 HOH B O   1 
HETATM 1747 O O   . HOH D 2 .   ? 5.362   -14.191 -11.970 1.00 50.29 ? 258 HOH B O   1 
HETATM 1748 O O   . HOH D 2 .   ? 5.368   -22.454 -16.825 1.00 58.91 ? 259 HOH B O   1 
HETATM 1749 O O   . HOH D 2 .   ? -10.450 3.628   -10.745 1.00 47.17 ? 260 HOH B O   1 
HETATM 1750 O O   . HOH D 2 .   ? -2.793  -18.285 -2.749  1.00 44.60 ? 261 HOH B O   1 
HETATM 1751 O O   . HOH D 2 .   ? 11.000  -10.618 -5.804  1.00 48.36 ? 262 HOH B O   1 
HETATM 1752 O O   . HOH D 2 .   ? 7.761   -7.306  -16.776 1.00 46.32 ? 263 HOH B O   1 
HETATM 1753 O O   . HOH D 2 .   ? -0.995  -9.108  -4.994  1.00 45.99 ? 264 HOH B O   1 
HETATM 1754 O O   . HOH D 2 .   ? 9.610   15.700  -11.005 1.00 49.75 ? 265 HOH B O   1 
HETATM 1755 O O   . HOH D 2 .   ? 6.710   -1.082  -22.150 1.00 46.02 ? 266 HOH B O   1 
HETATM 1756 O O   . HOH D 2 .   ? -4.277  -16.771 -5.735  1.00 44.36 ? 267 HOH B O   1 
HETATM 1757 O O   . HOH D 2 .   ? 7.309   12.373  -17.940 1.00 58.64 ? 268 HOH B O   1 
HETATM 1758 O O   . HOH D 2 .   ? -13.261 -12.994 -3.020  1.00 58.49 ? 269 HOH B O   1 
HETATM 1759 O O   . HOH D 2 .   ? -13.965 1.914   -3.342  1.00 68.18 ? 270 HOH B O   1 
HETATM 1760 O O   . HOH D 2 .   ? 15.039  15.013  -12.390 1.00 46.92 ? 271 HOH B O   1 
# 
